data_1SO2
#
_entry.id   1SO2
#
_cell.length_a   147.482
_cell.length_b   121.772
_cell.length_c   126.671
_cell.angle_alpha   90.00
_cell.angle_beta   100.74
_cell.angle_gamma   90.00
#
_symmetry.space_group_name_H-M   'C 1 2 1'
#
loop_
_entity.id
_entity.type
_entity.pdbx_description
1 polymer "cGMP-inhibited 3',5'-cyclic phosphodiesterase B"
2 non-polymer 'MAGNESIUM ION'
3 non-polymer 1-DEOXY-1-[(2-HYDROXYETHYL)(NONANOYL)AMINO]HEXITOL
4 non-polymer 6-(4-{[2-(3-IODOBENZYL)-3-OXOCYCLOHEX-1-EN-1-YL]AMINO}PHENYL)-5-METHYL-4,5-DIHYDROPYRIDAZIN-3(2H)-ONE
5 water water
#
_entity_poly.entity_id   1
_entity_poly.type   'polypeptide(L)'
_entity_poly.pdbx_seq_one_letter_code
;EQEVSLDLILVEEYDSLIEKMSNWNFPIFELVEKMGEKSGRILSQVMYTLFQDTGLLEIFKIPTQQFMNYFRALENGYRD
IPYHNRIHATDVLHAVWYLTTRPVPGLQQIHNGCGTGNETDSDGRINHGRIAYISSKSCSNPDESYGCLSSNIPALELMA
LYVAAAMHDYDHPGRTNAFLVATNAPQAVLYNDRSVLENHHAASAWNLYLSRPEYNFLLHLDHVEFKRFRFLVIEAILAT
DLKKHFDFLAEFNAKANDVNSNGIEWSNENDRLLVCQVCIKLADINGPAKVRDLHLKWTEGIVNEFYEQGDEEANLGLPI
SPFMDRSSPQLAKLQESFITHIVGPLCNSYDAAGLLPGQWLEAEEDNDTESGDDEDGEELDTEDEEMENNLNPKPPRRKS
RRRIFCQLMHHLTENHKIWK
;
_entity_poly.pdbx_strand_id   A,B,C,D
#
# COMPACT_ATOMS: atom_id res chain seq x y z
N LEU A 6 -9.83 -32.55 -5.69
CA LEU A 6 -8.84 -33.51 -6.29
C LEU A 6 -9.46 -34.27 -7.47
N ASP A 7 -9.71 -33.54 -8.57
CA ASP A 7 -10.34 -34.08 -9.77
C ASP A 7 -11.88 -34.22 -9.61
N LEU A 8 -12.33 -35.41 -9.16
CA LEU A 8 -13.76 -35.70 -8.96
C LEU A 8 -14.31 -35.36 -7.56
N ILE A 9 -13.39 -35.01 -6.66
CA ILE A 9 -13.74 -34.65 -5.28
C ILE A 9 -14.15 -33.16 -5.21
N LEU A 10 -13.81 -32.39 -6.24
CA LEU A 10 -14.14 -30.97 -6.28
C LEU A 10 -15.65 -30.81 -6.43
N VAL A 11 -16.25 -31.74 -7.15
CA VAL A 11 -17.70 -31.74 -7.37
C VAL A 11 -18.46 -32.30 -6.14
N GLU A 12 -17.95 -33.39 -5.56
CA GLU A 12 -18.60 -33.98 -4.38
C GLU A 12 -18.64 -32.97 -3.24
N GLU A 13 -17.57 -32.18 -3.10
CA GLU A 13 -17.48 -31.17 -2.05
C GLU A 13 -18.54 -30.07 -2.29
N TYR A 14 -18.65 -29.61 -3.52
CA TYR A 14 -19.61 -28.57 -3.86
C TYR A 14 -21.06 -29.03 -3.66
N ASP A 15 -21.41 -30.13 -4.32
CA ASP A 15 -22.78 -30.65 -4.25
C ASP A 15 -23.26 -30.95 -2.84
N SER A 16 -22.35 -31.38 -1.98
CA SER A 16 -22.70 -31.71 -0.61
C SER A 16 -22.96 -30.42 0.20
N LEU A 17 -22.01 -29.49 0.17
CA LEU A 17 -22.15 -28.23 0.89
C LEU A 17 -23.45 -27.55 0.49
N ILE A 18 -23.73 -27.56 -0.81
CA ILE A 18 -24.94 -26.95 -1.34
C ILE A 18 -26.13 -27.66 -0.76
N GLU A 19 -26.00 -28.96 -0.58
CA GLU A 19 -27.08 -29.75 -0.04
C GLU A 19 -27.36 -29.35 1.39
N LYS A 20 -26.31 -29.25 2.19
CA LYS A 20 -26.46 -28.89 3.60
C LYS A 20 -26.96 -27.46 3.79
N MET A 21 -26.48 -26.55 2.97
CA MET A 21 -26.87 -25.14 3.09
C MET A 21 -28.29 -24.89 2.60
N SER A 22 -28.84 -25.82 1.83
CA SER A 22 -30.20 -25.63 1.34
C SER A 22 -31.19 -25.62 2.49
N ASN A 23 -30.66 -25.82 3.69
CA ASN A 23 -31.48 -25.81 4.91
C ASN A 23 -31.38 -24.52 5.69
N TRP A 24 -32.51 -23.99 6.11
CA TRP A 24 -32.55 -22.80 6.92
C TRP A 24 -31.68 -23.13 8.13
N ASN A 25 -31.92 -24.28 8.75
CA ASN A 25 -31.13 -24.66 9.90
C ASN A 25 -29.83 -25.32 9.49
N PHE A 26 -29.15 -24.69 8.54
CA PHE A 26 -27.88 -25.20 8.06
C PHE A 26 -26.97 -25.52 9.23
N PRO A 27 -26.51 -26.77 9.33
CA PRO A 27 -25.63 -27.23 10.40
C PRO A 27 -24.22 -26.71 10.19
N ILE A 28 -24.07 -25.41 10.36
CA ILE A 28 -22.79 -24.74 10.13
C ILE A 28 -21.61 -25.18 11.02
N PHE A 29 -21.92 -25.55 12.26
CA PHE A 29 -20.87 -25.96 13.19
C PHE A 29 -20.29 -27.30 12.83
N GLU A 30 -21.10 -28.14 12.21
CA GLU A 30 -20.64 -29.43 11.74
C GLU A 30 -19.64 -29.21 10.61
N LEU A 31 -19.98 -28.28 9.72
CA LEU A 31 -19.10 -27.93 8.63
C LEU A 31 -17.75 -27.51 9.20
N VAL A 32 -17.77 -26.67 10.23
CA VAL A 32 -16.55 -26.23 10.90
C VAL A 32 -15.75 -27.47 11.35
N GLU A 33 -16.44 -28.36 12.07
CA GLU A 33 -15.86 -29.63 12.55
C GLU A 33 -15.37 -30.47 11.35
N LYS A 34 -16.15 -30.52 10.28
CA LYS A 34 -15.76 -31.28 9.10
C LYS A 34 -14.56 -30.71 8.35
N MET A 35 -14.33 -29.40 8.44
CA MET A 35 -13.19 -28.80 7.74
C MET A 35 -11.88 -29.04 8.49
N GLY A 36 -12.03 -29.25 9.79
CA GLY A 36 -10.88 -29.50 10.63
C GLY A 36 -9.87 -28.36 10.73
N GLU A 37 -8.68 -28.60 10.18
CA GLU A 37 -7.56 -27.65 10.22
C GLU A 37 -7.67 -26.59 9.13
N LYS A 38 -8.62 -26.77 8.24
CA LYS A 38 -8.86 -25.85 7.15
C LYS A 38 -10.17 -25.08 7.45
N SER A 39 -10.62 -25.15 8.71
CA SER A 39 -11.87 -24.48 9.07
C SER A 39 -11.72 -22.96 9.06
N GLY A 40 -10.49 -22.47 8.91
CA GLY A 40 -10.28 -21.04 8.88
C GLY A 40 -10.57 -20.44 7.51
N ARG A 41 -10.94 -21.31 6.58
CA ARG A 41 -11.25 -20.88 5.22
C ARG A 41 -12.73 -21.06 4.93
N ILE A 42 -13.54 -21.16 5.99
CA ILE A 42 -14.96 -21.37 5.83
C ILE A 42 -15.71 -20.22 5.13
N LEU A 43 -15.34 -18.98 5.42
CA LEU A 43 -16.03 -17.85 4.78
C LEU A 43 -15.74 -17.75 3.27
N SER A 44 -14.49 -17.97 2.89
CA SER A 44 -14.12 -17.91 1.49
C SER A 44 -14.68 -19.08 0.74
N GLN A 45 -14.74 -20.22 1.41
CA GLN A 45 -15.25 -21.41 0.76
C GLN A 45 -16.73 -21.27 0.52
N VAL A 46 -17.46 -20.80 1.52
CA VAL A 46 -18.88 -20.61 1.37
C VAL A 46 -19.20 -19.56 0.33
N MET A 47 -18.36 -18.51 0.24
CA MET A 47 -18.58 -17.45 -0.73
C MET A 47 -18.48 -18.01 -2.14
N TYR A 48 -17.38 -18.72 -2.43
CA TYR A 48 -17.22 -19.30 -3.75
C TYR A 48 -18.42 -20.17 -4.15
N THR A 49 -18.83 -21.06 -3.25
CA THR A 49 -19.94 -21.96 -3.47
C THR A 49 -21.23 -21.20 -3.81
N LEU A 50 -21.50 -20.16 -3.02
CA LEU A 50 -22.71 -19.37 -3.24
C LEU A 50 -22.66 -18.48 -4.49
N PHE A 51 -21.53 -17.86 -4.77
CA PHE A 51 -21.50 -17.00 -5.95
C PHE A 51 -21.64 -17.85 -7.19
N GLN A 52 -21.38 -19.14 -7.03
CA GLN A 52 -21.45 -20.11 -8.12
C GLN A 52 -22.87 -20.66 -8.18
N ASP A 53 -23.52 -20.75 -7.04
CA ASP A 53 -24.89 -21.25 -6.99
C ASP A 53 -25.83 -20.21 -7.63
N THR A 54 -25.50 -18.94 -7.42
CA THR A 54 -26.30 -17.83 -7.92
C THR A 54 -25.85 -17.34 -9.28
N GLY A 55 -24.76 -17.91 -9.77
CA GLY A 55 -24.25 -17.55 -11.07
C GLY A 55 -23.61 -16.20 -11.11
N LEU A 56 -23.22 -15.66 -9.95
CA LEU A 56 -22.61 -14.35 -9.95
C LEU A 56 -21.23 -14.29 -10.59
N LEU A 57 -20.47 -15.40 -10.55
CA LEU A 57 -19.14 -15.39 -11.18
C LEU A 57 -19.33 -15.23 -12.68
N GLU A 58 -20.38 -15.86 -13.19
CA GLU A 58 -20.70 -15.81 -14.60
C GLU A 58 -21.19 -14.42 -14.97
N ILE A 59 -22.23 -13.96 -14.30
CA ILE A 59 -22.78 -12.64 -14.61
C ILE A 59 -21.75 -11.52 -14.68
N PHE A 60 -20.85 -11.41 -13.71
CA PHE A 60 -19.89 -10.34 -13.73
C PHE A 60 -18.49 -10.74 -14.14
N LYS A 61 -18.37 -11.88 -14.81
CA LYS A 61 -17.08 -12.36 -15.28
C LYS A 61 -16.03 -12.13 -14.19
N ILE A 62 -16.31 -12.68 -13.01
CA ILE A 62 -15.42 -12.54 -11.86
C ILE A 62 -14.29 -13.56 -11.93
N PRO A 63 -13.04 -13.09 -11.93
CA PRO A 63 -11.93 -14.05 -11.98
C PRO A 63 -11.82 -14.78 -10.65
N THR A 64 -11.76 -16.10 -10.71
CA THR A 64 -11.66 -16.92 -9.51
C THR A 64 -10.45 -16.58 -8.66
N GLN A 65 -9.29 -16.48 -9.26
CA GLN A 65 -8.10 -16.18 -8.48
C GLN A 65 -8.18 -14.94 -7.57
N GLN A 66 -8.55 -13.78 -8.12
CA GLN A 66 -8.63 -12.58 -7.31
C GLN A 66 -9.84 -12.64 -6.38
N PHE A 67 -10.84 -13.43 -6.74
CA PHE A 67 -12.01 -13.55 -5.88
C PHE A 67 -11.53 -14.28 -4.62
N MET A 68 -10.86 -15.41 -4.78
CA MET A 68 -10.39 -16.14 -3.62
C MET A 68 -9.31 -15.40 -2.84
N ASN A 69 -8.45 -14.66 -3.52
CA ASN A 69 -7.40 -13.92 -2.81
C ASN A 69 -8.02 -12.96 -1.77
N TYR A 70 -9.01 -12.18 -2.23
CA TYR A 70 -9.65 -11.22 -1.37
C TYR A 70 -10.38 -11.85 -0.21
N PHE A 71 -11.30 -12.75 -0.50
CA PHE A 71 -12.06 -13.34 0.59
C PHE A 71 -11.22 -14.17 1.51
N ARG A 72 -10.09 -14.69 1.01
CA ARG A 72 -9.18 -15.44 1.88
C ARG A 72 -8.52 -14.43 2.82
N ALA A 73 -8.15 -13.26 2.29
CA ALA A 73 -7.53 -12.22 3.09
C ALA A 73 -8.54 -11.59 4.08
N LEU A 74 -9.78 -11.44 3.66
CA LEU A 74 -10.83 -10.89 4.51
C LEU A 74 -11.03 -11.79 5.72
N GLU A 75 -11.15 -13.10 5.46
CA GLU A 75 -11.34 -14.10 6.52
C GLU A 75 -10.40 -13.91 7.68
N ASN A 76 -9.10 -13.92 7.35
CA ASN A 76 -8.05 -13.79 8.32
C ASN A 76 -8.10 -12.45 9.03
N GLY A 77 -9.08 -11.63 8.68
CA GLY A 77 -9.24 -10.32 9.30
C GLY A 77 -10.18 -10.41 10.48
N TYR A 78 -10.88 -11.52 10.55
CA TYR A 78 -11.79 -11.79 11.65
C TYR A 78 -11.00 -12.35 12.82
N ARG A 79 -11.25 -11.80 14.00
CA ARG A 79 -10.55 -12.21 15.20
C ARG A 79 -11.10 -13.51 15.80
N ASP A 80 -10.30 -14.11 16.67
CA ASP A 80 -10.71 -15.33 17.30
C ASP A 80 -11.38 -14.96 18.61
N ILE A 81 -12.66 -14.61 18.50
CA ILE A 81 -13.48 -14.24 19.61
C ILE A 81 -14.73 -15.09 19.57
N PRO A 82 -15.42 -15.23 20.70
CA PRO A 82 -16.63 -16.06 20.76
C PRO A 82 -17.80 -15.83 19.79
N TYR A 83 -18.06 -14.57 19.44
CA TYR A 83 -19.19 -14.32 18.59
C TYR A 83 -18.96 -13.67 17.22
N HIS A 84 -18.35 -12.49 17.22
CA HIS A 84 -18.11 -11.74 16.00
C HIS A 84 -16.86 -12.23 15.23
N ASN A 85 -16.97 -13.46 14.70
CA ASN A 85 -15.88 -14.14 13.96
C ASN A 85 -16.28 -14.61 12.55
N ARG A 86 -15.35 -15.27 11.86
CA ARG A 86 -15.57 -15.82 10.50
C ARG A 86 -16.86 -16.61 10.41
N ILE A 87 -17.15 -17.37 11.47
CA ILE A 87 -18.31 -18.23 11.51
C ILE A 87 -19.61 -17.46 11.52
N HIS A 88 -19.67 -16.40 12.32
CA HIS A 88 -20.86 -15.53 12.36
C HIS A 88 -21.03 -14.83 11.02
N ALA A 89 -19.91 -14.48 10.38
CA ALA A 89 -19.97 -13.78 9.10
C ALA A 89 -20.53 -14.73 8.04
N THR A 90 -20.09 -15.99 8.10
CA THR A 90 -20.56 -17.00 7.16
C THR A 90 -22.03 -17.25 7.43
N ASP A 91 -22.40 -17.23 8.70
CA ASP A 91 -23.75 -17.46 9.07
C ASP A 91 -24.69 -16.39 8.50
N VAL A 92 -24.30 -15.14 8.66
CA VAL A 92 -25.09 -14.03 8.14
C VAL A 92 -25.20 -14.08 6.61
N LEU A 93 -24.13 -14.50 5.96
CA LEU A 93 -24.10 -14.62 4.52
C LEU A 93 -25.11 -15.68 4.03
N HIS A 94 -25.08 -16.83 4.72
CA HIS A 94 -25.96 -17.94 4.38
C HIS A 94 -27.41 -17.52 4.57
N ALA A 95 -27.67 -16.74 5.62
CA ALA A 95 -29.01 -16.27 5.88
C ALA A 95 -29.55 -15.39 4.78
N VAL A 96 -28.81 -14.33 4.41
CA VAL A 96 -29.27 -13.42 3.36
C VAL A 96 -29.37 -14.08 2.02
N TRP A 97 -28.43 -14.96 1.72
CA TRP A 97 -28.47 -15.71 0.45
C TRP A 97 -29.74 -16.56 0.43
N TYR A 98 -30.04 -17.20 1.56
CA TYR A 98 -31.22 -18.02 1.67
C TYR A 98 -32.49 -17.18 1.60
N LEU A 99 -32.55 -16.09 2.37
CA LEU A 99 -33.72 -15.24 2.40
C LEU A 99 -34.03 -14.53 1.10
N THR A 100 -33.03 -14.35 0.26
CA THR A 100 -33.28 -13.67 -0.99
C THR A 100 -33.45 -14.63 -2.18
N THR A 101 -33.34 -15.94 -1.95
CA THR A 101 -33.47 -16.85 -3.09
C THR A 101 -34.55 -17.92 -2.96
N ARG A 102 -34.90 -18.33 -1.74
CA ARG A 102 -35.90 -19.38 -1.58
C ARG A 102 -37.33 -18.88 -1.80
N PRO A 103 -38.22 -19.80 -2.22
CA PRO A 103 -39.62 -19.50 -2.49
C PRO A 103 -40.33 -18.82 -1.35
N VAL A 104 -41.18 -17.87 -1.70
CA VAL A 104 -41.96 -17.13 -0.72
C VAL A 104 -43.42 -17.18 -1.17
N PRO A 105 -44.30 -17.67 -0.31
CA PRO A 105 -45.71 -17.74 -0.67
C PRO A 105 -46.30 -16.36 -0.96
N GLY A 106 -47.02 -16.26 -2.07
CA GLY A 106 -47.71 -15.02 -2.40
C GLY A 106 -46.90 -13.90 -3.02
N LEU A 107 -45.60 -13.88 -2.79
CA LEU A 107 -44.79 -12.82 -3.36
C LEU A 107 -44.95 -12.65 -4.87
N GLN A 108 -45.23 -11.42 -5.31
CA GLN A 108 -45.38 -11.14 -6.74
C GLN A 108 -44.04 -10.95 -7.48
N GLN A 109 -43.90 -11.62 -8.62
CA GLN A 109 -42.67 -11.54 -9.43
C GLN A 109 -42.71 -10.37 -10.44
N ILE A 110 -41.58 -10.10 -11.06
CA ILE A 110 -41.46 -8.97 -11.98
C ILE A 110 -40.55 -9.29 -13.16
N HIS A 111 -39.36 -9.81 -12.85
CA HIS A 111 -38.37 -10.15 -13.87
C HIS A 111 -37.24 -11.10 -13.40
N ASN A 112 -37.19 -12.28 -14.01
CA ASN A 112 -36.19 -13.32 -13.71
C ASN A 112 -35.16 -13.40 -14.86
N GLY A 113 -33.87 -13.48 -14.48
CA GLY A 113 -32.72 -13.55 -15.40
C GLY A 113 -32.23 -12.18 -15.96
N GLY A 129 -25.70 -4.13 -20.90
CA GLY A 129 -26.76 -3.07 -20.84
C GLY A 129 -27.97 -3.35 -19.91
N ARG A 130 -28.82 -4.30 -20.29
CA ARG A 130 -29.99 -4.64 -19.48
C ARG A 130 -29.65 -5.08 -18.02
N ILE A 131 -30.67 -4.97 -17.15
CA ILE A 131 -30.56 -5.33 -15.73
C ILE A 131 -30.61 -6.86 -15.55
N ALA A 132 -29.52 -7.42 -15.05
CA ALA A 132 -29.42 -8.85 -14.80
C ALA A 132 -29.97 -9.20 -13.43
N TYR A 133 -30.49 -10.43 -13.33
CA TYR A 133 -31.02 -10.97 -12.10
C TYR A 133 -30.43 -12.35 -11.93
N ILE A 134 -30.14 -12.74 -10.70
CA ILE A 134 -29.62 -14.09 -10.46
C ILE A 134 -30.78 -15.05 -10.25
N SER A 135 -30.43 -16.29 -9.96
CA SER A 135 -31.40 -17.33 -9.67
C SER A 135 -30.65 -18.54 -9.12
N SER A 136 -30.93 -18.93 -7.88
CA SER A 136 -30.25 -20.08 -7.33
C SER A 136 -30.57 -21.37 -8.08
N LYS A 137 -29.53 -22.16 -8.29
CA LYS A 137 -29.63 -23.44 -8.96
C LYS A 137 -30.05 -24.52 -8.01
N SER A 138 -29.95 -24.24 -6.71
CA SER A 138 -30.32 -25.23 -5.71
C SER A 138 -31.75 -25.11 -5.22
N CYS A 139 -32.54 -24.28 -5.88
CA CYS A 139 -33.94 -24.13 -5.49
C CYS A 139 -34.75 -23.43 -6.59
N SER A 140 -36.07 -23.62 -6.56
CA SER A 140 -36.95 -23.02 -7.56
C SER A 140 -38.32 -22.83 -6.94
N ASN A 141 -39.09 -21.89 -7.48
CA ASN A 141 -40.44 -21.66 -6.94
C ASN A 141 -41.34 -22.78 -7.48
N PRO A 142 -42.01 -23.51 -6.57
CA PRO A 142 -42.92 -24.63 -6.88
C PRO A 142 -43.92 -24.34 -7.99
N ASP A 143 -44.55 -23.19 -7.89
CA ASP A 143 -45.55 -22.77 -8.85
C ASP A 143 -45.69 -21.25 -8.80
N GLU A 144 -46.52 -20.71 -9.71
CA GLU A 144 -46.76 -19.27 -9.79
C GLU A 144 -47.29 -18.65 -8.49
N SER A 145 -47.61 -19.48 -7.49
CA SER A 145 -48.12 -18.96 -6.21
C SER A 145 -46.98 -18.57 -5.25
N TYR A 146 -45.75 -18.79 -5.70
CA TYR A 146 -44.57 -18.39 -4.93
C TYR A 146 -43.80 -17.35 -5.72
N GLY A 147 -42.72 -16.87 -5.13
CA GLY A 147 -41.88 -15.88 -5.77
C GLY A 147 -40.64 -15.76 -4.91
N CYS A 148 -39.56 -15.19 -5.45
CA CYS A 148 -38.34 -14.97 -4.68
C CYS A 148 -37.84 -13.54 -4.91
N LEU A 149 -37.20 -12.99 -3.87
CA LEU A 149 -36.70 -11.61 -3.95
C LEU A 149 -35.69 -11.45 -5.08
N SER A 150 -35.01 -12.54 -5.43
CA SER A 150 -34.02 -12.51 -6.47
C SER A 150 -34.59 -12.17 -7.85
N SER A 151 -35.92 -12.26 -8.00
CA SER A 151 -36.55 -11.90 -9.27
C SER A 151 -36.92 -10.43 -9.23
N ASN A 152 -36.87 -9.83 -8.04
CA ASN A 152 -37.21 -8.42 -7.90
C ASN A 152 -36.03 -7.52 -7.56
N ILE A 153 -34.93 -8.12 -7.13
CA ILE A 153 -33.77 -7.31 -6.77
C ILE A 153 -32.65 -7.71 -7.71
N PRO A 154 -32.17 -6.75 -8.51
CA PRO A 154 -31.09 -7.03 -9.46
C PRO A 154 -29.86 -7.72 -8.88
N ALA A 155 -29.15 -8.43 -9.75
CA ALA A 155 -27.95 -9.16 -9.38
C ALA A 155 -26.90 -8.33 -8.62
N LEU A 156 -26.58 -7.16 -9.16
CA LEU A 156 -25.58 -6.26 -8.58
C LEU A 156 -25.87 -5.88 -7.15
N GLU A 157 -27.15 -5.65 -6.87
CA GLU A 157 -27.62 -5.25 -5.57
C GLU A 157 -27.61 -6.36 -4.55
N LEU A 158 -27.85 -7.58 -5.02
CA LEU A 158 -27.83 -8.75 -4.15
C LEU A 158 -26.36 -9.15 -3.96
N MET A 159 -25.55 -8.93 -4.99
CA MET A 159 -24.16 -9.23 -4.87
C MET A 159 -23.60 -8.30 -3.82
N ALA A 160 -24.06 -7.04 -3.84
CA ALA A 160 -23.60 -6.07 -2.84
C ALA A 160 -24.01 -6.57 -1.47
N LEU A 161 -25.23 -7.08 -1.37
CA LEU A 161 -25.71 -7.58 -0.09
C LEU A 161 -24.87 -8.78 0.41
N TYR A 162 -24.54 -9.71 -0.47
CA TYR A 162 -23.74 -10.86 -0.05
C TYR A 162 -22.35 -10.46 0.43
N VAL A 163 -21.73 -9.58 -0.36
CA VAL A 163 -20.40 -9.07 -0.06
C VAL A 163 -20.39 -8.29 1.27
N ALA A 164 -21.44 -7.52 1.53
CA ALA A 164 -21.54 -6.77 2.77
C ALA A 164 -21.60 -7.72 3.96
N ALA A 165 -22.28 -8.85 3.81
CA ALA A 165 -22.39 -9.82 4.91
C ALA A 165 -21.02 -10.38 5.25
N ALA A 166 -20.26 -10.71 4.22
CA ALA A 166 -18.94 -11.26 4.39
C ALA A 166 -18.04 -10.23 5.13
N MET A 167 -18.14 -8.96 4.76
CA MET A 167 -17.30 -7.98 5.43
C MET A 167 -17.89 -7.28 6.64
N HIS A 168 -19.17 -7.48 6.94
CA HIS A 168 -19.79 -6.66 7.97
C HIS A 168 -19.30 -6.54 9.42
N ASP A 169 -18.47 -7.47 9.88
CA ASP A 169 -17.94 -7.41 11.24
C ASP A 169 -16.44 -7.65 11.20
N TYR A 170 -15.84 -7.33 10.05
CA TYR A 170 -14.42 -7.47 9.81
C TYR A 170 -13.60 -6.74 10.88
N ASP A 171 -12.63 -7.45 11.46
CA ASP A 171 -11.79 -6.89 12.51
C ASP A 171 -12.55 -6.40 13.75
N HIS A 172 -13.61 -7.11 14.13
CA HIS A 172 -14.39 -6.76 15.33
C HIS A 172 -13.53 -7.09 16.57
N PRO A 173 -13.43 -6.15 17.54
CA PRO A 173 -12.64 -6.34 18.77
C PRO A 173 -13.38 -7.09 19.90
N GLY A 174 -14.65 -7.35 19.70
CA GLY A 174 -15.40 -8.03 20.73
C GLY A 174 -15.90 -7.05 21.75
N ARG A 175 -15.87 -5.78 21.40
CA ARG A 175 -16.34 -4.79 22.33
C ARG A 175 -17.45 -3.95 21.70
N THR A 176 -18.32 -3.32 22.49
CA THR A 176 -19.38 -2.55 21.87
C THR A 176 -18.97 -1.10 21.53
N ASN A 177 -19.85 -0.39 20.85
CA ASN A 177 -19.56 0.99 20.47
C ASN A 177 -19.51 1.85 21.74
N ALA A 178 -20.44 1.61 22.67
CA ALA A 178 -20.47 2.35 23.93
C ALA A 178 -19.17 2.13 24.70
N PHE A 179 -18.64 0.93 24.59
CA PHE A 179 -17.39 0.64 25.29
C PHE A 179 -16.28 1.48 24.65
N LEU A 180 -16.18 1.40 23.33
CA LEU A 180 -15.16 2.12 22.60
C LEU A 180 -15.23 3.62 22.93
N VAL A 181 -16.47 4.11 22.93
CA VAL A 181 -16.78 5.49 23.19
C VAL A 181 -16.44 5.90 24.61
N ALA A 182 -16.92 5.12 25.57
CA ALA A 182 -16.69 5.39 26.98
C ALA A 182 -15.21 5.35 27.38
N THR A 183 -14.39 4.60 26.64
CA THR A 183 -12.95 4.49 26.95
C THR A 183 -12.10 5.35 26.00
N ASN A 184 -12.76 6.25 25.26
CA ASN A 184 -12.10 7.12 24.29
C ASN A 184 -11.15 6.37 23.38
N ALA A 185 -11.55 5.20 22.94
CA ALA A 185 -10.69 4.45 22.06
C ALA A 185 -10.40 5.31 20.83
N PRO A 186 -9.17 5.23 20.30
CA PRO A 186 -8.80 6.02 19.11
C PRO A 186 -9.79 5.89 17.96
N GLN A 187 -10.35 4.70 17.80
CA GLN A 187 -11.33 4.39 16.78
C GLN A 187 -12.63 5.21 16.98
N ALA A 188 -13.01 5.42 18.22
CA ALA A 188 -14.21 6.16 18.53
C ALA A 188 -13.99 7.64 18.23
N VAL A 189 -12.79 8.12 18.55
CA VAL A 189 -12.45 9.52 18.34
C VAL A 189 -12.34 9.77 16.85
N LEU A 190 -11.79 8.80 16.15
CA LEU A 190 -11.61 8.87 14.72
C LEU A 190 -12.94 9.01 13.99
N TYR A 191 -13.93 8.31 14.49
CA TYR A 191 -15.24 8.30 13.88
C TYR A 191 -16.28 9.19 14.57
N ASN A 192 -15.80 10.09 15.42
CA ASN A 192 -16.67 11.01 16.16
C ASN A 192 -17.83 10.33 16.88
N ASP A 193 -17.55 9.11 17.35
CA ASP A 193 -18.51 8.34 18.09
C ASP A 193 -19.71 7.85 17.33
N ARG A 194 -19.72 7.97 16.02
CA ARG A 194 -20.88 7.51 15.26
C ARG A 194 -20.66 6.17 14.60
N SER A 195 -21.46 5.17 14.98
CA SER A 195 -21.37 3.83 14.38
C SER A 195 -19.91 3.49 14.25
N VAL A 196 -19.19 3.67 15.34
CA VAL A 196 -17.74 3.45 15.31
C VAL A 196 -17.36 2.14 14.65
N LEU A 197 -17.85 1.04 15.21
CA LEU A 197 -17.55 -0.28 14.71
C LEU A 197 -17.92 -0.52 13.28
N GLU A 198 -19.14 -0.14 12.94
CA GLU A 198 -19.64 -0.33 11.59
C GLU A 198 -18.85 0.43 10.53
N ASN A 199 -18.41 1.65 10.89
CA ASN A 199 -17.59 2.47 9.99
C ASN A 199 -16.24 1.80 9.81
N HIS A 200 -15.66 1.29 10.90
CA HIS A 200 -14.37 0.61 10.80
C HIS A 200 -14.46 -0.70 9.99
N HIS A 201 -15.52 -1.48 10.15
CA HIS A 201 -15.58 -2.72 9.35
C HIS A 201 -15.56 -2.39 7.86
N ALA A 202 -16.42 -1.44 7.46
CA ALA A 202 -16.55 -1.06 6.06
C ALA A 202 -15.28 -0.40 5.52
N ALA A 203 -14.72 0.53 6.28
CA ALA A 203 -13.53 1.23 5.81
C ALA A 203 -12.33 0.30 5.66
N SER A 204 -12.13 -0.57 6.65
CA SER A 204 -11.01 -1.52 6.62
C SER A 204 -11.11 -2.55 5.53
N ALA A 205 -12.31 -3.06 5.29
CA ALA A 205 -12.49 -4.07 4.25
C ALA A 205 -12.37 -3.43 2.87
N TRP A 206 -12.79 -2.19 2.72
CA TRP A 206 -12.61 -1.56 1.42
C TRP A 206 -11.15 -1.19 1.28
N ASN A 207 -10.53 -0.82 2.39
CA ASN A 207 -9.12 -0.48 2.34
C ASN A 207 -8.37 -1.71 1.89
N LEU A 208 -8.76 -2.86 2.43
CA LEU A 208 -8.10 -4.09 2.07
C LEU A 208 -8.28 -4.36 0.60
N TYR A 209 -9.51 -4.22 0.10
CA TYR A 209 -9.80 -4.47 -1.31
C TYR A 209 -8.93 -3.62 -2.26
N LEU A 210 -8.73 -2.35 -1.91
CA LEU A 210 -7.99 -1.44 -2.78
C LEU A 210 -6.49 -1.38 -2.56
N SER A 211 -6.00 -2.22 -1.66
CA SER A 211 -4.59 -2.20 -1.31
C SER A 211 -3.71 -3.04 -2.19
N ARG A 212 -4.29 -3.98 -2.92
CA ARG A 212 -3.51 -4.85 -3.78
C ARG A 212 -4.25 -5.14 -5.08
N PRO A 213 -3.53 -5.13 -6.19
CA PRO A 213 -4.19 -5.42 -7.46
C PRO A 213 -4.73 -6.85 -7.49
N GLU A 214 -4.01 -7.77 -6.86
CA GLU A 214 -4.45 -9.18 -6.87
C GLU A 214 -5.83 -9.42 -6.23
N TYR A 215 -6.38 -8.42 -5.56
CA TYR A 215 -7.69 -8.55 -4.93
C TYR A 215 -8.84 -8.06 -5.84
N ASN A 216 -8.50 -7.29 -6.85
CA ASN A 216 -9.47 -6.67 -7.76
C ASN A 216 -10.37 -7.63 -8.54
N PHE A 217 -11.27 -8.29 -7.85
CA PHE A 217 -12.11 -9.25 -8.54
C PHE A 217 -13.32 -8.59 -9.21
N LEU A 218 -13.51 -7.32 -8.96
CA LEU A 218 -14.63 -6.64 -9.60
C LEU A 218 -14.19 -5.80 -10.81
N LEU A 219 -12.98 -6.06 -11.31
CA LEU A 219 -12.46 -5.33 -12.45
C LEU A 219 -13.37 -5.21 -13.68
N HIS A 220 -14.35 -6.10 -13.81
CA HIS A 220 -15.18 -6.00 -14.99
C HIS A 220 -16.42 -5.12 -14.85
N LEU A 221 -16.55 -4.45 -13.71
CA LEU A 221 -17.66 -3.56 -13.52
C LEU A 221 -17.24 -2.19 -14.09
N ASP A 222 -18.14 -1.49 -14.78
CA ASP A 222 -17.78 -0.18 -15.30
C ASP A 222 -17.73 0.77 -14.09
N HIS A 223 -17.13 1.95 -14.28
CA HIS A 223 -16.98 2.94 -13.23
C HIS A 223 -18.27 3.28 -12.48
N VAL A 224 -19.38 3.41 -13.20
CA VAL A 224 -20.66 3.74 -12.59
C VAL A 224 -21.19 2.57 -11.75
N GLU A 225 -21.00 1.36 -12.27
CA GLU A 225 -21.45 0.17 -11.60
C GLU A 225 -20.61 -0.03 -10.35
N PHE A 226 -19.31 0.16 -10.48
CA PHE A 226 -18.46 -0.04 -9.32
C PHE A 226 -18.80 0.94 -8.20
N LYS A 227 -19.03 2.19 -8.56
CA LYS A 227 -19.35 3.23 -7.59
C LYS A 227 -20.67 2.95 -6.85
N ARG A 228 -21.63 2.42 -7.57
CA ARG A 228 -22.91 2.14 -6.95
C ARG A 228 -22.80 0.94 -6.01
N PHE A 229 -21.97 -0.03 -6.41
CA PHE A 229 -21.73 -1.25 -5.63
C PHE A 229 -21.09 -0.90 -4.29
N ARG A 230 -20.11 0.00 -4.33
CA ARG A 230 -19.42 0.42 -3.13
C ARG A 230 -20.41 1.08 -2.17
N PHE A 231 -21.24 1.94 -2.73
CA PHE A 231 -22.26 2.64 -1.97
C PHE A 231 -23.21 1.65 -1.30
N LEU A 232 -23.67 0.67 -2.05
CA LEU A 232 -24.59 -0.34 -1.53
C LEU A 232 -24.00 -1.14 -0.38
N VAL A 233 -22.80 -1.69 -0.58
CA VAL A 233 -22.09 -2.46 0.45
C VAL A 233 -21.99 -1.63 1.74
N ILE A 234 -21.47 -0.41 1.61
CA ILE A 234 -21.39 0.49 2.76
C ILE A 234 -22.78 0.64 3.44
N GLU A 235 -23.82 0.92 2.64
CA GLU A 235 -25.16 1.13 3.20
C GLU A 235 -25.70 -0.10 3.96
N ALA A 236 -25.38 -1.30 3.49
CA ALA A 236 -25.80 -2.54 4.17
C ALA A 236 -24.98 -2.71 5.45
N ILE A 237 -23.65 -2.56 5.36
CA ILE A 237 -22.83 -2.69 6.55
C ILE A 237 -23.23 -1.69 7.63
N LEU A 238 -23.42 -0.41 7.31
CA LEU A 238 -23.80 0.53 8.36
C LEU A 238 -25.18 0.30 8.95
N ALA A 239 -26.06 -0.35 8.18
CA ALA A 239 -27.42 -0.65 8.63
C ALA A 239 -27.40 -1.62 9.79
N THR A 240 -26.26 -2.26 10.01
CA THR A 240 -26.18 -3.21 11.10
C THR A 240 -25.90 -2.57 12.47
N ASP A 241 -25.70 -1.26 12.55
CA ASP A 241 -25.48 -0.66 13.87
C ASP A 241 -26.83 -0.68 14.61
N LEU A 242 -26.92 -1.49 15.66
CA LEU A 242 -28.18 -1.58 16.41
C LEU A 242 -28.73 -0.26 16.93
N LYS A 243 -27.87 0.74 17.08
CA LYS A 243 -28.32 2.05 17.54
C LYS A 243 -29.42 2.64 16.61
N LYS A 244 -29.37 2.30 15.33
CA LYS A 244 -30.35 2.81 14.37
C LYS A 244 -31.44 1.79 14.10
N HIS A 245 -31.45 0.74 14.91
CA HIS A 245 -32.42 -0.32 14.73
C HIS A 245 -33.86 0.17 14.66
N PHE A 246 -34.26 1.05 15.57
CA PHE A 246 -35.64 1.54 15.55
C PHE A 246 -35.97 2.48 14.40
N ASP A 247 -35.00 3.24 13.91
CA ASP A 247 -35.32 4.12 12.81
C ASP A 247 -35.56 3.23 11.61
N PHE A 248 -34.69 2.28 11.39
CA PHE A 248 -34.88 1.40 10.24
C PHE A 248 -36.20 0.65 10.20
N LEU A 249 -36.59 0.09 11.33
CA LEU A 249 -37.84 -0.64 11.44
C LEU A 249 -39.01 0.29 11.10
N ALA A 250 -38.97 1.49 11.66
CA ALA A 250 -40.02 2.46 11.43
C ALA A 250 -40.18 2.68 9.93
N GLU A 251 -39.07 3.02 9.27
CA GLU A 251 -39.10 3.27 7.82
C GLU A 251 -39.69 2.10 7.07
N PHE A 252 -39.11 0.92 7.25
CA PHE A 252 -39.60 -0.25 6.56
C PHE A 252 -41.11 -0.41 6.81
N ASN A 253 -41.50 -0.31 8.07
CA ASN A 253 -42.90 -0.44 8.42
C ASN A 253 -43.76 0.56 7.66
N ALA A 254 -43.31 1.81 7.65
CA ALA A 254 -44.04 2.87 6.97
C ALA A 254 -44.18 2.56 5.48
N LYS A 255 -43.18 1.88 4.92
CA LYS A 255 -43.20 1.53 3.50
C LYS A 255 -44.11 0.37 3.07
N ALA A 256 -44.23 -0.66 3.89
CA ALA A 256 -45.03 -1.80 3.46
C ALA A 256 -46.10 -2.31 4.40
N ASN A 257 -45.93 -2.06 5.69
CA ASN A 257 -46.88 -2.58 6.66
C ASN A 257 -47.93 -1.61 7.17
N ASP A 258 -47.55 -0.35 7.37
CA ASP A 258 -48.49 0.63 7.88
C ASP A 258 -49.66 0.84 6.91
N VAL A 259 -50.81 1.27 7.45
CA VAL A 259 -51.97 1.48 6.60
C VAL A 259 -51.68 2.67 5.71
N ASN A 260 -52.42 2.78 4.61
CA ASN A 260 -52.20 3.87 3.67
C ASN A 260 -51.01 3.56 2.77
N SER A 261 -49.85 3.26 3.37
CA SER A 261 -48.64 2.95 2.62
C SER A 261 -48.99 2.15 1.38
N ASN A 262 -48.46 2.59 0.24
CA ASN A 262 -48.72 1.94 -1.04
C ASN A 262 -48.05 0.58 -1.07
N GLY A 263 -47.02 0.41 -0.25
CA GLY A 263 -46.27 -0.84 -0.23
C GLY A 263 -44.88 -0.69 -0.83
N ILE A 264 -44.19 -1.81 -1.03
CA ILE A 264 -42.85 -1.79 -1.60
C ILE A 264 -42.92 -1.67 -3.11
N GLU A 265 -42.20 -0.71 -3.69
CA GLU A 265 -42.15 -0.58 -5.14
C GLU A 265 -40.83 -1.22 -5.57
N TRP A 266 -40.89 -2.41 -6.15
CA TRP A 266 -39.67 -3.06 -6.56
C TRP A 266 -38.92 -2.34 -7.66
N SER A 267 -39.57 -1.37 -8.31
CA SER A 267 -38.87 -0.63 -9.38
C SER A 267 -38.19 0.59 -8.79
N ASN A 268 -38.37 0.79 -7.49
CA ASN A 268 -37.79 1.94 -6.80
C ASN A 268 -36.49 1.59 -6.03
N GLU A 269 -35.38 2.14 -6.50
CA GLU A 269 -34.02 1.99 -5.96
C GLU A 269 -33.96 2.06 -4.43
N ASN A 270 -34.58 3.09 -3.85
CA ASN A 270 -34.58 3.27 -2.40
C ASN A 270 -35.39 2.20 -1.66
N ASP A 271 -36.42 1.68 -2.31
CA ASP A 271 -37.22 0.64 -1.69
C ASP A 271 -36.41 -0.65 -1.64
N ARG A 272 -35.72 -0.96 -2.72
CA ARG A 272 -34.89 -2.17 -2.78
C ARG A 272 -33.80 -2.17 -1.70
N LEU A 273 -33.07 -1.07 -1.62
CA LEU A 273 -32.01 -0.91 -0.66
C LEU A 273 -32.51 -1.15 0.77
N LEU A 274 -33.61 -0.48 1.09
CA LEU A 274 -34.21 -0.55 2.39
C LEU A 274 -34.53 -1.98 2.74
N VAL A 275 -35.11 -2.68 1.76
CA VAL A 275 -35.46 -4.07 1.93
C VAL A 275 -34.18 -4.82 2.22
N CYS A 276 -33.18 -4.63 1.37
CA CYS A 276 -31.93 -5.31 1.58
C CYS A 276 -31.34 -5.03 2.96
N GLN A 277 -31.42 -3.78 3.41
CA GLN A 277 -30.86 -3.41 4.70
C GLN A 277 -31.52 -4.15 5.83
N VAL A 278 -32.83 -4.26 5.73
CA VAL A 278 -33.66 -4.94 6.71
C VAL A 278 -33.29 -6.43 6.67
N CYS A 279 -33.03 -6.93 5.47
CA CYS A 279 -32.68 -8.31 5.28
C CYS A 279 -31.36 -8.67 5.98
N ILE A 280 -30.34 -7.82 5.84
CA ILE A 280 -29.08 -8.12 6.49
C ILE A 280 -29.25 -7.93 8.00
N LYS A 281 -30.12 -7.02 8.40
CA LYS A 281 -30.34 -6.79 9.83
C LYS A 281 -30.92 -8.03 10.47
N LEU A 282 -31.88 -8.65 9.79
CA LEU A 282 -32.51 -9.86 10.29
C LEU A 282 -31.45 -10.97 10.30
N ALA A 283 -30.75 -11.15 9.20
CA ALA A 283 -29.71 -12.16 9.14
C ALA A 283 -28.67 -11.99 10.26
N ASP A 284 -28.20 -10.77 10.49
CA ASP A 284 -27.20 -10.49 11.51
C ASP A 284 -27.58 -10.92 12.91
N ILE A 285 -28.87 -10.89 13.22
CA ILE A 285 -29.33 -11.34 14.54
C ILE A 285 -30.25 -12.58 14.45
N ASN A 286 -30.01 -13.44 13.45
CA ASN A 286 -30.86 -14.63 13.20
C ASN A 286 -30.91 -15.76 14.25
N GLY A 287 -29.94 -15.83 15.13
CA GLY A 287 -29.90 -16.88 16.13
C GLY A 287 -31.24 -17.42 16.65
N PRO A 288 -32.03 -16.59 17.35
CA PRO A 288 -33.30 -17.08 17.87
C PRO A 288 -34.38 -17.56 16.90
N ALA A 289 -34.13 -17.44 15.59
CA ALA A 289 -35.09 -17.91 14.62
C ALA A 289 -34.56 -19.19 14.01
N LYS A 290 -33.57 -19.79 14.68
CA LYS A 290 -32.97 -21.05 14.25
C LYS A 290 -33.32 -22.15 15.25
N VAL A 291 -33.15 -23.40 14.85
CA VAL A 291 -33.44 -24.49 15.76
C VAL A 291 -32.66 -24.30 17.07
N ARG A 292 -33.35 -24.60 18.18
CA ARG A 292 -32.84 -24.49 19.55
C ARG A 292 -31.35 -24.77 19.69
N ASP A 293 -30.93 -25.87 19.14
CA ASP A 293 -29.54 -26.29 19.23
C ASP A 293 -28.56 -25.26 18.66
N LEU A 294 -28.94 -24.64 17.54
CA LEU A 294 -28.15 -23.60 16.87
C LEU A 294 -28.21 -22.30 17.68
N HIS A 295 -29.42 -21.94 18.09
CA HIS A 295 -29.71 -20.76 18.90
C HIS A 295 -28.87 -20.72 20.17
N LEU A 296 -28.93 -21.81 20.93
CA LEU A 296 -28.19 -21.93 22.17
C LEU A 296 -26.68 -21.87 21.93
N LYS A 297 -26.27 -22.21 20.71
CA LYS A 297 -24.86 -22.18 20.38
C LYS A 297 -24.43 -20.71 20.16
N TRP A 298 -25.27 -19.91 19.51
CA TRP A 298 -24.88 -18.50 19.27
C TRP A 298 -25.10 -17.70 20.54
N THR A 299 -26.01 -18.19 21.37
CA THR A 299 -26.28 -17.53 22.61
C THR A 299 -25.03 -17.60 23.49
N GLU A 300 -24.43 -18.79 23.52
CA GLU A 300 -23.24 -18.98 24.33
C GLU A 300 -22.11 -18.05 23.88
N GLY A 301 -21.98 -17.86 22.57
CA GLY A 301 -20.96 -16.99 22.04
C GLY A 301 -21.05 -15.53 22.46
N ILE A 302 -22.25 -14.95 22.35
CA ILE A 302 -22.39 -13.55 22.68
C ILE A 302 -22.19 -13.30 24.18
N VAL A 303 -22.66 -14.20 25.03
CA VAL A 303 -22.48 -14.00 26.47
C VAL A 303 -21.02 -14.17 26.85
N ASN A 304 -20.29 -15.05 26.19
CA ASN A 304 -18.89 -15.24 26.51
C ASN A 304 -18.11 -14.00 26.07
N GLU A 305 -18.56 -13.38 24.98
CA GLU A 305 -17.92 -12.18 24.49
C GLU A 305 -18.22 -11.01 25.44
N PHE A 306 -19.45 -10.92 25.93
CA PHE A 306 -19.82 -9.88 26.86
C PHE A 306 -18.99 -9.94 28.14
N TYR A 307 -18.84 -11.14 28.69
CA TYR A 307 -18.06 -11.32 29.91
C TYR A 307 -16.66 -10.82 29.71
N GLU A 308 -16.11 -11.07 28.53
CA GLU A 308 -14.79 -10.57 28.21
C GLU A 308 -14.75 -9.02 28.26
N GLN A 309 -15.79 -8.34 27.77
CA GLN A 309 -15.83 -6.87 27.82
C GLN A 309 -15.95 -6.42 29.27
N GLY A 310 -16.71 -7.20 30.04
CA GLY A 310 -16.90 -6.95 31.44
C GLY A 310 -15.61 -7.09 32.24
N ASP A 311 -14.77 -8.10 31.92
CA ASP A 311 -13.49 -8.26 32.65
C ASP A 311 -12.63 -7.05 32.36
N GLU A 312 -12.70 -6.56 31.12
CA GLU A 312 -11.89 -5.42 30.78
C GLU A 312 -12.43 -4.16 31.37
N GLU A 313 -13.75 -4.01 31.45
CA GLU A 313 -14.32 -2.82 32.04
C GLU A 313 -13.87 -2.69 33.48
N ALA A 314 -13.93 -3.80 34.20
CA ALA A 314 -13.53 -3.83 35.60
C ALA A 314 -12.04 -3.54 35.75
N ASN A 315 -11.21 -4.10 34.87
CA ASN A 315 -9.79 -3.83 34.99
C ASN A 315 -9.46 -2.37 34.74
N LEU A 316 -10.31 -1.68 34.00
CA LEU A 316 -10.12 -0.28 33.69
C LEU A 316 -10.78 0.63 34.73
N GLY A 317 -11.27 0.04 35.81
CA GLY A 317 -11.91 0.83 36.84
C GLY A 317 -13.35 1.20 36.49
N LEU A 318 -13.79 0.84 35.30
CA LEU A 318 -15.15 1.17 34.90
C LEU A 318 -16.16 0.21 35.46
N PRO A 319 -17.40 0.66 35.58
CA PRO A 319 -18.50 -0.16 36.10
C PRO A 319 -18.82 -1.16 35.00
N ILE A 320 -19.07 -2.41 35.42
CA ILE A 320 -19.40 -3.46 34.47
C ILE A 320 -20.78 -3.18 33.85
N SER A 321 -20.85 -3.27 32.54
CA SER A 321 -22.10 -3.01 31.90
C SER A 321 -23.10 -4.09 32.24
N PRO A 322 -24.39 -3.78 32.04
CA PRO A 322 -25.49 -4.74 32.31
C PRO A 322 -25.36 -5.96 31.41
N PHE A 323 -25.52 -7.14 32.04
CA PHE A 323 -25.43 -8.44 31.38
C PHE A 323 -24.00 -8.89 31.07
N MET A 324 -23.00 -8.16 31.54
CA MET A 324 -21.62 -8.52 31.23
C MET A 324 -20.73 -8.90 32.42
N ASP A 325 -21.34 -8.99 33.60
CA ASP A 325 -20.64 -9.38 34.82
C ASP A 325 -20.85 -10.90 35.02
N ARG A 326 -19.80 -11.68 34.77
CA ARG A 326 -19.89 -13.13 34.94
C ARG A 326 -20.24 -13.60 36.35
N SER A 327 -19.92 -12.77 37.34
CA SER A 327 -20.20 -13.13 38.73
C SER A 327 -21.61 -12.71 39.13
N SER A 328 -22.35 -12.15 38.20
CA SER A 328 -23.69 -11.70 38.48
C SER A 328 -24.47 -11.73 37.15
N PRO A 329 -24.50 -12.89 36.50
CA PRO A 329 -25.19 -13.08 35.22
C PRO A 329 -26.72 -13.02 35.22
N GLN A 330 -27.28 -12.57 34.11
CA GLN A 330 -28.73 -12.48 33.93
C GLN A 330 -29.03 -12.99 32.53
N LEU A 331 -28.50 -14.16 32.21
CA LEU A 331 -28.66 -14.79 30.90
C LEU A 331 -30.07 -14.88 30.32
N ALA A 332 -31.04 -15.26 31.13
CA ALA A 332 -32.40 -15.35 30.63
C ALA A 332 -33.01 -13.97 30.37
N LYS A 333 -32.71 -13.00 31.25
CA LYS A 333 -33.23 -11.64 31.07
C LYS A 333 -32.76 -11.13 29.70
N LEU A 334 -31.47 -11.30 29.44
CA LEU A 334 -30.86 -10.89 28.17
C LEU A 334 -31.58 -11.46 26.95
N GLN A 335 -31.72 -12.78 26.87
CA GLN A 335 -32.40 -13.40 25.73
C GLN A 335 -33.89 -13.07 25.69
N GLU A 336 -34.50 -13.04 26.86
CA GLU A 336 -35.92 -12.72 26.89
C GLU A 336 -36.03 -11.32 26.33
N SER A 337 -35.31 -10.39 26.93
CA SER A 337 -35.36 -8.99 26.50
C SER A 337 -35.05 -8.76 25.03
N PHE A 338 -33.83 -9.11 24.65
CA PHE A 338 -33.40 -8.95 23.28
C PHE A 338 -34.34 -9.57 22.25
N ILE A 339 -35.05 -10.65 22.60
CA ILE A 339 -35.96 -11.25 21.64
C ILE A 339 -37.28 -10.47 21.56
N THR A 340 -37.75 -10.02 22.72
CA THR A 340 -39.00 -9.29 22.79
C THR A 340 -38.94 -7.93 22.15
N HIS A 341 -37.81 -7.26 22.33
CA HIS A 341 -37.60 -5.88 21.85
C HIS A 341 -36.92 -5.61 20.51
N ILE A 342 -36.12 -6.57 20.03
CA ILE A 342 -35.39 -6.37 18.78
C ILE A 342 -35.69 -7.38 17.71
N VAL A 343 -35.38 -8.65 17.99
CA VAL A 343 -35.59 -9.71 17.02
C VAL A 343 -37.06 -9.88 16.69
N GLY A 344 -37.89 -10.09 17.70
CA GLY A 344 -39.31 -10.27 17.48
C GLY A 344 -39.98 -9.27 16.55
N PRO A 345 -40.07 -8.00 16.95
CA PRO A 345 -40.71 -7.00 16.08
C PRO A 345 -40.14 -6.97 14.66
N LEU A 346 -38.83 -7.17 14.56
CA LEU A 346 -38.15 -7.18 13.27
C LEU A 346 -38.69 -8.30 12.38
N CYS A 347 -38.67 -9.54 12.88
CA CYS A 347 -39.21 -10.64 12.07
C CYS A 347 -40.69 -10.43 11.82
N ASN A 348 -41.40 -9.90 12.83
CA ASN A 348 -42.81 -9.60 12.72
C ASN A 348 -43.07 -8.71 11.53
N SER A 349 -42.33 -7.60 11.45
CA SER A 349 -42.47 -6.65 10.33
C SER A 349 -42.14 -7.28 8.97
N TYR A 350 -40.99 -7.96 8.89
CA TYR A 350 -40.55 -8.58 7.64
C TYR A 350 -41.62 -9.55 7.15
N ASP A 351 -42.13 -10.34 8.09
CA ASP A 351 -43.16 -11.33 7.81
C ASP A 351 -44.49 -10.68 7.39
N ALA A 352 -44.88 -9.64 8.10
CA ALA A 352 -46.13 -8.95 7.80
C ALA A 352 -46.01 -8.29 6.43
N ALA A 353 -44.81 -8.20 5.89
CA ALA A 353 -44.64 -7.57 4.58
C ALA A 353 -44.71 -8.60 3.49
N GLY A 354 -44.81 -9.87 3.88
CA GLY A 354 -44.89 -10.95 2.92
C GLY A 354 -43.57 -11.39 2.29
N LEU A 355 -42.47 -11.13 2.98
CA LEU A 355 -41.14 -11.43 2.46
C LEU A 355 -40.49 -12.70 3.02
N LEU A 356 -41.08 -13.30 4.03
CA LEU A 356 -40.46 -14.50 4.57
C LEU A 356 -40.69 -15.71 3.70
N PRO A 357 -39.62 -16.46 3.43
CA PRO A 357 -39.74 -17.67 2.61
C PRO A 357 -40.44 -18.72 3.48
N GLY A 358 -41.41 -19.42 2.92
CA GLY A 358 -42.16 -20.43 3.65
C GLY A 358 -42.96 -21.33 2.72
N GLN A 359 -44.03 -21.92 3.23
CA GLN A 359 -44.84 -22.80 2.39
C GLN A 359 -46.32 -22.76 2.71
N TRP A 360 -47.13 -23.01 1.68
CA TRP A 360 -48.58 -23.05 1.83
C TRP A 360 -49.00 -24.33 2.55
N LEU A 361 -50.13 -24.26 3.25
CA LEU A 361 -50.67 -25.39 3.98
C LEU A 361 -52.06 -25.78 3.48
N GLU A 362 -52.93 -24.77 3.35
CA GLU A 362 -54.31 -25.01 2.88
C GLU A 362 -55.08 -25.81 3.94
N SER A 400 -51.67 -26.90 10.33
CA SER A 400 -52.32 -26.13 11.46
C SER A 400 -53.58 -25.37 10.98
N ARG A 401 -53.87 -24.22 11.59
CA ARG A 401 -55.04 -23.40 11.21
C ARG A 401 -54.69 -22.33 10.14
N ARG A 402 -53.46 -21.81 10.17
CA ARG A 402 -53.00 -20.79 9.20
C ARG A 402 -52.63 -21.41 7.83
N ARG A 403 -52.66 -20.61 6.76
CA ARG A 403 -52.38 -21.15 5.42
C ARG A 403 -50.88 -21.19 5.06
N ILE A 404 -50.06 -20.51 5.85
CA ILE A 404 -48.62 -20.49 5.57
C ILE A 404 -47.78 -20.95 6.77
N PHE A 405 -46.84 -21.86 6.52
CA PHE A 405 -45.95 -22.32 7.58
C PHE A 405 -44.58 -21.65 7.40
N CYS A 406 -44.16 -20.87 8.39
CA CYS A 406 -42.89 -20.17 8.30
C CYS A 406 -41.99 -20.69 9.41
N GLN A 407 -40.98 -21.45 9.00
CA GLN A 407 -40.06 -22.06 9.94
C GLN A 407 -39.42 -21.16 10.99
N LEU A 408 -38.85 -20.01 10.59
CA LEU A 408 -38.21 -19.13 11.58
C LEU A 408 -39.20 -18.57 12.57
N MET A 409 -40.37 -18.23 12.09
CA MET A 409 -41.40 -17.70 12.98
C MET A 409 -41.69 -18.72 14.09
N HIS A 410 -41.73 -20.01 13.75
CA HIS A 410 -41.97 -21.02 14.78
C HIS A 410 -40.77 -21.17 15.72
N HIS A 411 -39.56 -21.27 15.18
CA HIS A 411 -38.37 -21.38 16.02
C HIS A 411 -38.36 -20.24 17.03
N LEU A 412 -38.60 -19.04 16.51
CA LEU A 412 -38.61 -17.84 17.35
C LEU A 412 -39.54 -18.00 18.54
N THR A 413 -40.76 -18.46 18.29
CA THR A 413 -41.75 -18.68 19.35
C THR A 413 -41.29 -19.71 20.35
N GLU A 414 -40.78 -20.82 19.83
CA GLU A 414 -40.34 -21.90 20.66
C GLU A 414 -39.20 -21.45 21.54
N ASN A 415 -38.17 -20.87 20.92
CA ASN A 415 -36.99 -20.42 21.68
C ASN A 415 -37.31 -19.36 22.71
N HIS A 416 -38.39 -18.66 22.48
CA HIS A 416 -38.82 -17.62 23.38
C HIS A 416 -39.32 -18.21 24.69
N LYS A 417 -39.90 -19.42 24.66
CA LYS A 417 -40.39 -20.03 25.90
C LYS A 417 -39.23 -20.43 26.83
N ILE A 418 -38.11 -20.79 26.24
CA ILE A 418 -36.96 -21.17 27.02
C ILE A 418 -36.67 -20.14 28.09
N TRP A 419 -36.67 -18.87 27.70
CA TRP A 419 -36.33 -17.75 28.58
C TRP A 419 -37.44 -16.90 29.22
N LYS A 420 -38.66 -16.97 28.69
CA LYS A 420 -39.77 -16.19 29.23
C LYS A 420 -40.33 -16.85 30.49
N LEU B 6 3.32 47.16 34.89
CA LEU B 6 3.86 45.80 34.55
C LEU B 6 3.02 45.06 33.49
N ASP B 7 1.76 45.48 33.32
CA ASP B 7 0.85 44.89 32.33
C ASP B 7 -0.38 45.79 32.09
N LEU B 8 -0.15 46.96 31.51
CA LEU B 8 -1.20 47.93 31.22
C LEU B 8 -1.68 47.82 29.76
N ILE B 9 -0.71 47.55 28.86
CA ILE B 9 -0.99 47.42 27.43
C ILE B 9 -1.61 46.04 27.17
N LEU B 10 -2.89 45.92 27.51
CA LEU B 10 -3.65 44.67 27.35
C LEU B 10 -5.12 45.07 27.20
N VAL B 11 -5.63 45.84 28.15
CA VAL B 11 -7.03 46.29 28.12
C VAL B 11 -7.35 47.20 26.93
N GLU B 12 -6.35 47.97 26.53
CA GLU B 12 -6.50 48.89 25.41
C GLU B 12 -6.91 48.04 24.20
N GLU B 13 -6.13 46.98 23.98
CA GLU B 13 -6.37 46.05 22.88
C GLU B 13 -7.81 45.54 23.00
N TYR B 14 -8.07 44.83 24.09
CA TYR B 14 -9.39 44.28 24.36
C TYR B 14 -10.55 45.20 23.99
N ASP B 15 -10.62 46.37 24.62
CA ASP B 15 -11.71 47.30 24.35
C ASP B 15 -11.77 47.72 22.89
N SER B 16 -10.61 47.72 22.25
CA SER B 16 -10.51 48.11 20.84
C SER B 16 -11.28 47.09 20.01
N LEU B 17 -10.69 45.90 19.94
CA LEU B 17 -11.24 44.79 19.21
C LEU B 17 -12.73 44.57 19.48
N ILE B 18 -13.12 44.62 20.75
CA ILE B 18 -14.53 44.41 21.06
C ILE B 18 -15.40 45.44 20.37
N GLU B 19 -14.91 46.67 20.34
CA GLU B 19 -15.60 47.79 19.72
C GLU B 19 -15.79 47.51 18.24
N LYS B 20 -14.74 47.01 17.60
CA LYS B 20 -14.76 46.70 16.17
C LYS B 20 -15.60 45.47 15.81
N MET B 21 -15.58 44.47 16.67
CA MET B 21 -16.36 43.26 16.43
C MET B 21 -17.85 43.51 16.67
N SER B 22 -18.20 44.53 17.45
CA SER B 22 -19.62 44.80 17.70
C SER B 22 -20.35 45.16 16.41
N ASN B 23 -19.60 45.18 15.33
CA ASN B 23 -20.15 45.49 14.03
C ASN B 23 -20.18 44.23 13.18
N TRP B 24 -21.35 43.98 12.59
CA TRP B 24 -21.56 42.83 11.69
C TRP B 24 -20.43 42.79 10.69
N ASN B 25 -20.20 43.94 10.07
CA ASN B 25 -19.16 44.08 9.07
C ASN B 25 -17.85 44.34 9.75
N PHE B 26 -17.55 43.49 10.73
CA PHE B 26 -16.30 43.57 11.46
C PHE B 26 -15.20 43.53 10.41
N PRO B 27 -14.36 44.58 10.36
CA PRO B 27 -13.24 44.69 9.41
C PRO B 27 -12.13 43.75 9.80
N ILE B 28 -12.37 42.46 9.60
CA ILE B 28 -11.44 41.41 9.95
C ILE B 28 -10.12 41.46 9.21
N PHE B 29 -10.13 42.00 8.00
CA PHE B 29 -8.89 42.05 7.24
C PHE B 29 -7.98 43.17 7.74
N GLU B 30 -8.56 44.23 8.29
CA GLU B 30 -7.74 45.32 8.81
C GLU B 30 -7.01 44.78 10.02
N LEU B 31 -7.71 43.95 10.80
CA LEU B 31 -7.12 43.33 11.99
C LEU B 31 -6.00 42.35 11.64
N VAL B 32 -6.03 41.80 10.44
CA VAL B 32 -4.99 40.87 10.05
C VAL B 32 -3.74 41.71 9.83
N GLU B 33 -3.96 42.87 9.20
CA GLU B 33 -2.89 43.84 8.91
C GLU B 33 -2.31 44.34 10.23
N LYS B 34 -3.16 44.90 11.08
CA LYS B 34 -2.72 45.40 12.37
C LYS B 34 -1.91 44.37 13.16
N MET B 35 -2.24 43.10 13.07
CA MET B 35 -1.50 42.08 13.83
C MET B 35 -0.13 41.76 13.21
N GLY B 36 0.11 42.26 12.00
CA GLY B 36 1.37 42.04 11.33
C GLY B 36 1.96 40.64 11.32
N GLU B 37 2.95 40.39 12.19
CA GLU B 37 3.57 39.08 12.23
C GLU B 37 2.89 38.12 13.18
N LYS B 38 2.23 38.67 14.19
CA LYS B 38 1.52 37.81 15.13
C LYS B 38 0.12 37.47 14.61
N SER B 39 -0.16 37.80 13.35
CA SER B 39 -1.47 37.50 12.78
C SER B 39 -1.81 35.99 12.73
N GLY B 40 -0.78 35.12 12.68
CA GLY B 40 -1.02 33.68 12.63
C GLY B 40 -1.71 33.18 13.89
N ARG B 41 -1.86 34.08 14.86
CA ARG B 41 -2.51 33.73 16.11
C ARG B 41 -3.81 34.54 16.23
N ILE B 42 -4.38 34.93 15.09
CA ILE B 42 -5.62 35.69 15.09
C ILE B 42 -6.80 34.92 15.72
N LEU B 43 -6.95 33.63 15.42
CA LEU B 43 -8.08 32.87 15.93
C LEU B 43 -7.99 32.71 17.45
N SER B 44 -6.84 32.31 17.98
CA SER B 44 -6.72 32.18 19.44
C SER B 44 -6.99 33.50 20.15
N GLN B 45 -6.54 34.60 19.56
CA GLN B 45 -6.76 35.87 20.20
C GLN B 45 -8.24 36.23 20.18
N VAL B 46 -8.90 35.97 19.07
CA VAL B 46 -10.32 36.29 19.02
C VAL B 46 -11.11 35.41 20.00
N MET B 47 -10.74 34.14 20.11
CA MET B 47 -11.42 33.24 21.03
C MET B 47 -11.38 33.82 22.42
N TYR B 48 -10.17 34.13 22.89
CA TYR B 48 -9.99 34.71 24.23
C TYR B 48 -10.87 35.94 24.43
N THR B 49 -10.88 36.86 23.46
CA THR B 49 -11.68 38.07 23.55
C THR B 49 -13.17 37.80 23.68
N LEU B 50 -13.68 36.90 22.85
CA LEU B 50 -15.09 36.53 22.90
C LEU B 50 -15.44 35.74 24.17
N PHE B 51 -14.51 34.92 24.65
CA PHE B 51 -14.77 34.18 25.87
C PHE B 51 -14.82 35.11 27.08
N GLN B 52 -14.14 36.25 27.01
CA GLN B 52 -14.18 37.24 28.12
C GLN B 52 -15.50 38.00 27.96
N ASP B 53 -15.75 38.42 26.74
CA ASP B 53 -16.95 39.15 26.47
C ASP B 53 -18.17 38.43 27.00
N THR B 54 -18.27 37.13 26.72
CA THR B 54 -19.43 36.35 27.16
C THR B 54 -19.36 35.90 28.61
N GLY B 55 -18.15 35.67 29.12
CA GLY B 55 -18.02 35.24 30.50
C GLY B 55 -17.86 33.73 30.64
N LEU B 56 -17.61 33.07 29.51
CA LEU B 56 -17.44 31.63 29.50
C LEU B 56 -16.24 31.20 30.36
N LEU B 57 -15.20 32.03 30.41
CA LEU B 57 -14.02 31.72 31.20
C LEU B 57 -14.41 31.64 32.65
N GLU B 58 -15.27 32.56 33.05
CA GLU B 58 -15.75 32.61 34.43
C GLU B 58 -16.75 31.51 34.73
N ILE B 59 -17.73 31.34 33.86
CA ILE B 59 -18.77 30.34 34.03
C ILE B 59 -18.26 28.92 34.18
N PHE B 60 -17.29 28.55 33.35
CA PHE B 60 -16.75 27.18 33.39
C PHE B 60 -15.37 27.07 33.96
N LYS B 61 -14.99 28.10 34.72
CA LYS B 61 -13.69 28.14 35.38
C LYS B 61 -12.59 27.69 34.44
N ILE B 62 -12.56 28.25 33.24
CA ILE B 62 -11.57 27.89 32.24
C ILE B 62 -10.20 28.52 32.53
N PRO B 63 -9.14 27.70 32.67
CA PRO B 63 -7.78 28.19 32.94
C PRO B 63 -7.16 28.77 31.66
N THR B 64 -6.82 30.06 31.68
CA THR B 64 -6.24 30.75 30.54
C THR B 64 -5.07 30.06 29.83
N GLN B 65 -4.14 29.53 30.62
CA GLN B 65 -2.97 28.88 30.05
C GLN B 65 -3.30 27.75 29.06
N GLN B 66 -4.01 26.72 29.52
CA GLN B 66 -4.39 25.58 28.67
C GLN B 66 -5.27 26.01 27.49
N PHE B 67 -6.17 26.95 27.76
CA PHE B 67 -7.07 27.45 26.75
C PHE B 67 -6.23 28.00 25.59
N MET B 68 -5.33 28.93 25.88
CA MET B 68 -4.49 29.52 24.84
C MET B 68 -3.59 28.48 24.19
N ASN B 69 -3.09 27.54 24.98
CA ASN B 69 -2.23 26.50 24.43
C ASN B 69 -2.97 25.74 23.33
N TYR B 70 -4.19 25.30 23.65
CA TYR B 70 -4.99 24.52 22.71
C TYR B 70 -5.41 25.30 21.51
N PHE B 71 -5.93 26.50 21.70
CA PHE B 71 -6.34 27.22 20.52
C PHE B 71 -5.17 27.74 19.67
N ARG B 72 -3.96 27.77 20.24
CA ARG B 72 -2.81 28.20 19.46
C ARG B 72 -2.40 26.98 18.64
N ALA B 73 -2.53 25.80 19.23
CA ALA B 73 -2.22 24.57 18.51
C ALA B 73 -3.26 24.37 17.40
N LEU B 74 -4.54 24.63 17.70
CA LEU B 74 -5.60 24.45 16.70
C LEU B 74 -5.35 25.27 15.44
N GLU B 75 -4.99 26.55 15.65
CA GLU B 75 -4.67 27.55 14.60
C GLU B 75 -3.63 27.10 13.61
N ASN B 76 -2.51 26.56 14.13
CA ASN B 76 -1.39 26.14 13.32
C ASN B 76 -1.75 24.90 12.55
N GLY B 77 -2.96 24.42 12.78
CA GLY B 77 -3.44 23.23 12.10
C GLY B 77 -4.11 23.64 10.81
N TYR B 78 -4.39 24.93 10.66
CA TYR B 78 -5.00 25.38 9.43
C TYR B 78 -3.89 25.70 8.44
N ARG B 79 -4.04 25.13 7.25
CA ARG B 79 -3.07 25.29 6.19
C ARG B 79 -3.13 26.69 5.65
N ASP B 80 -2.08 27.04 4.93
CA ASP B 80 -2.01 28.34 4.34
C ASP B 80 -2.63 28.31 2.95
N ILE B 81 -3.95 28.29 2.90
CA ILE B 81 -4.67 28.26 1.63
C ILE B 81 -5.52 29.54 1.50
N PRO B 82 -6.01 29.85 0.31
CA PRO B 82 -6.79 31.08 0.15
C PRO B 82 -8.14 31.30 0.82
N TYR B 83 -8.84 30.23 1.14
CA TYR B 83 -10.12 30.43 1.78
C TYR B 83 -10.34 29.64 3.09
N HIS B 84 -10.19 28.32 3.06
CA HIS B 84 -10.41 27.57 4.29
C HIS B 84 -9.24 27.63 5.24
N ASN B 85 -9.02 28.81 5.80
CA ASN B 85 -7.91 29.04 6.73
C ASN B 85 -8.34 29.60 8.08
N ARG B 86 -7.35 29.92 8.92
CA ARG B 86 -7.53 30.51 10.28
C ARG B 86 -8.45 31.71 10.28
N ILE B 87 -8.30 32.57 9.27
CA ILE B 87 -9.10 33.78 9.14
C ILE B 87 -10.56 33.45 8.90
N HIS B 88 -10.79 32.53 7.97
CA HIS B 88 -12.12 32.10 7.69
C HIS B 88 -12.73 31.57 8.98
N ALA B 89 -11.95 30.79 9.72
CA ALA B 89 -12.45 30.23 10.99
C ALA B 89 -12.76 31.34 11.99
N THR B 90 -11.95 32.39 11.95
CA THR B 90 -12.16 33.52 12.84
C THR B 90 -13.43 34.23 12.43
N ASP B 91 -13.65 34.32 11.13
CA ASP B 91 -14.84 34.95 10.57
C ASP B 91 -16.11 34.23 11.02
N VAL B 92 -16.13 32.90 10.84
CA VAL B 92 -17.26 32.09 11.24
C VAL B 92 -17.49 32.24 12.75
N LEU B 93 -16.40 32.21 13.50
CA LEU B 93 -16.47 32.37 14.93
C LEU B 93 -17.14 33.70 15.30
N HIS B 94 -16.69 34.78 14.67
CA HIS B 94 -17.25 36.09 14.94
C HIS B 94 -18.74 36.13 14.65
N ALA B 95 -19.14 35.51 13.53
CA ALA B 95 -20.53 35.48 13.13
C ALA B 95 -21.48 34.67 14.04
N VAL B 96 -21.03 33.56 14.62
CA VAL B 96 -21.92 32.83 15.52
C VAL B 96 -22.06 33.57 16.84
N TRP B 97 -21.00 34.22 17.28
CA TRP B 97 -21.08 34.97 18.53
C TRP B 97 -22.08 36.10 18.35
N TYR B 98 -21.93 36.83 17.24
CA TYR B 98 -22.77 37.96 16.92
C TYR B 98 -24.22 37.58 16.71
N LEU B 99 -24.47 36.55 15.93
CA LEU B 99 -25.84 36.11 15.71
C LEU B 99 -26.48 35.71 17.04
N THR B 100 -25.68 35.15 17.93
CA THR B 100 -26.21 34.70 19.20
C THR B 100 -26.30 35.73 20.30
N THR B 101 -25.54 36.82 20.24
CA THR B 101 -25.65 37.78 21.34
C THR B 101 -26.43 39.05 21.12
N ARG B 102 -26.39 39.62 19.91
CA ARG B 102 -27.08 40.89 19.63
C ARG B 102 -28.61 40.82 19.66
N PRO B 103 -29.27 41.98 19.79
CA PRO B 103 -30.74 42.15 19.85
C PRO B 103 -31.59 41.63 18.68
N VAL B 104 -32.63 40.88 19.04
CA VAL B 104 -33.53 40.30 18.06
C VAL B 104 -34.96 40.79 18.29
N PRO B 105 -35.49 41.59 17.36
CA PRO B 105 -36.86 42.14 17.46
C PRO B 105 -37.90 41.04 17.60
N GLY B 106 -38.75 41.16 18.63
CA GLY B 106 -39.82 40.20 18.82
C GLY B 106 -39.47 38.96 19.62
N LEU B 107 -38.18 38.72 19.80
CA LEU B 107 -37.72 37.56 20.56
C LEU B 107 -38.05 37.70 22.06
N GLN B 108 -38.96 36.85 22.54
CA GLN B 108 -39.36 36.87 23.94
C GLN B 108 -38.20 36.60 24.86
N GLN B 109 -38.01 37.48 25.84
CA GLN B 109 -36.92 37.33 26.81
C GLN B 109 -37.22 36.27 27.87
N ILE B 110 -37.45 35.04 27.43
CA ILE B 110 -37.76 33.93 28.35
C ILE B 110 -36.83 33.96 29.57
N HIS B 111 -35.55 33.65 29.37
CA HIS B 111 -34.63 33.65 30.50
C HIS B 111 -34.11 35.03 30.88
N ASN B 112 -35.04 35.87 31.37
CA ASN B 112 -34.73 37.22 31.83
C ASN B 112 -34.22 37.12 33.29
N GLY B 113 -33.39 36.11 33.54
CA GLY B 113 -32.80 35.84 34.86
C GLY B 113 -33.86 35.53 35.92
N GLY B 129 -30.51 29.90 38.22
CA GLY B 129 -30.66 28.48 38.67
C GLY B 129 -29.38 27.66 38.53
N ARG B 130 -29.55 26.40 38.15
CA ARG B 130 -28.43 25.46 37.96
C ARG B 130 -27.81 25.56 36.57
N ILE B 131 -28.64 25.88 35.57
CA ILE B 131 -28.16 26.02 34.21
C ILE B 131 -27.71 27.44 33.96
N ALA B 132 -26.45 27.62 33.55
CA ALA B 132 -25.89 28.94 33.28
C ALA B 132 -26.17 29.46 31.87
N TYR B 133 -26.28 30.78 31.77
CA TYR B 133 -26.51 31.47 30.51
C TYR B 133 -25.47 32.57 30.41
N ILE B 134 -25.00 32.85 29.20
CA ILE B 134 -23.99 33.90 29.04
C ILE B 134 -24.68 35.21 28.68
N SER B 135 -23.93 36.30 28.81
CA SER B 135 -24.44 37.61 28.42
C SER B 135 -23.31 38.45 27.87
N SER B 136 -23.41 38.85 26.61
CA SER B 136 -22.34 39.68 26.04
C SER B 136 -22.26 41.01 26.75
N LYS B 137 -21.03 41.37 27.09
CA LYS B 137 -20.79 42.63 27.78
C LYS B 137 -20.79 43.78 26.81
N SER B 138 -20.70 43.50 25.51
CA SER B 138 -20.67 44.57 24.52
C SER B 138 -22.01 44.98 23.91
N CYS B 139 -23.12 44.58 24.53
CA CYS B 139 -24.43 45.00 24.03
C CYS B 139 -25.57 44.60 24.97
N SER B 140 -26.79 45.00 24.62
CA SER B 140 -27.96 44.67 25.41
C SER B 140 -29.21 44.99 24.63
N ASN B 141 -30.32 44.37 25.04
CA ASN B 141 -31.61 44.57 24.41
C ASN B 141 -32.13 45.91 24.88
N PRO B 142 -32.31 46.86 23.94
CA PRO B 142 -32.81 48.19 24.31
C PRO B 142 -34.06 48.08 25.18
N ASP B 143 -34.89 47.08 24.92
CA ASP B 143 -36.12 46.91 25.70
C ASP B 143 -36.87 45.62 25.41
N GLU B 144 -38.07 45.53 25.95
CA GLU B 144 -38.94 44.36 25.81
C GLU B 144 -39.25 43.94 24.37
N SER B 145 -39.27 44.88 23.44
CA SER B 145 -39.54 44.51 22.06
C SER B 145 -38.32 43.81 21.42
N TYR B 146 -37.26 43.62 22.19
CA TYR B 146 -36.05 42.94 21.72
C TYR B 146 -35.74 41.74 22.57
N GLY B 147 -34.86 40.90 22.06
CA GLY B 147 -34.43 39.71 22.77
C GLY B 147 -33.10 39.28 22.19
N CYS B 148 -32.62 38.11 22.60
CA CYS B 148 -31.35 37.59 22.11
C CYS B 148 -31.28 36.11 22.45
N LEU B 149 -30.69 35.34 21.53
CA LEU B 149 -30.57 33.89 21.72
C LEU B 149 -29.75 33.49 22.92
N SER B 150 -28.89 34.37 23.38
CA SER B 150 -28.06 34.04 24.52
C SER B 150 -28.95 33.79 25.76
N SER B 151 -30.21 34.22 25.67
CA SER B 151 -31.14 34.06 26.78
C SER B 151 -32.02 32.81 26.67
N ASN B 152 -32.00 32.14 25.52
CA ASN B 152 -32.81 30.93 25.34
C ASN B 152 -31.94 29.69 25.16
N ILE B 153 -30.65 29.88 24.94
CA ILE B 153 -29.71 28.76 24.76
C ILE B 153 -28.61 28.77 25.82
N PRO B 154 -28.59 27.76 26.69
CA PRO B 154 -27.58 27.68 27.75
C PRO B 154 -26.11 27.90 27.36
N ALA B 155 -25.35 28.46 28.30
CA ALA B 155 -23.93 28.71 28.13
C ALA B 155 -23.15 27.54 27.51
N LEU B 156 -23.35 26.35 28.06
CA LEU B 156 -22.65 25.17 27.56
C LEU B 156 -22.88 24.93 26.05
N GLU B 157 -24.11 25.17 25.59
CA GLU B 157 -24.43 24.98 24.21
C GLU B 157 -23.86 26.04 23.28
N LEU B 158 -23.86 27.29 23.72
CA LEU B 158 -23.28 28.33 22.89
C LEU B 158 -21.76 28.14 22.89
N MET B 159 -21.21 27.70 24.01
CA MET B 159 -19.78 27.48 24.04
C MET B 159 -19.40 26.39 23.05
N ALA B 160 -20.22 25.36 22.94
CA ALA B 160 -19.95 24.29 21.99
C ALA B 160 -19.98 24.88 20.60
N LEU B 161 -20.98 25.72 20.32
CA LEU B 161 -21.09 26.37 19.02
C LEU B 161 -19.85 27.22 18.69
N TYR B 162 -19.30 27.93 19.67
CA TYR B 162 -18.13 28.76 19.40
C TYR B 162 -16.88 27.91 19.19
N VAL B 163 -16.73 26.88 20.00
CA VAL B 163 -15.58 26.05 19.86
C VAL B 163 -15.60 25.32 18.52
N ALA B 164 -16.80 24.99 18.04
CA ALA B 164 -16.93 24.29 16.75
C ALA B 164 -16.59 25.22 15.59
N ALA B 165 -16.96 26.49 15.70
CA ALA B 165 -16.65 27.46 14.65
C ALA B 165 -15.13 27.46 14.58
N ALA B 166 -14.51 27.42 15.73
CA ALA B 166 -13.06 27.41 15.84
C ALA B 166 -12.47 26.21 15.11
N MET B 167 -12.94 25.02 15.42
CA MET B 167 -12.38 23.84 14.81
C MET B 167 -12.97 23.34 13.51
N HIS B 168 -14.09 23.89 13.09
CA HIS B 168 -14.80 23.36 11.92
C HIS B 168 -14.14 23.09 10.58
N ASP B 169 -13.06 23.78 10.22
CA ASP B 169 -12.40 23.50 8.95
C ASP B 169 -10.92 23.10 9.18
N TYR B 170 -10.60 22.69 10.40
CA TYR B 170 -9.24 22.29 10.80
C TYR B 170 -8.54 21.29 9.85
N ASP B 171 -7.35 21.66 9.39
CA ASP B 171 -6.57 20.83 8.47
C ASP B 171 -7.28 20.58 7.14
N HIS B 172 -7.91 21.62 6.60
CA HIS B 172 -8.63 21.55 5.32
C HIS B 172 -7.58 21.55 4.22
N PRO B 173 -7.68 20.61 3.25
CA PRO B 173 -6.72 20.52 2.16
C PRO B 173 -6.97 21.38 0.95
N GLY B 174 -8.05 22.17 0.99
CA GLY B 174 -8.33 23.02 -0.16
C GLY B 174 -8.94 22.23 -1.31
N ARG B 175 -9.56 21.11 -0.98
CA ARG B 175 -10.19 20.29 -2.01
C ARG B 175 -11.61 19.87 -1.55
N THR B 176 -12.51 19.53 -2.47
CA THR B 176 -13.88 19.19 -2.08
C THR B 176 -14.03 17.70 -1.66
N ASN B 177 -15.16 17.35 -1.07
CA ASN B 177 -15.40 15.95 -0.66
C ASN B 177 -15.47 15.17 -1.97
N ALA B 178 -16.16 15.73 -2.95
CA ALA B 178 -16.30 15.07 -4.25
C ALA B 178 -14.94 14.74 -4.86
N PHE B 179 -13.99 15.65 -4.72
CA PHE B 179 -12.66 15.46 -5.28
C PHE B 179 -11.98 14.33 -4.55
N LEU B 180 -12.14 14.33 -3.23
CA LEU B 180 -11.55 13.32 -2.37
C LEU B 180 -12.10 11.97 -2.73
N VAL B 181 -13.42 11.88 -2.83
CA VAL B 181 -14.05 10.63 -3.15
C VAL B 181 -13.63 10.11 -4.53
N ALA B 182 -13.47 11.03 -5.47
CA ALA B 182 -13.13 10.66 -6.84
C ALA B 182 -11.70 10.19 -6.99
N THR B 183 -10.77 10.86 -6.35
CA THR B 183 -9.39 10.45 -6.44
C THR B 183 -9.17 9.30 -5.45
N ASN B 184 -10.28 8.84 -4.84
CA ASN B 184 -10.23 7.78 -3.85
C ASN B 184 -9.21 7.99 -2.74
N ALA B 185 -9.10 9.24 -2.29
CA ALA B 185 -8.19 9.60 -1.23
C ALA B 185 -8.36 8.68 -0.02
N PRO B 186 -7.26 8.43 0.71
CA PRO B 186 -7.33 7.56 1.88
C PRO B 186 -8.41 7.98 2.85
N GLN B 187 -8.53 9.29 3.08
CA GLN B 187 -9.55 9.79 3.99
C GLN B 187 -10.94 9.54 3.45
N ALA B 188 -11.10 9.47 2.15
CA ALA B 188 -12.42 9.22 1.59
C ALA B 188 -12.84 7.78 1.94
N VAL B 189 -11.87 6.88 1.81
CA VAL B 189 -12.07 5.47 2.06
C VAL B 189 -12.21 5.25 3.56
N LEU B 190 -11.52 6.07 4.33
CA LEU B 190 -11.52 5.95 5.78
C LEU B 190 -12.86 6.34 6.40
N TYR B 191 -13.61 7.18 5.69
CA TYR B 191 -14.90 7.62 6.18
C TYR B 191 -16.04 7.11 5.34
N ASN B 192 -15.74 6.19 4.43
CA ASN B 192 -16.79 5.64 3.60
C ASN B 192 -17.56 6.63 2.76
N ASP B 193 -16.83 7.65 2.28
CA ASP B 193 -17.33 8.69 1.43
C ASP B 193 -18.38 9.60 2.05
N ARG B 194 -18.57 9.50 3.35
CA ARG B 194 -19.56 10.29 4.05
C ARG B 194 -18.99 11.51 4.78
N SER B 195 -19.42 12.72 4.41
CA SER B 195 -18.91 13.95 5.03
C SER B 195 -17.41 13.80 5.38
N VAL B 196 -16.65 13.34 4.41
CA VAL B 196 -15.22 13.09 4.57
C VAL B 196 -14.49 14.18 5.35
N LEU B 197 -14.45 15.35 4.76
CA LEU B 197 -13.79 16.50 5.35
C LEU B 197 -14.25 16.87 6.72
N GLU B 198 -15.56 17.02 6.87
CA GLU B 198 -16.13 17.40 8.14
C GLU B 198 -15.84 16.39 9.23
N ASN B 199 -15.94 15.10 8.91
CA ASN B 199 -15.62 14.11 9.90
C ASN B 199 -14.18 14.26 10.33
N HIS B 200 -13.31 14.52 9.36
CA HIS B 200 -11.88 14.67 9.61
C HIS B 200 -11.58 15.94 10.41
N HIS B 201 -12.31 17.03 10.15
CA HIS B 201 -12.04 18.27 10.89
C HIS B 201 -12.32 18.03 12.36
N ALA B 202 -13.45 17.37 12.64
CA ALA B 202 -13.85 17.09 14.00
C ALA B 202 -12.99 16.00 14.67
N ALA B 203 -12.67 14.94 13.94
CA ALA B 203 -11.86 13.89 14.50
C ALA B 203 -10.42 14.36 14.81
N SER B 204 -9.82 15.12 13.89
CA SER B 204 -8.47 15.65 14.09
C SER B 204 -8.37 16.62 15.25
N ALA B 205 -9.39 17.49 15.36
CA ALA B 205 -9.38 18.51 16.39
C ALA B 205 -9.62 17.94 17.76
N TRP B 206 -10.38 16.85 17.86
CA TRP B 206 -10.57 16.26 19.19
C TRP B 206 -9.34 15.43 19.54
N ASN B 207 -8.74 14.80 18.54
CA ASN B 207 -7.54 14.02 18.78
C ASN B 207 -6.51 15.00 19.32
N LEU B 208 -6.34 16.14 18.65
CA LEU B 208 -5.39 17.15 19.12
C LEU B 208 -5.69 17.49 20.59
N TYR B 209 -6.88 18.00 20.83
CA TYR B 209 -7.27 18.33 22.19
C TYR B 209 -6.87 17.30 23.25
N LEU B 210 -7.09 16.02 22.96
CA LEU B 210 -6.79 14.97 23.93
C LEU B 210 -5.32 14.50 23.96
N SER B 211 -4.57 14.82 22.91
CA SER B 211 -3.17 14.41 22.80
C SER B 211 -2.27 14.85 23.94
N ARG B 212 -2.58 15.99 24.58
CA ARG B 212 -1.75 16.51 25.64
C ARG B 212 -2.58 17.10 26.74
N PRO B 213 -2.15 16.94 28.00
CA PRO B 213 -2.89 17.48 29.15
C PRO B 213 -2.82 18.99 29.25
N GLU B 214 -1.76 19.61 28.72
CA GLU B 214 -1.70 21.06 28.80
C GLU B 214 -2.68 21.73 27.84
N TYR B 215 -3.58 20.94 27.27
CA TYR B 215 -4.58 21.48 26.34
C TYR B 215 -5.98 21.40 26.98
N ASN B 216 -6.06 20.64 28.07
CA ASN B 216 -7.30 20.36 28.80
C ASN B 216 -7.93 21.55 29.52
N PHE B 217 -8.43 22.52 28.76
CA PHE B 217 -9.02 23.70 29.40
C PHE B 217 -10.42 23.45 29.92
N LEU B 218 -10.92 22.25 29.66
CA LEU B 218 -12.26 21.91 30.07
C LEU B 218 -12.27 21.00 31.31
N LEU B 219 -11.13 20.91 31.99
CA LEU B 219 -11.00 20.07 33.17
C LEU B 219 -12.00 20.35 34.27
N HIS B 220 -12.73 21.45 34.20
CA HIS B 220 -13.69 21.72 35.26
C HIS B 220 -15.14 21.40 34.94
N LEU B 221 -15.33 20.73 33.81
CA LEU B 221 -16.65 20.26 33.41
C LEU B 221 -16.68 18.83 33.92
N ASP B 222 -17.83 18.33 34.35
CA ASP B 222 -17.85 16.94 34.79
C ASP B 222 -17.97 16.04 33.56
N HIS B 223 -17.72 14.75 33.75
CA HIS B 223 -17.73 13.84 32.61
C HIS B 223 -19.04 13.87 31.84
N VAL B 224 -20.13 14.27 32.51
CA VAL B 224 -21.44 14.35 31.85
C VAL B 224 -21.52 15.59 30.95
N GLU B 225 -21.09 16.71 31.49
CA GLU B 225 -21.07 17.96 30.76
C GLU B 225 -20.11 17.87 29.56
N PHE B 226 -18.93 17.32 29.80
CA PHE B 226 -17.92 17.18 28.78
C PHE B 226 -18.41 16.26 27.66
N LYS B 227 -18.99 15.13 28.04
CA LYS B 227 -19.50 14.20 27.03
C LYS B 227 -20.52 14.88 26.14
N ARG B 228 -21.39 15.69 26.74
CA ARG B 228 -22.43 16.38 25.97
C ARG B 228 -21.82 17.49 25.11
N PHE B 229 -20.84 18.19 25.67
CA PHE B 229 -20.14 19.25 24.96
C PHE B 229 -19.54 18.65 23.67
N ARG B 230 -18.82 17.55 23.82
CA ARG B 230 -18.20 16.88 22.69
C ARG B 230 -19.23 16.61 21.60
N PHE B 231 -20.35 16.02 22.00
CA PHE B 231 -21.46 15.71 21.09
C PHE B 231 -21.95 16.95 20.32
N LEU B 232 -22.23 18.03 21.05
CA LEU B 232 -22.69 19.27 20.45
C LEU B 232 -21.70 19.86 19.42
N VAL B 233 -20.40 19.83 19.75
CA VAL B 233 -19.35 20.35 18.86
C VAL B 233 -19.31 19.52 17.57
N ILE B 234 -19.39 18.20 17.71
CA ILE B 234 -19.40 17.32 16.55
C ILE B 234 -20.65 17.54 15.72
N GLU B 235 -21.80 17.71 16.37
CA GLU B 235 -23.05 17.94 15.65
C GLU B 235 -22.96 19.21 14.84
N ALA B 236 -22.39 20.28 15.43
CA ALA B 236 -22.27 21.57 14.74
C ALA B 236 -21.30 21.52 13.58
N ILE B 237 -20.15 20.86 13.75
CA ILE B 237 -19.17 20.79 12.68
C ILE B 237 -19.62 19.98 11.52
N LEU B 238 -20.25 18.84 11.80
CA LEU B 238 -20.75 17.99 10.73
C LEU B 238 -21.88 18.66 9.97
N ALA B 239 -22.61 19.54 10.64
CA ALA B 239 -23.69 20.25 10.00
C ALA B 239 -23.18 21.22 8.91
N THR B 240 -21.87 21.47 8.83
CA THR B 240 -21.37 22.38 7.80
C THR B 240 -21.14 21.72 6.46
N ASP B 241 -21.42 20.42 6.32
CA ASP B 241 -21.24 19.74 5.04
C ASP B 241 -22.41 20.19 4.12
N LEU B 242 -22.11 20.96 3.08
CA LEU B 242 -23.15 21.45 2.18
C LEU B 242 -23.97 20.35 1.50
N LYS B 243 -23.47 19.12 1.55
CA LYS B 243 -24.19 18.02 0.93
C LYS B 243 -25.56 17.80 1.60
N LYS B 244 -25.63 18.11 2.89
CA LYS B 244 -26.81 17.96 3.72
C LYS B 244 -27.62 19.27 3.88
N HIS B 245 -27.24 20.28 3.11
CA HIS B 245 -27.87 21.60 3.18
C HIS B 245 -29.39 21.68 3.10
N PHE B 246 -29.96 21.04 2.09
CA PHE B 246 -31.39 21.11 1.94
C PHE B 246 -32.09 20.28 2.99
N ASP B 247 -31.42 19.25 3.50
CA ASP B 247 -32.04 18.45 4.55
C ASP B 247 -32.15 19.30 5.80
N PHE B 248 -31.07 19.99 6.17
CA PHE B 248 -31.12 20.84 7.35
C PHE B 248 -32.13 21.94 7.18
N LEU B 249 -32.10 22.57 6.02
CA LEU B 249 -33.02 23.64 5.77
C LEU B 249 -34.46 23.15 5.95
N ALA B 250 -34.77 22.01 5.34
CA ALA B 250 -36.11 21.43 5.46
C ALA B 250 -36.45 21.05 6.90
N GLU B 251 -35.59 20.27 7.53
CA GLU B 251 -35.81 19.84 8.90
C GLU B 251 -35.97 21.04 9.84
N PHE B 252 -35.46 22.19 9.41
CA PHE B 252 -35.53 23.41 10.20
C PHE B 252 -36.87 24.10 9.98
N ASN B 253 -37.19 24.33 8.71
CA ASN B 253 -38.44 24.97 8.34
C ASN B 253 -39.66 24.27 8.90
N ALA B 254 -39.49 23.00 9.24
CA ALA B 254 -40.57 22.22 9.80
C ALA B 254 -40.79 22.72 11.21
N LYS B 255 -39.77 22.52 12.04
CA LYS B 255 -39.83 22.91 13.43
C LYS B 255 -39.90 24.40 13.71
N ALA B 256 -39.60 25.24 12.73
CA ALA B 256 -39.61 26.67 13.02
C ALA B 256 -40.40 27.57 12.09
N ASN B 257 -40.78 27.07 10.92
CA ASN B 257 -41.49 27.95 10.00
C ASN B 257 -42.77 27.47 9.35
N ASP B 258 -43.35 26.39 9.86
CA ASP B 258 -44.55 25.93 9.21
C ASP B 258 -45.74 25.49 10.08
N VAL B 259 -46.87 25.43 9.37
CA VAL B 259 -48.19 25.04 9.83
C VAL B 259 -48.37 24.55 11.25
N ASN B 260 -49.54 24.89 11.80
CA ASN B 260 -49.94 24.51 13.17
C ASN B 260 -48.80 24.32 14.17
N SER B 261 -47.81 25.21 14.09
CA SER B 261 -46.68 25.13 15.01
C SER B 261 -46.39 26.56 15.44
N ASN B 262 -46.11 26.75 16.73
CA ASN B 262 -45.79 28.09 17.21
C ASN B 262 -44.27 28.26 17.08
N GLY B 263 -43.63 27.30 16.43
CA GLY B 263 -42.19 27.36 16.22
C GLY B 263 -41.28 26.51 17.10
N ILE B 264 -40.18 27.14 17.54
CA ILE B 264 -39.20 26.47 18.38
C ILE B 264 -39.69 26.34 19.81
N GLU B 265 -39.14 25.36 20.52
CA GLU B 265 -39.47 25.10 21.89
C GLU B 265 -38.15 25.20 22.64
N TRP B 266 -37.76 26.43 22.97
CA TRP B 266 -36.49 26.68 23.64
C TRP B 266 -36.17 25.72 24.78
N SER B 267 -37.19 24.95 25.17
CA SER B 267 -37.07 23.97 26.25
C SER B 267 -36.66 22.62 25.69
N ASN B 268 -36.74 22.51 24.37
CA ASN B 268 -36.40 21.27 23.67
C ASN B 268 -34.94 21.25 23.22
N GLU B 269 -34.18 20.30 23.73
CA GLU B 269 -32.78 20.13 23.37
C GLU B 269 -32.57 20.07 21.85
N ASN B 270 -33.32 19.20 21.18
CA ASN B 270 -33.21 19.02 19.74
C ASN B 270 -33.51 20.26 18.93
N ASP B 271 -34.52 21.01 19.34
CA ASP B 271 -34.86 22.26 18.66
C ASP B 271 -33.66 23.23 18.82
N ARG B 272 -33.14 23.33 20.04
CA ARG B 272 -31.99 24.17 20.35
C ARG B 272 -30.81 23.82 19.43
N LEU B 273 -30.54 22.53 19.27
CA LEU B 273 -29.44 22.08 18.43
C LEU B 273 -29.65 22.45 16.98
N LEU B 274 -30.88 22.30 16.50
CA LEU B 274 -31.15 22.61 15.11
C LEU B 274 -30.92 24.11 14.83
N VAL B 275 -31.22 24.93 15.83
CA VAL B 275 -31.06 26.39 15.75
C VAL B 275 -29.58 26.65 15.65
N CYS B 276 -28.81 26.01 16.51
CA CYS B 276 -27.35 26.16 16.52
C CYS B 276 -26.69 25.74 15.22
N GLN B 277 -27.20 24.67 14.63
CA GLN B 277 -26.67 24.14 13.39
C GLN B 277 -26.96 25.06 12.21
N VAL B 278 -28.11 25.72 12.23
CA VAL B 278 -28.45 26.61 11.14
C VAL B 278 -27.66 27.87 11.37
N CYS B 279 -27.40 28.21 12.63
CA CYS B 279 -26.64 29.39 12.89
C CYS B 279 -25.20 29.23 12.37
N ILE B 280 -24.57 28.08 12.64
CA ILE B 280 -23.21 27.92 12.15
C ILE B 280 -23.17 27.73 10.63
N LYS B 281 -24.26 27.24 10.04
CA LYS B 281 -24.29 27.08 8.57
C LYS B 281 -24.30 28.46 7.92
N LEU B 282 -25.06 29.38 8.48
CA LEU B 282 -25.16 30.72 7.94
C LEU B 282 -23.80 31.39 8.06
N ALA B 283 -23.25 31.38 9.28
CA ALA B 283 -21.94 31.96 9.55
C ALA B 283 -20.86 31.38 8.66
N ASP B 284 -21.01 30.12 8.27
CA ASP B 284 -20.02 29.47 7.44
C ASP B 284 -19.96 30.00 6.01
N ILE B 285 -21.09 30.44 5.50
CA ILE B 285 -21.15 31.00 4.16
C ILE B 285 -21.61 32.47 4.22
N ASN B 286 -21.19 33.20 5.25
CA ASN B 286 -21.66 34.57 5.44
C ASN B 286 -21.23 35.65 4.41
N GLY B 287 -20.14 35.40 3.69
CA GLY B 287 -19.65 36.35 2.72
C GLY B 287 -20.64 37.27 2.02
N PRO B 288 -21.51 36.73 1.15
CA PRO B 288 -22.46 37.59 0.46
C PRO B 288 -23.50 38.34 1.29
N ALA B 289 -23.50 38.17 2.61
CA ALA B 289 -24.47 38.90 3.44
C ALA B 289 -23.73 39.95 4.28
N LYS B 290 -22.51 40.22 3.85
CA LYS B 290 -21.64 41.21 4.47
C LYS B 290 -21.57 42.34 3.47
N VAL B 291 -20.90 43.43 3.84
CA VAL B 291 -20.74 44.58 2.97
C VAL B 291 -19.92 44.18 1.73
N ARG B 292 -20.26 44.79 0.60
CA ARG B 292 -19.57 44.52 -0.66
C ARG B 292 -18.05 44.31 -0.60
N ASP B 293 -17.33 45.08 0.21
CA ASP B 293 -15.88 44.94 0.28
C ASP B 293 -15.45 43.65 0.95
N LEU B 294 -16.20 43.23 1.96
CA LEU B 294 -15.88 42.00 2.65
C LEU B 294 -16.25 40.85 1.69
N HIS B 295 -17.45 40.91 1.14
CA HIS B 295 -17.98 39.92 0.21
C HIS B 295 -17.05 39.53 -0.93
N LEU B 296 -16.40 40.52 -1.53
CA LEU B 296 -15.50 40.29 -2.66
C LEU B 296 -14.13 39.74 -2.23
N LYS B 297 -13.72 40.07 -1.02
CA LYS B 297 -12.47 39.57 -0.50
C LYS B 297 -12.60 38.02 -0.28
N TRP B 298 -13.74 37.58 0.24
CA TRP B 298 -14.00 36.16 0.46
C TRP B 298 -14.24 35.43 -0.88
N THR B 299 -14.94 36.11 -1.79
CA THR B 299 -15.22 35.56 -3.10
C THR B 299 -13.92 35.27 -3.79
N GLU B 300 -12.99 36.22 -3.71
CA GLU B 300 -11.67 36.05 -4.30
C GLU B 300 -10.96 34.83 -3.73
N GLY B 301 -11.09 34.60 -2.42
CA GLY B 301 -10.45 33.47 -1.78
C GLY B 301 -10.98 32.11 -2.25
N ILE B 302 -12.30 32.01 -2.35
CA ILE B 302 -12.89 30.76 -2.78
C ILE B 302 -12.56 30.45 -4.27
N VAL B 303 -12.47 31.48 -5.11
CA VAL B 303 -12.16 31.21 -6.51
C VAL B 303 -10.73 30.75 -6.67
N ASN B 304 -9.80 31.35 -5.95
CA ASN B 304 -8.42 30.92 -6.08
C ASN B 304 -8.29 29.47 -5.59
N GLU B 305 -9.05 29.12 -4.56
CA GLU B 305 -8.96 27.75 -4.03
C GLU B 305 -9.51 26.74 -5.07
N PHE B 306 -10.64 27.07 -5.69
CA PHE B 306 -11.19 26.21 -6.72
C PHE B 306 -10.21 26.04 -7.89
N TYR B 307 -9.44 27.08 -8.20
CA TYR B 307 -8.50 27.02 -9.31
C TYR B 307 -7.34 26.11 -8.97
N GLU B 308 -6.90 26.10 -7.72
CA GLU B 308 -5.81 25.21 -7.36
C GLU B 308 -6.29 23.77 -7.48
N GLN B 309 -7.54 23.53 -7.08
CA GLN B 309 -8.11 22.19 -7.21
C GLN B 309 -8.24 21.77 -8.67
N GLY B 310 -8.69 22.70 -9.52
CA GLY B 310 -8.86 22.43 -10.93
C GLY B 310 -7.54 22.09 -11.64
N ASP B 311 -6.45 22.72 -11.20
CA ASP B 311 -5.14 22.46 -11.81
C ASP B 311 -4.78 21.02 -11.49
N GLU B 312 -4.91 20.62 -10.23
CA GLU B 312 -4.60 19.23 -9.86
C GLU B 312 -5.48 18.25 -10.62
N GLU B 313 -6.77 18.57 -10.78
CA GLU B 313 -7.70 17.69 -11.50
C GLU B 313 -7.20 17.47 -12.94
N ALA B 314 -6.83 18.57 -13.61
CA ALA B 314 -6.33 18.51 -14.98
C ALA B 314 -5.03 17.72 -14.99
N ASN B 315 -4.18 17.97 -14.00
CA ASN B 315 -2.93 17.28 -13.92
C ASN B 315 -3.11 15.79 -13.79
N LEU B 316 -4.19 15.39 -13.12
CA LEU B 316 -4.47 13.97 -12.94
C LEU B 316 -5.28 13.38 -14.10
N GLY B 317 -5.46 14.16 -15.15
CA GLY B 317 -6.21 13.68 -16.28
C GLY B 317 -7.67 13.58 -15.92
N LEU B 318 -8.06 14.23 -14.84
CA LEU B 318 -9.46 14.17 -14.47
C LEU B 318 -10.20 15.33 -15.13
N PRO B 319 -11.52 15.20 -15.28
CA PRO B 319 -12.28 16.30 -15.90
C PRO B 319 -12.30 17.43 -14.88
N ILE B 320 -12.02 18.64 -15.33
CA ILE B 320 -12.01 19.80 -14.45
C ILE B 320 -13.44 20.11 -14.02
N SER B 321 -13.63 20.33 -12.73
CA SER B 321 -14.94 20.61 -12.18
C SER B 321 -15.51 21.95 -12.63
N PRO B 322 -16.84 22.09 -12.56
CA PRO B 322 -17.56 23.31 -12.93
C PRO B 322 -17.02 24.44 -12.07
N PHE B 323 -16.80 25.58 -12.70
CA PHE B 323 -16.33 26.78 -12.03
C PHE B 323 -14.89 26.71 -11.53
N MET B 324 -14.17 25.65 -11.84
CA MET B 324 -12.82 25.52 -11.32
C MET B 324 -11.73 25.56 -12.37
N ASP B 325 -12.11 25.93 -13.58
CA ASP B 325 -11.19 26.04 -14.71
C ASP B 325 -10.72 27.50 -14.82
N ARG B 326 -9.50 27.82 -14.41
CA ARG B 326 -9.03 29.22 -14.49
C ARG B 326 -8.93 29.72 -15.94
N SER B 327 -8.94 28.82 -16.91
CA SER B 327 -8.86 29.27 -18.29
C SER B 327 -10.26 29.47 -18.87
N SER B 328 -11.28 29.05 -18.16
CA SER B 328 -12.64 29.18 -18.67
C SER B 328 -13.59 29.50 -17.50
N PRO B 329 -13.30 30.59 -16.78
CA PRO B 329 -14.01 31.11 -15.61
C PRO B 329 -15.48 31.43 -15.76
N GLN B 330 -16.22 31.29 -14.67
CA GLN B 330 -17.63 31.63 -14.67
C GLN B 330 -17.97 32.18 -13.29
N LEU B 331 -17.12 33.11 -12.85
CA LEU B 331 -17.22 33.77 -11.57
C LEU B 331 -18.60 34.34 -11.25
N ALA B 332 -19.20 35.08 -12.19
CA ALA B 332 -20.52 35.62 -11.90
C ALA B 332 -21.58 34.54 -11.73
N LYS B 333 -21.64 33.58 -12.67
CA LYS B 333 -22.62 32.49 -12.60
C LYS B 333 -22.48 31.74 -11.27
N LEU B 334 -21.24 31.55 -10.85
CA LEU B 334 -20.95 30.90 -9.58
C LEU B 334 -21.63 31.65 -8.44
N GLN B 335 -21.26 32.92 -8.24
CA GLN B 335 -21.86 33.69 -7.17
C GLN B 335 -23.38 33.82 -7.26
N GLU B 336 -23.87 34.18 -8.44
CA GLU B 336 -25.29 34.35 -8.63
C GLU B 336 -26.03 33.05 -8.25
N SER B 337 -25.51 31.91 -8.70
CA SER B 337 -26.13 30.62 -8.38
C SER B 337 -26.08 30.29 -6.89
N PHE B 338 -24.88 30.31 -6.34
CA PHE B 338 -24.66 30.00 -4.93
C PHE B 338 -25.50 30.90 -3.98
N ILE B 339 -25.71 32.16 -4.34
CA ILE B 339 -26.52 33.07 -3.51
C ILE B 339 -28.00 32.72 -3.68
N THR B 340 -28.38 32.36 -4.89
CA THR B 340 -29.77 32.07 -5.21
C THR B 340 -30.23 30.73 -4.68
N HIS B 341 -29.36 29.73 -4.77
CA HIS B 341 -29.73 28.39 -4.33
C HIS B 341 -29.28 27.96 -2.92
N ILE B 342 -28.25 28.60 -2.39
CA ILE B 342 -27.75 28.21 -1.07
C ILE B 342 -27.84 29.29 0.00
N VAL B 343 -27.07 30.36 -0.11
CA VAL B 343 -27.11 31.40 0.91
C VAL B 343 -28.51 32.00 1.08
N GLY B 344 -29.08 32.50 -0.01
CA GLY B 344 -30.41 33.11 0.03
C GLY B 344 -31.46 32.32 0.78
N PRO B 345 -31.84 31.14 0.30
CA PRO B 345 -32.85 30.37 1.02
C PRO B 345 -32.51 30.06 2.48
N LEU B 346 -31.22 30.00 2.81
CA LEU B 346 -30.83 29.72 4.19
C LEU B 346 -31.15 30.95 5.05
N CYS B 347 -30.95 32.15 4.51
CA CYS B 347 -31.27 33.36 5.26
C CYS B 347 -32.79 33.58 5.33
N ASN B 348 -33.45 33.60 4.19
CA ASN B 348 -34.90 33.82 4.16
C ASN B 348 -35.53 32.87 5.16
N SER B 349 -35.00 31.65 5.21
CA SER B 349 -35.50 30.63 6.12
C SER B 349 -35.24 31.03 7.59
N TYR B 350 -34.02 31.50 7.87
CA TYR B 350 -33.61 31.94 9.21
C TYR B 350 -34.36 33.21 9.62
N ASP B 351 -34.71 34.01 8.63
CA ASP B 351 -35.41 35.24 8.96
C ASP B 351 -36.85 34.95 9.33
N ALA B 352 -37.55 34.20 8.49
CA ALA B 352 -38.95 33.84 8.75
C ALA B 352 -39.04 33.26 10.14
N ALA B 353 -37.99 32.58 10.58
CA ALA B 353 -37.99 32.04 11.94
C ALA B 353 -38.01 33.20 12.96
N GLY B 354 -37.47 34.36 12.55
CA GLY B 354 -37.42 35.54 13.42
C GLY B 354 -36.22 35.62 14.34
N LEU B 355 -35.21 34.81 14.04
CA LEU B 355 -34.00 34.73 14.84
C LEU B 355 -32.90 35.69 14.43
N LEU B 356 -33.09 36.45 13.36
CA LEU B 356 -32.05 37.39 12.95
C LEU B 356 -31.97 38.65 13.80
N PRO B 357 -30.77 39.05 14.21
CA PRO B 357 -30.70 40.25 15.03
C PRO B 357 -30.94 41.41 14.08
N GLY B 358 -31.97 42.20 14.37
CA GLY B 358 -32.29 43.35 13.54
C GLY B 358 -32.88 44.46 14.39
N GLN B 359 -33.53 45.43 13.73
CA GLN B 359 -34.17 46.53 14.45
C GLN B 359 -35.44 47.03 13.77
N TRP B 360 -36.42 47.44 14.57
CA TRP B 360 -37.66 47.99 14.04
C TRP B 360 -37.30 49.39 13.59
N LEU B 361 -37.92 49.86 12.52
CA LEU B 361 -37.62 51.21 12.01
C LEU B 361 -38.45 52.33 12.67
N GLU B 362 -39.77 52.27 12.47
CA GLU B 362 -40.74 53.24 13.00
C GLU B 362 -42.04 53.30 12.20
N SER B 400 -39.94 49.10 19.08
CA SER B 400 -41.05 49.53 18.18
C SER B 400 -41.89 48.34 17.71
N ARG B 401 -42.46 48.47 16.51
CA ARG B 401 -43.27 47.41 15.91
C ARG B 401 -43.54 47.63 14.40
N ARG B 402 -44.50 46.85 13.89
CA ARG B 402 -44.88 46.91 12.49
C ARG B 402 -43.80 46.29 11.57
N ARG B 403 -42.68 46.99 11.33
CA ARG B 403 -41.64 46.45 10.44
C ARG B 403 -40.24 46.41 11.02
N ILE B 404 -39.40 45.54 10.43
CA ILE B 404 -38.02 45.32 10.86
C ILE B 404 -36.94 45.44 9.76
N PHE B 405 -35.91 46.25 10.02
CA PHE B 405 -34.81 46.39 9.07
C PHE B 405 -33.64 45.47 9.47
N CYS B 406 -33.33 44.50 8.60
CA CYS B 406 -32.24 43.56 8.88
C CYS B 406 -31.08 43.83 7.95
N GLN B 407 -29.95 44.20 8.54
CA GLN B 407 -28.78 44.53 7.76
C GLN B 407 -28.28 43.45 6.78
N LEU B 408 -28.15 42.21 7.25
CA LEU B 408 -27.63 41.16 6.40
C LEU B 408 -28.46 40.87 5.13
N MET B 409 -29.78 41.03 5.23
CA MET B 409 -30.65 40.81 4.07
C MET B 409 -30.41 41.87 2.99
N HIS B 410 -30.11 43.09 3.44
CA HIS B 410 -29.82 44.21 2.56
C HIS B 410 -28.55 43.90 1.76
N HIS B 411 -27.49 43.56 2.46
CA HIS B 411 -26.22 43.23 1.83
C HIS B 411 -26.39 42.12 0.79
N LEU B 412 -27.13 41.11 1.21
CA LEU B 412 -27.41 39.98 0.38
C LEU B 412 -28.09 40.39 -0.92
N THR B 413 -29.11 41.23 -0.82
CA THR B 413 -29.84 41.69 -1.99
C THR B 413 -28.90 42.51 -2.86
N GLU B 414 -28.19 43.44 -2.25
CA GLU B 414 -27.26 44.25 -3.00
C GLU B 414 -26.15 43.44 -3.68
N ASN B 415 -25.52 42.52 -2.95
CA ASN B 415 -24.43 41.73 -3.54
C ASN B 415 -24.94 40.85 -4.69
N HIS B 416 -26.21 40.51 -4.62
CA HIS B 416 -26.78 39.68 -5.67
C HIS B 416 -26.78 40.47 -6.98
N LYS B 417 -27.18 41.75 -6.91
CA LYS B 417 -27.25 42.61 -8.09
C LYS B 417 -25.92 42.71 -8.80
N ILE B 418 -24.82 42.41 -8.09
CA ILE B 418 -23.50 42.46 -8.71
C ILE B 418 -23.33 41.40 -9.79
N TRP B 419 -23.93 40.23 -9.57
CA TRP B 419 -23.74 39.09 -10.47
C TRP B 419 -24.91 38.63 -11.34
N LYS B 420 -26.10 39.08 -10.99
CA LYS B 420 -27.32 38.71 -11.72
C LYS B 420 -27.44 39.61 -12.95
N LEU C 6 2.29 -21.61 20.90
CA LEU C 6 1.54 -21.00 22.03
C LEU C 6 1.99 -19.55 22.28
N ASP C 7 1.80 -19.06 23.51
CA ASP C 7 2.19 -17.70 23.87
C ASP C 7 1.72 -17.43 25.30
N LEU C 8 1.31 -18.51 25.97
CA LEU C 8 0.84 -18.48 27.36
C LEU C 8 1.93 -17.92 28.29
N ILE C 9 1.51 -17.16 29.30
CA ILE C 9 2.44 -16.53 30.27
C ILE C 9 3.53 -15.67 29.58
N LEU C 10 3.31 -15.32 28.30
CA LEU C 10 4.29 -14.51 27.56
C LEU C 10 4.49 -13.14 28.22
N VAL C 11 3.63 -12.82 29.18
CA VAL C 11 3.74 -11.54 29.90
C VAL C 11 5.06 -11.61 30.66
N GLU C 12 5.22 -12.75 31.34
CA GLU C 12 6.40 -13.10 32.16
C GLU C 12 7.62 -13.33 31.27
N GLU C 13 7.45 -14.20 30.26
CA GLU C 13 8.51 -14.52 29.32
C GLU C 13 9.15 -13.24 28.80
N TYR C 14 8.33 -12.41 28.17
CA TYR C 14 8.76 -11.14 27.60
C TYR C 14 9.65 -10.29 28.53
N ASP C 15 9.30 -10.20 29.80
CA ASP C 15 10.09 -9.41 30.75
C ASP C 15 11.49 -10.00 30.98
N SER C 16 11.54 -11.29 31.29
CA SER C 16 12.82 -11.94 31.54
C SER C 16 13.65 -12.01 30.26
N LEU C 17 13.00 -12.30 29.12
CA LEU C 17 13.67 -12.40 27.84
C LEU C 17 14.31 -11.08 27.40
N ILE C 18 13.51 -10.03 27.41
CA ILE C 18 13.99 -8.72 26.99
C ILE C 18 15.12 -8.29 27.90
N GLU C 19 15.07 -8.72 29.16
CA GLU C 19 16.13 -8.36 30.08
C GLU C 19 17.45 -9.05 29.67
N LYS C 20 17.38 -10.33 29.40
CA LYS C 20 18.58 -11.05 28.99
C LYS C 20 19.14 -10.46 27.69
N MET C 21 18.26 -10.12 26.75
CA MET C 21 18.69 -9.56 25.47
C MET C 21 19.20 -8.14 25.56
N SER C 22 18.84 -7.45 26.64
CA SER C 22 19.29 -6.08 26.79
C SER C 22 20.81 -6.02 26.88
N ASN C 23 21.45 -7.18 26.98
CA ASN C 23 22.92 -7.21 27.07
C ASN C 23 23.54 -7.56 25.71
N TRP C 24 24.61 -6.85 25.33
CA TRP C 24 25.29 -7.12 24.06
C TRP C 24 25.67 -8.59 23.99
N ASN C 25 26.15 -9.13 25.11
CA ASN C 25 26.52 -10.53 25.21
C ASN C 25 25.31 -11.28 25.72
N PHE C 26 24.25 -11.30 24.93
CA PHE C 26 23.03 -11.98 25.32
C PHE C 26 23.30 -13.49 25.36
N PRO C 27 23.16 -14.13 26.53
CA PRO C 27 23.41 -15.58 26.63
C PRO C 27 22.45 -16.43 25.83
N ILE C 28 22.53 -16.27 24.52
CA ILE C 28 21.66 -16.99 23.62
C ILE C 28 21.64 -18.52 23.78
N PHE C 29 22.75 -19.14 24.17
CA PHE C 29 22.75 -20.60 24.32
C PHE C 29 22.01 -21.09 25.54
N GLU C 30 21.94 -20.22 26.55
CA GLU C 30 21.23 -20.55 27.76
C GLU C 30 19.77 -20.61 27.35
N LEU C 31 19.32 -19.57 26.65
CA LEU C 31 17.94 -19.51 26.17
C LEU C 31 17.57 -20.82 25.44
N VAL C 32 18.50 -21.27 24.61
CA VAL C 32 18.31 -22.49 23.84
C VAL C 32 18.10 -23.68 24.73
N GLU C 33 18.98 -23.83 25.72
CA GLU C 33 18.87 -24.97 26.62
C GLU C 33 17.67 -24.87 27.53
N LYS C 34 17.27 -23.66 27.88
CA LYS C 34 16.11 -23.51 28.74
C LYS C 34 14.79 -23.80 28.00
N MET C 35 14.81 -23.77 26.67
CA MET C 35 13.59 -24.03 25.90
C MET C 35 13.36 -25.53 25.70
N GLY C 36 14.42 -26.30 25.85
CA GLY C 36 14.32 -27.73 25.69
C GLY C 36 13.86 -28.21 24.33
N GLU C 37 12.77 -28.97 24.32
CA GLU C 37 12.21 -29.50 23.07
C GLU C 37 11.56 -28.42 22.21
N LYS C 38 11.37 -27.24 22.78
CA LYS C 38 10.76 -26.15 22.05
C LYS C 38 11.77 -25.15 21.53
N SER C 39 13.04 -25.55 21.53
CA SER C 39 14.12 -24.69 21.04
C SER C 39 13.98 -24.39 19.54
N GLY C 40 13.17 -25.19 18.85
CA GLY C 40 12.97 -24.99 17.42
C GLY C 40 12.16 -23.74 17.10
N ARG C 41 11.52 -23.18 18.12
CA ARG C 41 10.72 -21.97 17.95
C ARG C 41 11.43 -20.77 18.61
N ILE C 42 12.75 -20.73 18.49
CA ILE C 42 13.51 -19.68 19.14
C ILE C 42 13.57 -18.38 18.36
N LEU C 43 13.53 -18.49 17.05
CA LEU C 43 13.60 -17.31 16.23
C LEU C 43 12.24 -16.57 16.21
N SER C 44 11.16 -17.34 16.22
CA SER C 44 9.84 -16.76 16.20
C SER C 44 9.48 -16.05 17.50
N GLN C 45 9.91 -16.60 18.63
CA GLN C 45 9.63 -16.00 19.93
C GLN C 45 10.43 -14.72 20.12
N VAL C 46 11.65 -14.74 19.62
CA VAL C 46 12.51 -13.56 19.75
C VAL C 46 11.98 -12.42 18.87
N MET C 47 11.57 -12.74 17.65
CA MET C 47 11.01 -11.78 16.69
C MET C 47 9.81 -11.09 17.32
N TYR C 48 8.89 -11.88 17.86
CA TYR C 48 7.71 -11.33 18.50
C TYR C 48 8.10 -10.43 19.67
N THR C 49 9.18 -10.81 20.35
CA THR C 49 9.62 -10.06 21.50
C THR C 49 10.26 -8.74 21.09
N LEU C 50 11.20 -8.80 20.15
CA LEU C 50 11.84 -7.56 19.75
C LEU C 50 10.84 -6.72 18.99
N PHE C 51 9.79 -7.34 18.46
CA PHE C 51 8.79 -6.55 17.72
C PHE C 51 7.91 -5.80 18.70
N GLN C 52 7.72 -6.34 19.90
CA GLN C 52 6.94 -5.68 20.97
C GLN C 52 7.74 -4.50 21.51
N ASP C 53 9.01 -4.77 21.82
CA ASP C 53 9.94 -3.80 22.39
C ASP C 53 10.08 -2.54 21.56
N THR C 54 10.08 -2.70 20.24
CA THR C 54 10.22 -1.56 19.31
C THR C 54 8.90 -0.88 19.00
N GLY C 55 7.81 -1.61 19.16
CA GLY C 55 6.52 -1.02 18.88
C GLY C 55 6.10 -1.20 17.43
N LEU C 56 6.86 -2.02 16.70
CA LEU C 56 6.54 -2.26 15.30
C LEU C 56 5.18 -2.93 15.16
N LEU C 57 4.79 -3.73 16.15
CA LEU C 57 3.50 -4.40 16.09
C LEU C 57 2.37 -3.39 16.05
N GLU C 58 2.55 -2.27 16.76
CA GLU C 58 1.55 -1.21 16.80
C GLU C 58 1.57 -0.31 15.57
N ILE C 59 2.77 0.17 15.25
CA ILE C 59 3.00 1.06 14.11
C ILE C 59 2.43 0.50 12.82
N PHE C 60 2.53 -0.80 12.62
CA PHE C 60 2.01 -1.40 11.40
C PHE C 60 0.84 -2.29 11.67
N LYS C 61 0.27 -2.15 12.85
CA LYS C 61 -0.91 -2.91 13.21
C LYS C 61 -0.80 -4.36 12.76
N ILE C 62 0.35 -4.98 13.05
CA ILE C 62 0.59 -6.36 12.67
C ILE C 62 -0.31 -7.38 13.40
N PRO C 63 -0.96 -8.29 12.65
CA PRO C 63 -1.79 -9.28 13.36
C PRO C 63 -0.86 -10.39 13.87
N THR C 64 -0.88 -10.59 15.18
CA THR C 64 -0.04 -11.58 15.85
C THR C 64 -0.06 -12.98 15.29
N GLN C 65 -1.26 -13.49 15.00
CA GLN C 65 -1.41 -14.84 14.50
C GLN C 65 -0.63 -15.11 13.21
N GLN C 66 -0.82 -14.27 12.20
CA GLN C 66 -0.16 -14.44 10.90
C GLN C 66 1.33 -14.19 10.99
N PHE C 67 1.73 -13.26 11.83
CA PHE C 67 3.13 -12.93 12.04
C PHE C 67 3.84 -14.20 12.55
N MET C 68 3.28 -14.79 13.59
CA MET C 68 3.85 -16.00 14.18
C MET C 68 3.76 -17.16 13.22
N ASN C 69 2.68 -17.25 12.47
CA ASN C 69 2.59 -18.37 11.53
C ASN C 69 3.75 -18.32 10.54
N TYR C 70 4.07 -17.13 10.04
CA TYR C 70 5.13 -17.02 9.04
C TYR C 70 6.48 -17.35 9.60
N PHE C 71 6.83 -16.63 10.66
CA PHE C 71 8.11 -16.83 11.28
C PHE C 71 8.31 -18.23 11.90
N ARG C 72 7.23 -18.94 12.17
CA ARG C 72 7.39 -20.30 12.67
C ARG C 72 7.77 -21.14 11.45
N ALA C 73 7.12 -20.85 10.33
CA ALA C 73 7.38 -21.56 9.06
C ALA C 73 8.77 -21.24 8.56
N LEU C 74 9.19 -20.01 8.80
CA LEU C 74 10.51 -19.58 8.37
C LEU C 74 11.55 -20.39 9.15
N GLU C 75 11.41 -20.45 10.48
CA GLU C 75 12.34 -21.19 11.34
C GLU C 75 12.54 -22.59 10.81
N ASN C 76 11.43 -23.30 10.65
CA ASN C 76 11.43 -24.66 10.17
C ASN C 76 12.17 -24.84 8.86
N GLY C 77 12.53 -23.72 8.24
CA GLY C 77 13.24 -23.82 6.97
C GLY C 77 14.74 -23.80 7.16
N TYR C 78 15.20 -23.50 8.36
CA TYR C 78 16.63 -23.51 8.63
C TYR C 78 17.02 -24.93 8.97
N ARG C 79 18.05 -25.43 8.30
CA ARG C 79 18.50 -26.80 8.53
C ARG C 79 19.29 -27.01 9.83
N ASP C 80 19.40 -28.28 10.23
CA ASP C 80 20.13 -28.63 11.43
C ASP C 80 21.61 -28.82 11.10
N ILE C 81 22.28 -27.72 10.77
CA ILE C 81 23.71 -27.74 10.46
C ILE C 81 24.39 -26.99 11.60
N PRO C 82 25.71 -27.23 11.79
CA PRO C 82 26.47 -26.59 12.87
C PRO C 82 26.53 -25.06 12.98
N TYR C 83 26.59 -24.35 11.85
CA TYR C 83 26.67 -22.89 11.92
C TYR C 83 25.44 -22.09 11.43
N HIS C 84 25.14 -22.15 10.13
CA HIS C 84 24.04 -21.40 9.56
C HIS C 84 22.61 -21.94 9.79
N ASN C 85 22.16 -21.90 11.04
CA ASN C 85 20.84 -22.39 11.48
C ASN C 85 19.98 -21.31 12.16
N ARG C 86 18.83 -21.73 12.72
CA ARG C 86 17.88 -20.84 13.42
C ARG C 86 18.56 -19.95 14.45
N ILE C 87 19.45 -20.55 15.23
CA ILE C 87 20.16 -19.84 16.29
C ILE C 87 20.98 -18.72 15.72
N HIS C 88 21.76 -18.98 14.67
CA HIS C 88 22.56 -17.92 14.06
C HIS C 88 21.65 -16.77 13.59
N ALA C 89 20.54 -17.13 12.91
CA ALA C 89 19.56 -16.17 12.40
C ALA C 89 19.14 -15.27 13.55
N THR C 90 18.69 -15.90 14.62
CA THR C 90 18.26 -15.19 15.81
C THR C 90 19.35 -14.23 16.29
N ASP C 91 20.57 -14.74 16.33
CA ASP C 91 21.71 -13.99 16.81
C ASP C 91 21.98 -12.76 15.98
N VAL C 92 21.87 -12.89 14.66
CA VAL C 92 22.08 -11.74 13.77
C VAL C 92 20.97 -10.73 14.01
N LEU C 93 19.78 -11.27 14.24
CA LEU C 93 18.58 -10.48 14.49
C LEU C 93 18.75 -9.63 15.74
N HIS C 94 19.31 -10.23 16.79
CA HIS C 94 19.53 -9.52 18.02
C HIS C 94 20.62 -8.48 17.90
N ALA C 95 21.56 -8.69 17.00
CA ALA C 95 22.65 -7.73 16.83
C ALA C 95 22.16 -6.47 16.13
N VAL C 96 21.57 -6.61 14.95
CA VAL C 96 21.07 -5.45 14.24
C VAL C 96 20.13 -4.66 15.15
N TRP C 97 19.28 -5.35 15.89
CA TRP C 97 18.36 -4.69 16.80
C TRP C 97 19.11 -3.86 17.83
N TYR C 98 20.06 -4.52 18.50
CA TYR C 98 20.85 -3.89 19.54
C TYR C 98 21.63 -2.72 18.98
N LEU C 99 22.16 -2.87 17.78
CA LEU C 99 22.98 -1.83 17.15
C LEU C 99 22.22 -0.59 16.72
N THR C 100 20.95 -0.78 16.41
CA THR C 100 20.10 0.30 15.97
C THR C 100 19.23 0.95 17.06
N THR C 101 19.29 0.44 18.28
CA THR C 101 18.47 1.01 19.35
C THR C 101 19.20 1.52 20.61
N ARG C 102 20.39 1.00 20.91
CA ARG C 102 21.12 1.42 22.12
C ARG C 102 21.87 2.74 21.94
N PRO C 103 22.14 3.45 23.05
CA PRO C 103 22.84 4.73 23.05
C PRO C 103 24.19 4.78 22.31
N VAL C 104 24.38 5.81 21.50
CA VAL C 104 25.62 6.00 20.76
C VAL C 104 26.21 7.35 21.09
N PRO C 105 27.45 7.36 21.60
CA PRO C 105 28.19 8.57 22.00
C PRO C 105 28.30 9.64 20.92
N GLY C 106 27.62 10.75 21.15
CA GLY C 106 27.67 11.90 20.23
C GLY C 106 26.92 11.79 18.92
N LEU C 107 25.98 10.86 18.83
CA LEU C 107 25.23 10.69 17.59
C LEU C 107 24.11 11.74 17.40
N GLN C 108 24.32 12.65 16.44
CA GLN C 108 23.34 13.67 16.17
C GLN C 108 22.01 13.06 15.75
N GLN C 109 20.99 13.26 16.58
CA GLN C 109 19.65 12.74 16.27
C GLN C 109 19.06 13.69 15.22
N ILE C 110 18.05 13.26 14.47
CA ILE C 110 17.43 14.18 13.51
C ILE C 110 15.98 14.46 13.92
N HIS C 111 15.20 13.39 14.15
CA HIS C 111 13.79 13.53 14.53
C HIS C 111 13.12 12.26 15.09
N ASN C 112 12.96 12.26 16.42
CA ASN C 112 12.33 11.14 17.15
C ASN C 112 10.79 11.30 17.22
N GLY C 113 10.11 11.02 16.10
CA GLY C 113 8.65 11.12 16.02
C GLY C 113 7.92 9.97 16.77
N CYS C 114 6.86 9.46 16.16
CA CYS C 114 6.06 8.38 16.76
C CYS C 114 6.34 7.08 16.02
N ASP C 121 1.29 16.11 14.87
CA ASP C 121 1.55 17.56 15.17
C ASP C 121 2.62 17.75 16.27
N SER C 122 3.17 18.95 16.36
CA SER C 122 4.21 19.27 17.37
C SER C 122 3.75 20.40 18.30
N ASP C 123 3.75 21.64 17.80
CA ASP C 123 3.30 22.80 18.61
C ASP C 123 2.12 23.41 17.84
N GLY C 124 1.36 22.52 17.21
CA GLY C 124 0.22 22.92 16.42
C GLY C 124 0.56 22.64 14.97
N ARG C 125 1.85 22.62 14.67
CA ARG C 125 2.31 22.38 13.31
C ARG C 125 2.09 20.91 12.96
N ILE C 126 1.14 20.68 12.05
CA ILE C 126 0.81 19.32 11.59
C ILE C 126 1.68 19.00 10.35
N ASN C 127 2.60 18.06 10.54
CA ASN C 127 3.50 17.63 9.48
C ASN C 127 2.89 16.38 8.87
N HIS C 128 2.29 16.56 7.70
CA HIS C 128 1.65 15.46 7.01
C HIS C 128 2.74 14.54 6.49
N GLY C 129 2.36 13.34 6.07
CA GLY C 129 3.35 12.40 5.57
C GLY C 129 4.42 12.21 6.62
N ARG C 130 4.01 12.16 7.89
CA ARG C 130 4.96 11.98 8.99
C ARG C 130 5.47 10.54 9.03
N ILE C 131 6.75 10.38 8.70
CA ILE C 131 7.37 9.06 8.69
C ILE C 131 7.44 8.50 10.12
N ALA C 132 7.01 7.25 10.31
CA ALA C 132 7.06 6.65 11.63
C ALA C 132 8.50 6.28 12.00
N TYR C 133 8.78 6.28 13.30
CA TYR C 133 10.08 5.94 13.89
C TYR C 133 9.82 5.08 15.12
N ILE C 134 10.67 4.08 15.36
CA ILE C 134 10.47 3.19 16.51
C ILE C 134 11.27 3.63 17.73
N SER C 135 11.08 2.93 18.83
CA SER C 135 11.79 3.21 20.07
C SER C 135 11.83 1.99 20.99
N SER C 136 13.04 1.55 21.32
CA SER C 136 13.16 0.41 22.21
C SER C 136 12.66 0.81 23.59
N LYS C 137 11.79 -0.02 24.17
CA LYS C 137 11.25 0.25 25.49
C LYS C 137 12.20 -0.22 26.58
N SER C 138 13.16 -1.06 26.21
CA SER C 138 14.13 -1.60 27.16
C SER C 138 15.35 -0.72 27.36
N CYS C 139 15.33 0.48 26.78
CA CYS C 139 16.48 1.37 26.96
C CYS C 139 16.20 2.75 26.40
N SER C 140 17.02 3.72 26.81
CA SER C 140 16.86 5.10 26.36
C SER C 140 18.22 5.84 26.39
N ASN C 141 18.33 6.93 25.64
CA ASN C 141 19.57 7.71 25.62
C ASN C 141 19.72 8.47 26.95
N PRO C 142 20.77 8.16 27.73
CA PRO C 142 21.04 8.80 29.04
C PRO C 142 20.82 10.30 29.04
N ASP C 143 21.10 10.93 27.90
CA ASP C 143 20.94 12.37 27.80
C ASP C 143 21.27 12.88 26.41
N GLU C 144 21.27 14.20 26.30
CA GLU C 144 21.55 14.91 25.06
C GLU C 144 22.79 14.45 24.33
N SER C 145 23.82 14.01 25.05
CA SER C 145 25.04 13.58 24.37
C SER C 145 25.03 12.12 23.91
N TYR C 146 23.83 11.55 23.82
CA TYR C 146 23.61 10.18 23.38
C TYR C 146 22.49 10.13 22.33
N GLY C 147 22.71 9.35 21.28
CA GLY C 147 21.69 9.19 20.24
C GLY C 147 21.53 7.72 19.89
N CYS C 148 20.62 7.43 18.97
CA CYS C 148 20.41 6.05 18.53
C CYS C 148 19.93 6.05 17.10
N LEU C 149 20.27 4.99 16.38
CA LEU C 149 19.90 4.89 14.99
C LEU C 149 18.39 4.86 14.76
N SER C 150 17.61 4.39 15.73
CA SER C 150 16.17 4.34 15.56
C SER C 150 15.53 5.72 15.37
N SER C 151 16.28 6.77 15.69
CA SER C 151 15.79 8.13 15.57
C SER C 151 16.18 8.76 14.25
N ASN C 152 17.04 8.10 13.51
CA ASN C 152 17.51 8.61 12.23
C ASN C 152 17.06 7.75 11.05
N ILE C 153 16.58 6.54 11.34
CA ILE C 153 16.19 5.63 10.28
C ILE C 153 14.76 5.22 10.54
N PRO C 154 13.87 5.54 9.59
CA PRO C 154 12.45 5.22 9.72
C PRO C 154 12.13 3.77 10.04
N ALA C 155 11.07 3.61 10.81
CA ALA C 155 10.60 2.29 11.24
C ALA C 155 10.51 1.27 10.11
N LEU C 156 10.04 1.69 8.95
CA LEU C 156 9.89 0.77 7.82
C LEU C 156 11.22 0.13 7.40
N GLU C 157 12.26 0.95 7.36
CA GLU C 157 13.58 0.52 6.95
C GLU C 157 14.23 -0.35 8.01
N LEU C 158 13.98 -0.04 9.28
CA LEU C 158 14.53 -0.83 10.36
C LEU C 158 13.81 -2.17 10.44
N MET C 159 12.50 -2.16 10.20
CA MET C 159 11.72 -3.38 10.23
C MET C 159 12.19 -4.28 9.09
N ALA C 160 12.59 -3.67 7.98
CA ALA C 160 13.09 -4.43 6.83
C ALA C 160 14.43 -5.11 7.18
N LEU C 161 15.24 -4.42 7.97
CA LEU C 161 16.55 -4.90 8.43
C LEU C 161 16.39 -6.13 9.33
N TYR C 162 15.51 -6.03 10.32
CA TYR C 162 15.25 -7.13 11.24
C TYR C 162 14.77 -8.34 10.46
N VAL C 163 13.65 -8.17 9.76
CA VAL C 163 13.07 -9.24 8.95
C VAL C 163 14.12 -9.92 8.03
N ALA C 164 15.05 -9.13 7.50
CA ALA C 164 16.09 -9.67 6.62
C ALA C 164 16.99 -10.58 7.46
N ALA C 165 17.35 -10.09 8.65
CA ALA C 165 18.18 -10.88 9.55
C ALA C 165 17.48 -12.21 9.74
N ALA C 166 16.19 -12.14 10.01
CA ALA C 166 15.44 -13.36 10.23
C ALA C 166 15.48 -14.34 9.03
N MET C 167 15.55 -13.84 7.80
CA MET C 167 15.55 -14.77 6.66
C MET C 167 16.82 -14.90 5.86
N HIS C 168 17.87 -14.19 6.24
CA HIS C 168 19.10 -14.20 5.47
C HIS C 168 19.88 -15.52 5.21
N ASP C 169 19.68 -16.59 5.96
CA ASP C 169 20.37 -17.84 5.62
C ASP C 169 19.36 -18.98 5.50
N TYR C 170 18.09 -18.61 5.38
CA TYR C 170 17.01 -19.57 5.24
C TYR C 170 17.41 -20.70 4.29
N ASP C 171 17.17 -21.94 4.69
CA ASP C 171 17.52 -23.10 3.89
C ASP C 171 18.98 -23.13 3.40
N HIS C 172 19.93 -22.90 4.30
CA HIS C 172 21.36 -22.91 3.94
C HIS C 172 21.80 -24.38 3.87
N PRO C 173 22.60 -24.75 2.86
CA PRO C 173 23.06 -26.14 2.74
C PRO C 173 24.31 -26.47 3.58
N GLY C 174 25.01 -25.42 4.03
CA GLY C 174 26.20 -25.61 4.83
C GLY C 174 27.42 -25.64 3.92
N ARG C 175 27.24 -25.21 2.68
CA ARG C 175 28.35 -25.20 1.73
C ARG C 175 28.56 -23.76 1.28
N THR C 176 29.71 -23.46 0.66
CA THR C 176 29.90 -22.09 0.20
C THR C 176 29.49 -21.93 -1.26
N ASN C 177 29.48 -20.68 -1.72
CA ASN C 177 29.12 -20.41 -3.09
C ASN C 177 30.13 -21.08 -4.03
N ALA C 178 31.41 -20.94 -3.71
CA ALA C 178 32.48 -21.53 -4.52
C ALA C 178 32.22 -23.00 -4.70
N PHE C 179 31.80 -23.65 -3.62
CA PHE C 179 31.54 -25.05 -3.71
C PHE C 179 30.52 -25.22 -4.80
N LEU C 180 29.26 -24.85 -4.48
CA LEU C 180 28.15 -24.94 -5.42
C LEU C 180 28.54 -24.60 -6.87
N VAL C 181 29.32 -23.53 -7.04
CA VAL C 181 29.80 -23.11 -8.37
C VAL C 181 30.71 -24.17 -9.00
N ALA C 182 31.53 -24.81 -8.16
CA ALA C 182 32.47 -25.82 -8.62
C ALA C 182 31.81 -27.16 -8.91
N THR C 183 30.87 -27.58 -8.08
CA THR C 183 30.21 -28.85 -8.32
C THR C 183 29.06 -28.65 -9.31
N ASN C 184 29.04 -27.49 -9.96
CA ASN C 184 27.99 -27.12 -10.90
C ASN C 184 26.63 -27.50 -10.32
N ALA C 185 26.41 -27.14 -9.06
CA ALA C 185 25.14 -27.42 -8.43
C ALA C 185 24.06 -26.68 -9.22
N PRO C 186 22.88 -27.31 -9.39
CA PRO C 186 21.79 -26.67 -10.13
C PRO C 186 21.54 -25.23 -9.71
N GLN C 187 21.43 -25.01 -8.41
CA GLN C 187 21.19 -23.68 -7.92
C GLN C 187 22.19 -22.63 -8.39
N ALA C 188 23.39 -23.04 -8.78
CA ALA C 188 24.36 -22.04 -9.26
C ALA C 188 24.15 -21.75 -10.77
N VAL C 189 23.61 -22.75 -11.47
CA VAL C 189 23.30 -22.59 -12.89
C VAL C 189 22.15 -21.59 -12.94
N LEU C 190 21.17 -21.85 -12.08
CA LEU C 190 19.99 -21.00 -11.95
C LEU C 190 20.35 -19.53 -11.76
N TYR C 191 21.26 -19.28 -10.83
CA TYR C 191 21.66 -17.91 -10.54
C TYR C 191 22.91 -17.46 -11.24
N ASN C 192 23.25 -18.20 -12.29
CA ASN C 192 24.41 -17.85 -13.10
C ASN C 192 25.67 -17.53 -12.29
N ASP C 193 25.92 -18.34 -11.25
CA ASP C 193 27.09 -18.17 -10.37
C ASP C 193 27.14 -16.85 -9.61
N ARG C 194 26.00 -16.15 -9.53
CA ARG C 194 25.95 -14.87 -8.82
C ARG C 194 25.24 -15.03 -7.47
N SER C 195 25.92 -14.64 -6.38
CA SER C 195 25.42 -14.75 -5.01
C SER C 195 24.43 -15.89 -4.93
N VAL C 196 24.82 -17.01 -5.50
CA VAL C 196 23.95 -18.17 -5.52
C VAL C 196 23.19 -18.36 -4.23
N LEU C 197 23.89 -18.38 -3.11
CA LEU C 197 23.22 -18.62 -1.83
C LEU C 197 22.27 -17.51 -1.35
N GLU C 198 22.79 -16.30 -1.36
CA GLU C 198 22.02 -15.17 -0.93
C GLU C 198 20.73 -15.05 -1.76
N ASN C 199 20.84 -15.20 -3.08
CA ASN C 199 19.65 -15.13 -3.94
C ASN C 199 18.63 -16.17 -3.51
N HIS C 200 19.09 -17.37 -3.16
CA HIS C 200 18.19 -18.43 -2.69
C HIS C 200 17.51 -18.10 -1.35
N HIS C 201 18.24 -17.46 -0.45
CA HIS C 201 17.63 -17.15 0.84
C HIS C 201 16.43 -16.20 0.66
N ALA C 202 16.64 -15.08 -0.03
CA ALA C 202 15.60 -14.11 -0.30
C ALA C 202 14.45 -14.73 -1.11
N ALA C 203 14.79 -15.28 -2.27
CA ALA C 203 13.80 -15.90 -3.13
C ALA C 203 12.93 -16.87 -2.36
N SER C 204 13.56 -17.80 -1.64
CA SER C 204 12.79 -18.80 -0.88
C SER C 204 11.95 -18.25 0.29
N ALA C 205 12.47 -17.28 0.99
CA ALA C 205 11.77 -16.70 2.12
C ALA C 205 10.50 -15.97 1.66
N TRP C 206 10.65 -15.19 0.59
CA TRP C 206 9.55 -14.46 0.02
C TRP C 206 8.57 -15.41 -0.62
N ASN C 207 9.07 -16.41 -1.34
CA ASN C 207 8.17 -17.39 -1.94
C ASN C 207 7.31 -18.01 -0.85
N LEU C 208 7.89 -18.20 0.33
CA LEU C 208 7.17 -18.77 1.46
C LEU C 208 6.06 -17.82 1.89
N TYR C 209 6.45 -16.57 2.10
CA TYR C 209 5.55 -15.52 2.52
C TYR C 209 4.33 -15.47 1.58
N LEU C 210 4.58 -15.34 0.31
CA LEU C 210 3.49 -15.28 -0.64
C LEU C 210 2.73 -16.59 -0.80
N SER C 211 3.31 -17.69 -0.41
CA SER C 211 2.64 -18.97 -0.62
C SER C 211 1.29 -19.13 0.07
N ARG C 212 1.12 -18.61 1.28
CA ARG C 212 -0.16 -18.79 1.96
C ARG C 212 -0.71 -17.52 2.58
N PRO C 213 -2.04 -17.39 2.61
CA PRO C 213 -2.64 -16.18 3.20
C PRO C 213 -2.52 -16.09 4.73
N GLU C 214 -2.17 -17.18 5.40
CA GLU C 214 -2.02 -17.15 6.86
C GLU C 214 -0.71 -16.54 7.30
N TYR C 215 0.16 -16.25 6.33
CA TYR C 215 1.46 -15.65 6.60
C TYR C 215 1.42 -14.15 6.37
N ASN C 216 0.28 -13.66 5.90
CA ASN C 216 0.14 -12.25 5.58
C ASN C 216 0.00 -11.33 6.77
N PHE C 217 1.12 -10.74 7.18
CA PHE C 217 1.12 -9.83 8.32
C PHE C 217 1.53 -8.44 7.92
N LEU C 218 1.79 -8.24 6.64
CA LEU C 218 2.19 -6.91 6.17
C LEU C 218 1.04 -6.21 5.43
N LEU C 219 -0.20 -6.70 5.65
CA LEU C 219 -1.41 -6.17 5.01
C LEU C 219 -1.62 -4.65 5.14
N HIS C 220 -1.25 -4.04 6.27
CA HIS C 220 -1.44 -2.61 6.49
C HIS C 220 -0.41 -1.67 5.85
N LEU C 221 0.42 -2.20 4.98
CA LEU C 221 1.39 -1.41 4.25
C LEU C 221 0.64 -1.17 2.95
N ASP C 222 0.66 0.03 2.40
CA ASP C 222 -0.05 0.16 1.12
C ASP C 222 0.88 -0.47 0.07
N HIS C 223 0.36 -0.66 -1.13
CA HIS C 223 1.12 -1.31 -2.20
C HIS C 223 2.54 -0.77 -2.43
N VAL C 224 2.72 0.56 -2.35
CA VAL C 224 4.01 1.21 -2.55
C VAL C 224 4.98 0.80 -1.42
N GLU C 225 4.51 0.95 -0.19
CA GLU C 225 5.25 0.58 1.00
C GLU C 225 5.69 -0.88 0.96
N PHE C 226 4.78 -1.76 0.56
CA PHE C 226 5.09 -3.16 0.49
C PHE C 226 6.18 -3.39 -0.53
N LYS C 227 6.07 -2.75 -1.68
CA LYS C 227 7.11 -2.93 -2.68
C LYS C 227 8.43 -2.36 -2.15
N ARG C 228 8.39 -1.27 -1.40
CA ARG C 228 9.62 -0.69 -0.90
C ARG C 228 10.26 -1.58 0.16
N PHE C 229 9.40 -2.17 0.97
CA PHE C 229 9.79 -3.06 2.03
C PHE C 229 10.49 -4.32 1.46
N ARG C 230 9.84 -4.94 0.49
CA ARG C 230 10.37 -6.12 -0.12
C ARG C 230 11.72 -5.78 -0.73
N PHE C 231 11.82 -4.60 -1.34
CA PHE C 231 13.07 -4.17 -1.95
C PHE C 231 14.18 -4.04 -0.91
N LEU C 232 13.84 -3.40 0.21
CA LEU C 232 14.78 -3.17 1.29
C LEU C 232 15.26 -4.47 1.90
N VAL C 233 14.35 -5.43 2.03
CA VAL C 233 14.72 -6.71 2.59
C VAL C 233 15.65 -7.47 1.66
N ILE C 234 15.44 -7.36 0.35
CA ILE C 234 16.30 -8.07 -0.58
C ILE C 234 17.70 -7.46 -0.62
N GLU C 235 17.79 -6.14 -0.59
CA GLU C 235 19.09 -5.49 -0.63
C GLU C 235 19.95 -5.81 0.58
N ALA C 236 19.32 -6.05 1.72
CA ALA C 236 20.09 -6.35 2.92
C ALA C 236 20.55 -7.81 2.92
N ILE C 237 19.63 -8.73 2.63
CA ILE C 237 19.99 -10.13 2.57
C ILE C 237 21.15 -10.37 1.57
N LEU C 238 21.14 -9.65 0.44
CA LEU C 238 22.17 -9.83 -0.55
C LEU C 238 23.48 -9.21 -0.15
N ALA C 239 23.41 -8.23 0.74
CA ALA C 239 24.59 -7.57 1.23
C ALA C 239 25.43 -8.50 2.12
N THR C 240 24.82 -9.61 2.57
CA THR C 240 25.54 -10.57 3.41
C THR C 240 26.46 -11.50 2.63
N ASP C 241 26.50 -11.38 1.30
CA ASP C 241 27.40 -12.23 0.53
C ASP C 241 28.80 -11.65 0.69
N LEU C 242 29.68 -12.42 1.35
CA LEU C 242 31.04 -11.95 1.61
C LEU C 242 31.89 -11.58 0.40
N LYS C 243 31.46 -12.00 -0.78
CA LYS C 243 32.17 -11.65 -2.00
C LYS C 243 32.16 -10.13 -2.26
N LYS C 244 31.13 -9.45 -1.75
CA LYS C 244 31.02 -8.03 -1.96
C LYS C 244 31.50 -7.23 -0.77
N HIS C 245 32.06 -7.94 0.20
CA HIS C 245 32.54 -7.31 1.42
C HIS C 245 33.34 -6.02 1.23
N PHE C 246 34.32 -6.06 0.36
CA PHE C 246 35.18 -4.89 0.15
C PHE C 246 34.48 -3.76 -0.59
N ASP C 247 33.61 -4.12 -1.52
CA ASP C 247 32.85 -3.10 -2.25
C ASP C 247 32.04 -2.28 -1.24
N PHE C 248 31.22 -2.94 -0.45
CA PHE C 248 30.43 -2.23 0.55
C PHE C 248 31.27 -1.38 1.49
N LEU C 249 32.39 -1.94 1.97
CA LEU C 249 33.25 -1.21 2.90
C LEU C 249 33.81 0.03 2.25
N ALA C 250 34.37 -0.15 1.07
CA ALA C 250 34.93 0.97 0.35
C ALA C 250 33.89 2.08 0.26
N GLU C 251 32.74 1.74 -0.31
CA GLU C 251 31.69 2.75 -0.44
C GLU C 251 31.33 3.37 0.90
N PHE C 252 31.18 2.55 1.92
CA PHE C 252 30.83 3.06 3.23
C PHE C 252 31.83 4.11 3.67
N ASN C 253 33.08 3.71 3.71
CA ASN C 253 34.14 4.61 4.12
C ASN C 253 34.13 5.91 3.35
N ALA C 254 33.83 5.85 2.05
CA ALA C 254 33.77 7.06 1.25
C ALA C 254 32.71 8.00 1.83
N LYS C 255 31.45 7.56 1.84
CA LYS C 255 30.35 8.35 2.38
C LYS C 255 30.59 8.95 3.77
N ALA C 256 31.29 8.23 4.64
CA ALA C 256 31.48 8.75 6.00
C ALA C 256 32.83 8.67 6.67
N ASN C 257 33.92 8.52 5.92
CA ASN C 257 35.22 8.42 6.57
C ASN C 257 36.41 9.00 5.84
N ASP C 258 36.45 8.80 4.53
CA ASP C 258 37.55 9.30 3.71
C ASP C 258 37.68 10.83 3.79
N VAL C 259 38.90 11.31 3.52
CA VAL C 259 39.23 12.74 3.53
C VAL C 259 38.01 13.60 3.20
N ASN C 260 37.40 13.29 2.05
CA ASN C 260 36.23 13.99 1.55
C ASN C 260 35.06 13.80 2.52
N SER C 261 34.89 14.81 3.39
CA SER C 261 33.84 14.75 4.40
C SER C 261 32.44 15.02 3.87
N ASN C 262 31.85 13.99 3.30
CA ASN C 262 30.51 14.14 2.78
C ASN C 262 29.52 13.67 3.86
N GLY C 263 30.05 13.12 4.95
CA GLY C 263 29.25 12.61 6.06
C GLY C 263 28.04 11.78 5.66
N ILE C 264 27.37 11.18 6.62
CA ILE C 264 26.17 10.42 6.32
C ILE C 264 25.02 11.41 6.30
N GLU C 265 24.21 11.39 5.25
CA GLU C 265 23.03 12.27 5.17
C GLU C 265 21.80 11.40 5.50
N TRP C 266 21.35 11.42 6.76
CA TRP C 266 20.20 10.62 7.17
C TRP C 266 18.92 10.90 6.40
N SER C 267 18.90 12.02 5.70
CA SER C 267 17.74 12.37 4.92
C SER C 267 17.81 11.67 3.59
N ASN C 268 19.00 11.17 3.26
CA ASN C 268 19.22 10.46 2.00
C ASN C 268 18.87 8.97 2.13
N GLU C 269 17.94 8.52 1.31
CA GLU C 269 17.51 7.12 1.34
C GLU C 269 18.60 6.11 1.00
N ASN C 270 19.53 6.51 0.18
CA ASN C 270 20.60 5.62 -0.21
C ASN C 270 21.61 5.50 0.91
N ASP C 271 21.93 6.61 1.55
CA ASP C 271 22.84 6.60 2.66
C ASP C 271 22.28 5.73 3.77
N ARG C 272 20.97 5.77 3.97
CA ARG C 272 20.37 4.95 5.02
C ARG C 272 20.42 3.45 4.68
N LEU C 273 20.14 3.08 3.43
CA LEU C 273 20.18 1.65 3.07
C LEU C 273 21.58 1.08 3.31
N LEU C 274 22.58 1.80 2.81
CA LEU C 274 23.95 1.42 2.96
C LEU C 274 24.23 1.12 4.43
N VAL C 275 23.93 2.07 5.30
CA VAL C 275 24.14 1.92 6.74
C VAL C 275 23.53 0.64 7.23
N CYS C 276 22.30 0.37 6.79
CA CYS C 276 21.61 -0.85 7.20
C CYS C 276 22.38 -2.07 6.66
N GLN C 277 22.89 -1.98 5.44
CA GLN C 277 23.65 -3.09 4.88
C GLN C 277 24.97 -3.36 5.64
N VAL C 278 25.71 -2.31 5.91
CA VAL C 278 26.94 -2.43 6.68
C VAL C 278 26.61 -2.94 8.07
N CYS C 279 25.46 -2.53 8.60
CA CYS C 279 25.00 -2.98 9.92
C CYS C 279 24.64 -4.45 9.89
N ILE C 280 23.92 -4.89 8.86
CA ILE C 280 23.59 -6.32 8.84
C ILE C 280 24.84 -7.17 8.53
N LYS C 281 25.85 -6.57 7.90
CA LYS C 281 27.06 -7.29 7.60
C LYS C 281 27.80 -7.57 8.92
N LEU C 282 28.05 -6.50 9.66
CA LEU C 282 28.73 -6.59 10.95
C LEU C 282 27.98 -7.58 11.87
N ALA C 283 26.67 -7.51 11.88
CA ALA C 283 25.86 -8.40 12.69
C ALA C 283 26.00 -9.84 12.25
N ASP C 284 26.20 -10.07 10.95
CA ASP C 284 26.32 -11.46 10.46
C ASP C 284 27.64 -12.17 10.88
N ILE C 285 28.68 -11.40 11.15
CA ILE C 285 29.96 -11.96 11.56
C ILE C 285 30.39 -11.41 12.93
N ASN C 286 29.43 -11.17 13.82
CA ASN C 286 29.70 -10.59 15.14
C ASN C 286 30.44 -11.46 16.16
N GLY C 287 30.42 -12.79 15.99
CA GLY C 287 31.09 -13.69 16.91
C GLY C 287 32.35 -13.19 17.62
N PRO C 288 33.40 -12.82 16.88
CA PRO C 288 34.64 -12.33 17.48
C PRO C 288 34.57 -10.99 18.22
N ALA C 289 33.39 -10.37 18.24
CA ALA C 289 33.20 -9.08 18.91
C ALA C 289 32.38 -9.25 20.15
N LYS C 290 32.08 -10.51 20.44
CA LYS C 290 31.32 -10.91 21.61
C LYS C 290 32.32 -11.44 22.68
N VAL C 291 31.85 -11.56 23.90
CA VAL C 291 32.67 -12.07 24.98
C VAL C 291 33.18 -13.48 24.58
N ARG C 292 34.41 -13.80 24.98
CA ARG C 292 35.10 -15.08 24.72
C ARG C 292 34.27 -16.36 24.59
N ASP C 293 33.52 -16.62 25.63
CA ASP C 293 32.71 -17.82 25.72
C ASP C 293 31.68 -17.95 24.61
N LEU C 294 31.25 -16.79 24.09
CA LEU C 294 30.27 -16.73 23.03
C LEU C 294 31.02 -16.87 21.73
N HIS C 295 32.12 -16.12 21.60
CA HIS C 295 32.95 -16.18 20.41
C HIS C 295 33.46 -17.61 20.10
N LEU C 296 33.89 -18.35 21.12
CA LEU C 296 34.38 -19.70 20.91
C LEU C 296 33.28 -20.69 20.54
N LYS C 297 32.07 -20.43 21.00
CA LYS C 297 30.97 -21.31 20.66
C LYS C 297 30.66 -21.18 19.15
N TRP C 298 30.71 -19.95 18.62
CA TRP C 298 30.43 -19.74 17.18
C TRP C 298 31.64 -20.13 16.33
N THR C 299 32.85 -19.99 16.87
CA THR C 299 34.02 -20.39 16.11
C THR C 299 33.91 -21.87 15.87
N GLU C 300 33.43 -22.56 16.90
CA GLU C 300 33.27 -24.00 16.81
C GLU C 300 32.27 -24.37 15.75
N GLY C 301 31.18 -23.60 15.64
CA GLY C 301 30.13 -23.89 14.67
C GLY C 301 30.64 -23.80 13.26
N ILE C 302 31.34 -22.73 12.94
CA ILE C 302 31.86 -22.55 11.59
C ILE C 302 33.00 -23.50 11.15
N VAL C 303 33.84 -23.94 12.08
CA VAL C 303 34.92 -24.85 11.70
C VAL C 303 34.28 -26.22 11.49
N ASN C 304 33.29 -26.56 12.30
CA ASN C 304 32.66 -27.84 12.10
C ASN C 304 32.02 -27.88 10.73
N GLU C 305 31.18 -26.90 10.40
CA GLU C 305 30.51 -26.84 9.10
C GLU C 305 31.56 -26.86 7.98
N PHE C 306 32.64 -26.12 8.15
CA PHE C 306 33.71 -26.12 7.15
C PHE C 306 34.27 -27.53 6.87
N TYR C 307 34.42 -28.35 7.91
CA TYR C 307 34.95 -29.71 7.75
C TYR C 307 33.98 -30.60 7.00
N GLU C 308 32.69 -30.41 7.26
CA GLU C 308 31.69 -31.21 6.57
C GLU C 308 31.84 -30.96 5.06
N GLN C 309 32.20 -29.73 4.67
CA GLN C 309 32.40 -29.40 3.26
C GLN C 309 33.68 -30.05 2.73
N GLY C 310 34.74 -29.99 3.53
CA GLY C 310 36.01 -30.58 3.16
C GLY C 310 35.82 -32.06 2.92
N ASP C 311 35.02 -32.72 3.75
CA ASP C 311 34.79 -34.14 3.56
C ASP C 311 34.21 -34.36 2.18
N GLU C 312 33.00 -33.84 1.97
CA GLU C 312 32.34 -33.98 0.68
C GLU C 312 33.28 -33.57 -0.47
N GLU C 313 34.04 -32.49 -0.29
CA GLU C 313 34.97 -32.07 -1.35
C GLU C 313 35.98 -33.20 -1.71
N ALA C 314 36.38 -33.99 -0.72
CA ALA C 314 37.33 -35.07 -0.96
C ALA C 314 36.66 -36.31 -1.55
N ASN C 315 35.46 -36.61 -1.07
CA ASN C 315 34.72 -37.75 -1.59
C ASN C 315 34.35 -37.50 -3.05
N LEU C 316 34.58 -36.28 -3.52
CA LEU C 316 34.26 -35.96 -4.90
C LEU C 316 35.51 -35.85 -5.74
N GLY C 317 36.64 -36.23 -5.16
CA GLY C 317 37.88 -36.17 -5.90
C GLY C 317 38.28 -34.71 -6.10
N LEU C 318 37.75 -33.84 -5.26
CA LEU C 318 38.06 -32.43 -5.38
C LEU C 318 39.10 -32.02 -4.36
N PRO C 319 39.84 -30.93 -4.65
CA PRO C 319 40.86 -30.44 -3.71
C PRO C 319 40.18 -29.82 -2.47
N ILE C 320 40.59 -30.22 -1.27
CA ILE C 320 39.98 -29.68 -0.08
C ILE C 320 40.34 -28.19 0.00
N SER C 321 39.33 -27.36 0.24
CA SER C 321 39.52 -25.91 0.31
C SER C 321 40.27 -25.53 1.59
N PRO C 322 40.97 -24.41 1.57
CA PRO C 322 41.71 -23.95 2.74
C PRO C 322 40.80 -23.97 3.99
N PHE C 323 41.37 -24.38 5.12
CA PHE C 323 40.67 -24.44 6.40
C PHE C 323 39.57 -25.49 6.50
N MET C 324 39.41 -26.28 5.45
CA MET C 324 38.35 -27.28 5.49
C MET C 324 38.76 -28.76 5.63
N ASP C 325 40.05 -28.99 5.92
CA ASP C 325 40.58 -30.35 6.10
C ASP C 325 40.64 -30.69 7.59
N ARG C 326 39.84 -31.64 8.06
CA ARG C 326 39.93 -31.97 9.48
C ARG C 326 41.25 -32.69 9.83
N SER C 327 41.96 -33.18 8.82
CA SER C 327 43.21 -33.88 9.07
C SER C 327 44.41 -32.90 9.09
N SER C 328 44.25 -31.71 8.53
CA SER C 328 45.32 -30.70 8.52
C SER C 328 44.68 -29.37 8.99
N PRO C 329 44.08 -29.38 10.19
CA PRO C 329 43.43 -28.17 10.73
C PRO C 329 44.36 -26.96 10.89
N GLN C 330 43.79 -25.77 10.73
CA GLN C 330 44.53 -24.53 10.92
C GLN C 330 43.57 -23.52 11.56
N LEU C 331 42.93 -23.93 12.64
CA LEU C 331 41.98 -23.10 13.35
C LEU C 331 42.46 -21.67 13.69
N ALA C 332 43.54 -21.53 14.43
CA ALA C 332 44.00 -20.21 14.78
C ALA C 332 44.24 -19.30 13.59
N LYS C 333 44.80 -19.85 12.53
CA LYS C 333 45.10 -19.07 11.33
C LYS C 333 43.81 -18.57 10.64
N LEU C 334 42.75 -19.36 10.71
CA LEU C 334 41.46 -18.97 10.14
C LEU C 334 40.97 -17.69 10.86
N GLN C 335 40.75 -17.82 12.16
CA GLN C 335 40.27 -16.67 12.93
C GLN C 335 41.17 -15.43 12.84
N GLU C 336 42.45 -15.61 13.14
CA GLU C 336 43.40 -14.50 13.12
C GLU C 336 43.33 -13.78 11.76
N SER C 337 43.17 -14.56 10.71
CA SER C 337 43.12 -14.03 9.37
C SER C 337 41.78 -13.35 9.10
N PHE C 338 40.71 -14.03 9.45
CA PHE C 338 39.40 -13.48 9.23
C PHE C 338 39.26 -12.16 9.98
N ILE C 339 39.64 -12.14 11.25
CA ILE C 339 39.55 -10.93 12.04
C ILE C 339 40.36 -9.78 11.44
N THR C 340 41.63 -10.03 11.17
CA THR C 340 42.50 -9.02 10.61
C THR C 340 42.09 -8.48 9.25
N HIS C 341 41.57 -9.36 8.39
CA HIS C 341 41.18 -9.00 7.03
C HIS C 341 39.70 -8.73 6.79
N ILE C 342 38.82 -9.17 7.69
CA ILE C 342 37.39 -8.96 7.47
C ILE C 342 36.69 -8.22 8.62
N VAL C 343 36.34 -8.95 9.69
CA VAL C 343 35.66 -8.39 10.84
C VAL C 343 36.24 -7.06 11.36
N GLY C 344 37.53 -7.06 11.64
CA GLY C 344 38.18 -5.88 12.17
C GLY C 344 38.11 -4.64 11.33
N PRO C 345 38.65 -4.67 10.09
CA PRO C 345 38.59 -3.46 9.27
C PRO C 345 37.15 -2.97 9.13
N LEU C 346 36.20 -3.90 9.18
CA LEU C 346 34.78 -3.55 9.10
C LEU C 346 34.36 -2.74 10.33
N CYS C 347 34.75 -3.19 11.52
CA CYS C 347 34.40 -2.50 12.74
C CYS C 347 35.10 -1.15 12.85
N ASN C 348 36.40 -1.12 12.60
CA ASN C 348 37.14 0.12 12.71
C ASN C 348 36.49 1.22 11.88
N SER C 349 35.90 0.80 10.77
CA SER C 349 35.24 1.71 9.84
C SER C 349 33.89 2.18 10.45
N TYR C 350 33.11 1.24 10.94
CA TYR C 350 31.83 1.55 11.55
C TYR C 350 32.00 2.44 12.77
N ASP C 351 33.05 2.16 13.54
CA ASP C 351 33.40 2.86 14.77
C ASP C 351 33.95 4.23 14.44
N ALA C 352 34.70 4.32 13.35
CA ALA C 352 35.28 5.59 12.95
C ALA C 352 34.13 6.47 12.53
N ALA C 353 33.06 5.83 12.09
CA ALA C 353 31.87 6.54 11.65
C ALA C 353 31.03 6.89 12.88
N GLY C 354 31.57 6.58 14.06
CA GLY C 354 30.88 6.87 15.30
C GLY C 354 29.49 6.27 15.39
N LEU C 355 29.26 5.18 14.67
CA LEU C 355 27.95 4.54 14.70
C LEU C 355 27.84 3.45 15.77
N LEU C 356 28.95 3.18 16.44
CA LEU C 356 28.96 2.16 17.48
C LEU C 356 28.44 2.63 18.83
N PRO C 357 27.48 1.90 19.39
CA PRO C 357 26.93 2.27 20.69
C PRO C 357 27.91 1.97 21.82
N GLY C 358 28.30 3.02 22.55
CA GLY C 358 29.22 2.88 23.65
C GLY C 358 28.80 3.75 24.81
N GLN C 359 29.77 4.25 25.57
CA GLN C 359 29.49 5.09 26.71
C GLN C 359 30.66 5.98 27.00
N TRP C 360 30.39 7.25 27.31
CA TRP C 360 31.42 8.23 27.63
C TRP C 360 32.11 7.83 28.92
N LEU C 361 33.33 8.31 29.12
CA LEU C 361 34.06 7.99 30.35
C LEU C 361 34.30 9.23 31.20
N GLU C 362 35.13 10.14 30.68
CA GLU C 362 35.44 11.35 31.43
C GLU C 362 34.46 12.51 31.10
N SER C 400 33.75 14.35 19.59
CA SER C 400 34.89 13.72 18.82
C SER C 400 36.20 14.08 19.52
N ARG C 401 36.05 14.48 20.80
CA ARG C 401 37.17 14.87 21.67
C ARG C 401 36.90 14.46 23.14
N ARG C 402 36.55 13.17 23.35
CA ARG C 402 36.30 12.60 24.69
C ARG C 402 36.41 11.06 24.68
N ARG C 403 36.66 10.47 25.85
CA ARG C 403 36.79 9.02 25.94
C ARG C 403 35.48 8.25 25.83
N ILE C 404 35.50 7.20 25.01
CA ILE C 404 34.34 6.33 24.80
C ILE C 404 34.73 4.87 25.02
N PHE C 405 33.93 4.14 25.77
CA PHE C 405 34.24 2.73 25.96
C PHE C 405 33.31 1.92 25.09
N CYS C 406 33.87 1.31 24.05
CA CYS C 406 33.08 0.49 23.16
C CYS C 406 33.32 -0.97 23.50
N GLN C 407 32.36 -1.53 24.22
CA GLN C 407 32.43 -2.92 24.65
C GLN C 407 32.82 -3.90 23.55
N LEU C 408 32.00 -4.00 22.51
CA LEU C 408 32.30 -4.95 21.44
C LEU C 408 33.66 -4.73 20.79
N MET C 409 34.11 -3.48 20.76
CA MET C 409 35.40 -3.18 20.15
C MET C 409 36.53 -3.75 21.06
N HIS C 410 36.21 -3.89 22.34
CA HIS C 410 37.14 -4.43 23.34
C HIS C 410 37.24 -5.96 23.19
N HIS C 411 36.11 -6.62 23.00
CA HIS C 411 36.11 -8.06 22.83
C HIS C 411 36.96 -8.40 21.62
N LEU C 412 36.72 -7.66 20.55
CA LEU C 412 37.46 -7.87 19.33
C LEU C 412 38.99 -7.88 19.56
N THR C 413 39.51 -6.95 20.36
CA THR C 413 40.96 -6.89 20.65
C THR C 413 41.41 -8.08 21.48
N GLU C 414 40.59 -8.46 22.46
CA GLU C 414 40.94 -9.58 23.33
C GLU C 414 40.90 -10.90 22.59
N ASN C 415 39.77 -11.19 21.94
CA ASN C 415 39.60 -12.45 21.19
C ASN C 415 40.66 -12.66 20.10
N HIS C 416 41.20 -11.57 19.59
CA HIS C 416 42.21 -11.61 18.55
C HIS C 416 43.54 -12.10 19.14
N LYS C 417 43.74 -11.85 20.43
CA LYS C 417 44.96 -12.25 21.10
C LYS C 417 45.01 -13.76 21.29
N ILE C 418 43.84 -14.36 21.31
CA ILE C 418 43.76 -15.80 21.49
C ILE C 418 44.45 -16.48 20.33
N TRP C 419 44.25 -15.95 19.12
CA TRP C 419 44.81 -16.58 17.93
C TRP C 419 46.02 -15.98 17.23
N LYS C 420 46.50 -14.81 17.68
CA LYS C 420 47.65 -14.18 17.03
C LYS C 420 48.98 -14.35 17.77
N LEU D 6 22.63 -34.80 -54.62
CA LEU D 6 24.09 -34.45 -54.53
C LEU D 6 24.33 -33.41 -53.45
N ASP D 7 25.52 -33.47 -52.83
CA ASP D 7 25.92 -32.55 -51.77
C ASP D 7 26.65 -31.34 -52.37
N LEU D 8 26.51 -31.18 -53.68
CA LEU D 8 27.13 -30.07 -54.42
C LEU D 8 26.16 -28.90 -54.43
N ILE D 9 24.89 -29.20 -54.11
CA ILE D 9 23.83 -28.18 -54.06
C ILE D 9 23.88 -27.47 -52.72
N LEU D 10 24.17 -28.23 -51.65
CA LEU D 10 24.26 -27.62 -50.32
C LEU D 10 25.32 -26.51 -50.37
N VAL D 11 26.35 -26.73 -51.18
CA VAL D 11 27.43 -25.75 -51.37
C VAL D 11 26.83 -24.40 -51.75
N GLU D 12 26.06 -24.42 -52.83
CA GLU D 12 25.37 -23.23 -53.35
C GLU D 12 24.58 -22.58 -52.23
N GLU D 13 23.96 -23.41 -51.40
CA GLU D 13 23.19 -22.89 -50.28
C GLU D 13 24.09 -22.04 -49.40
N TYR D 14 25.14 -22.65 -48.85
CA TYR D 14 26.09 -21.95 -47.98
C TYR D 14 26.62 -20.65 -48.60
N ASP D 15 26.99 -20.68 -49.87
CA ASP D 15 27.53 -19.48 -50.55
C ASP D 15 26.52 -18.37 -50.76
N SER D 16 25.29 -18.73 -51.12
CA SER D 16 24.23 -17.76 -51.35
C SER D 16 23.95 -17.07 -50.01
N LEU D 17 23.60 -17.90 -49.04
CA LEU D 17 23.29 -17.44 -47.69
C LEU D 17 24.38 -16.51 -47.19
N ILE D 18 25.63 -16.95 -47.33
CA ILE D 18 26.78 -16.17 -46.92
C ILE D 18 26.83 -14.85 -47.68
N GLU D 19 26.53 -14.93 -48.97
CA GLU D 19 26.54 -13.75 -49.84
C GLU D 19 25.46 -12.79 -49.36
N LYS D 20 24.32 -13.36 -48.97
CA LYS D 20 23.21 -12.55 -48.49
C LYS D 20 23.57 -11.83 -47.20
N MET D 21 24.00 -12.61 -46.21
CA MET D 21 24.34 -12.08 -44.91
C MET D 21 25.54 -11.17 -44.90
N SER D 22 26.29 -11.13 -46.00
CA SER D 22 27.48 -10.29 -46.04
C SER D 22 27.12 -8.81 -46.13
N ASN D 23 25.83 -8.53 -46.22
CA ASN D 23 25.40 -7.16 -46.27
C ASN D 23 24.83 -6.78 -44.90
N TRP D 24 25.09 -5.55 -44.47
CA TRP D 24 24.57 -5.07 -43.18
C TRP D 24 23.06 -5.28 -43.13
N ASN D 25 22.40 -4.89 -44.21
CA ASN D 25 20.97 -5.03 -44.34
C ASN D 25 20.56 -6.40 -44.85
N PHE D 26 21.00 -7.42 -44.15
CA PHE D 26 20.70 -8.80 -44.53
C PHE D 26 19.17 -9.03 -44.65
N PRO D 27 18.69 -9.39 -45.86
CA PRO D 27 17.25 -9.64 -46.06
C PRO D 27 16.79 -10.88 -45.31
N ILE D 28 16.82 -10.79 -43.98
CA ILE D 28 16.44 -11.89 -43.11
C ILE D 28 15.00 -12.42 -43.29
N PHE D 29 14.05 -11.56 -43.62
CA PHE D 29 12.67 -12.06 -43.80
C PHE D 29 12.53 -12.80 -45.11
N GLU D 30 13.33 -12.40 -46.09
CA GLU D 30 13.31 -13.12 -47.37
C GLU D 30 13.82 -14.54 -47.07
N LEU D 31 14.88 -14.64 -46.26
CA LEU D 31 15.42 -15.94 -45.87
C LEU D 31 14.34 -16.79 -45.17
N VAL D 32 13.61 -16.20 -44.22
CA VAL D 32 12.54 -16.95 -43.51
C VAL D 32 11.48 -17.41 -44.51
N GLU D 33 11.25 -16.54 -45.49
CA GLU D 33 10.29 -16.80 -46.56
C GLU D 33 10.80 -17.96 -47.40
N LYS D 34 12.09 -17.91 -47.74
CA LYS D 34 12.73 -18.95 -48.54
C LYS D 34 12.71 -20.32 -47.86
N MET D 35 13.21 -20.38 -46.62
CA MET D 35 13.28 -21.65 -45.90
C MET D 35 11.93 -22.35 -45.76
N GLY D 36 10.85 -21.64 -46.05
CA GLY D 36 9.53 -22.22 -45.95
C GLY D 36 9.20 -22.89 -44.63
N GLU D 37 8.79 -24.16 -44.69
CA GLU D 37 8.43 -24.94 -43.50
C GLU D 37 9.64 -25.30 -42.66
N LYS D 38 10.82 -25.12 -43.21
CA LYS D 38 12.04 -25.40 -42.48
C LYS D 38 12.52 -24.12 -41.79
N SER D 39 11.70 -23.07 -41.85
CA SER D 39 12.07 -21.78 -41.24
C SER D 39 12.18 -21.90 -39.72
N GLY D 40 11.60 -22.95 -39.14
CA GLY D 40 11.72 -23.14 -37.71
C GLY D 40 13.18 -23.33 -37.28
N ARG D 41 14.04 -23.71 -38.21
CA ARG D 41 15.45 -23.93 -37.92
C ARG D 41 16.34 -22.86 -38.48
N ILE D 42 15.86 -21.62 -38.49
CA ILE D 42 16.67 -20.54 -39.04
C ILE D 42 17.91 -20.21 -38.22
N LEU D 43 17.76 -20.12 -36.90
CA LEU D 43 18.87 -19.80 -35.98
C LEU D 43 20.00 -20.85 -36.04
N SER D 44 19.60 -22.13 -35.98
CA SER D 44 20.55 -23.23 -36.04
C SER D 44 21.34 -23.21 -37.36
N GLN D 45 20.61 -23.16 -38.47
CA GLN D 45 21.24 -23.12 -39.77
C GLN D 45 22.19 -21.93 -39.87
N VAL D 46 21.77 -20.75 -39.40
CA VAL D 46 22.64 -19.57 -39.45
C VAL D 46 23.85 -19.68 -38.51
N MET D 47 23.69 -20.35 -37.37
CA MET D 47 24.81 -20.50 -36.42
C MET D 47 25.90 -21.31 -37.11
N TYR D 48 25.53 -22.49 -37.62
CA TYR D 48 26.48 -23.33 -38.32
C TYR D 48 27.18 -22.49 -39.40
N THR D 49 26.40 -21.89 -40.29
CA THR D 49 26.99 -21.08 -41.34
C THR D 49 28.06 -20.14 -40.80
N LEU D 50 27.71 -19.28 -39.85
CA LEU D 50 28.69 -18.33 -39.30
C LEU D 50 29.87 -18.94 -38.53
N PHE D 51 29.70 -20.17 -38.05
CA PHE D 51 30.77 -20.82 -37.32
C PHE D 51 31.78 -21.43 -38.32
N GLN D 52 31.25 -21.82 -39.48
CA GLN D 52 31.99 -22.38 -40.60
C GLN D 52 32.70 -21.25 -41.36
N ASP D 53 32.16 -20.04 -41.26
CA ASP D 53 32.70 -18.86 -41.95
C ASP D 53 33.90 -18.29 -41.24
N THR D 54 33.78 -18.26 -39.92
CA THR D 54 34.79 -17.74 -39.00
C THR D 54 35.78 -18.86 -38.67
N GLY D 55 35.33 -20.09 -38.92
CA GLY D 55 36.15 -21.27 -38.69
C GLY D 55 36.09 -21.78 -37.27
N LEU D 56 35.30 -21.11 -36.42
CA LEU D 56 35.17 -21.51 -35.03
C LEU D 56 34.99 -23.01 -34.82
N LEU D 57 34.49 -23.71 -35.84
CA LEU D 57 34.30 -25.14 -35.65
C LEU D 57 35.65 -25.85 -35.62
N GLU D 58 36.60 -25.31 -36.40
CA GLU D 58 37.95 -25.85 -36.48
C GLU D 58 38.71 -25.46 -35.22
N ILE D 59 38.82 -24.16 -34.98
CA ILE D 59 39.56 -23.68 -33.81
C ILE D 59 39.23 -24.41 -32.50
N PHE D 60 38.01 -24.86 -32.33
CA PHE D 60 37.67 -25.54 -31.09
C PHE D 60 37.22 -26.96 -31.36
N LYS D 61 37.56 -27.43 -32.56
CA LYS D 61 37.26 -28.79 -32.98
C LYS D 61 35.89 -29.17 -32.46
N ILE D 62 34.87 -28.48 -32.98
CA ILE D 62 33.51 -28.72 -32.55
C ILE D 62 32.85 -29.77 -33.41
N PRO D 63 32.29 -30.78 -32.77
CA PRO D 63 31.63 -31.82 -33.55
C PRO D 63 30.27 -31.35 -34.08
N THR D 64 30.08 -31.47 -35.38
CA THR D 64 28.83 -31.08 -36.02
C THR D 64 27.61 -31.62 -35.32
N GLN D 65 27.49 -32.94 -35.21
CA GLN D 65 26.31 -33.52 -34.56
C GLN D 65 25.86 -32.80 -33.26
N GLN D 66 26.73 -32.71 -32.25
CA GLN D 66 26.34 -32.05 -30.97
C GLN D 66 25.88 -30.60 -31.15
N PHE D 67 26.70 -29.83 -31.86
CA PHE D 67 26.41 -28.44 -32.15
C PHE D 67 24.98 -28.32 -32.69
N MET D 68 24.75 -28.83 -33.89
CA MET D 68 23.42 -28.78 -34.47
C MET D 68 22.33 -29.27 -33.52
N ASN D 69 22.60 -30.33 -32.76
CA ASN D 69 21.63 -30.87 -31.81
C ASN D 69 21.17 -29.90 -30.71
N TYR D 70 22.12 -29.16 -30.13
CA TYR D 70 21.81 -28.23 -29.05
C TYR D 70 20.99 -27.06 -29.56
N PHE D 71 21.53 -26.42 -30.58
CA PHE D 71 20.88 -25.27 -31.16
C PHE D 71 19.50 -25.55 -31.78
N ARG D 72 19.23 -26.81 -32.14
CA ARG D 72 17.93 -27.09 -32.68
C ARG D 72 16.92 -27.09 -31.56
N ALA D 73 17.35 -27.53 -30.38
CA ALA D 73 16.46 -27.56 -29.20
C ALA D 73 16.44 -26.18 -28.54
N LEU D 74 17.43 -25.35 -28.89
CA LEU D 74 17.48 -24.01 -28.36
C LEU D 74 16.39 -23.23 -29.12
N GLU D 75 16.40 -23.33 -30.46
CA GLU D 75 15.42 -22.66 -31.31
C GLU D 75 14.01 -22.97 -30.86
N ASN D 76 13.74 -24.24 -30.59
CA ASN D 76 12.41 -24.65 -30.18
C ASN D 76 12.07 -24.14 -28.79
N GLY D 77 13.05 -23.46 -28.18
CA GLY D 77 12.83 -22.88 -26.88
C GLY D 77 12.29 -21.47 -27.01
N TYR D 78 12.45 -20.90 -28.20
CA TYR D 78 11.95 -19.57 -28.48
C TYR D 78 10.44 -19.64 -28.78
N ARG D 79 9.66 -18.86 -28.03
CA ARG D 79 8.21 -18.83 -28.19
C ARG D 79 7.77 -18.14 -29.49
N ASP D 80 6.65 -18.60 -30.04
CA ASP D 80 6.15 -17.99 -31.26
C ASP D 80 5.36 -16.73 -30.89
N ILE D 81 6.11 -15.65 -30.66
CA ILE D 81 5.57 -14.36 -30.30
C ILE D 81 6.01 -13.42 -31.41
N PRO D 82 5.45 -12.20 -31.44
CA PRO D 82 5.78 -11.19 -32.46
C PRO D 82 7.18 -10.60 -32.53
N TYR D 83 7.85 -10.39 -31.40
CA TYR D 83 9.18 -9.79 -31.48
C TYR D 83 10.34 -10.68 -31.01
N HIS D 84 10.38 -11.00 -29.72
CA HIS D 84 11.46 -11.81 -29.15
C HIS D 84 11.35 -13.31 -29.48
N ASN D 85 11.58 -13.63 -30.75
CA ASN D 85 11.50 -14.99 -31.26
C ASN D 85 12.83 -15.46 -31.90
N ARG D 86 12.81 -16.68 -32.48
CA ARG D 86 13.98 -17.25 -33.18
C ARG D 86 14.62 -16.24 -34.11
N ILE D 87 13.77 -15.57 -34.92
CA ILE D 87 14.23 -14.60 -35.91
C ILE D 87 14.95 -13.43 -35.28
N HIS D 88 14.40 -12.88 -34.20
CA HIS D 88 15.08 -11.77 -33.53
C HIS D 88 16.47 -12.19 -33.03
N ALA D 89 16.58 -13.40 -32.45
CA ALA D 89 17.89 -13.92 -31.96
C ALA D 89 18.84 -13.93 -33.15
N THR D 90 18.47 -14.66 -34.19
CA THR D 90 19.25 -14.73 -35.41
C THR D 90 19.69 -13.33 -35.87
N ASP D 91 18.77 -12.38 -35.84
CA ASP D 91 19.11 -11.05 -36.30
C ASP D 91 20.21 -10.39 -35.46
N VAL D 92 20.18 -10.65 -34.15
CA VAL D 92 21.16 -10.10 -33.22
C VAL D 92 22.50 -10.83 -33.47
N LEU D 93 22.39 -12.12 -33.71
CA LEU D 93 23.53 -12.95 -34.03
C LEU D 93 24.28 -12.34 -35.21
N HIS D 94 23.54 -12.18 -36.30
CA HIS D 94 24.08 -11.62 -37.52
C HIS D 94 24.79 -10.30 -37.29
N ALA D 95 24.17 -9.45 -36.47
CA ALA D 95 24.71 -8.14 -36.19
C ALA D 95 26.05 -8.16 -35.48
N VAL D 96 26.21 -9.02 -34.47
CA VAL D 96 27.47 -9.10 -33.73
C VAL D 96 28.55 -9.67 -34.65
N TRP D 97 28.19 -10.77 -35.29
CA TRP D 97 29.10 -11.39 -36.23
C TRP D 97 29.63 -10.26 -37.10
N TYR D 98 28.73 -9.63 -37.83
CA TYR D 98 29.04 -8.53 -38.74
C TYR D 98 29.87 -7.38 -38.14
N LEU D 99 29.52 -6.91 -36.96
CA LEU D 99 30.22 -5.78 -36.35
C LEU D 99 31.63 -6.13 -35.85
N THR D 100 31.84 -7.40 -35.55
CA THR D 100 33.13 -7.83 -35.03
C THR D 100 34.08 -8.35 -36.12
N THR D 101 33.57 -8.55 -37.34
CA THR D 101 34.37 -9.06 -38.44
C THR D 101 34.36 -8.21 -39.71
N ARG D 102 34.22 -6.89 -39.61
CA ARG D 102 34.21 -6.07 -40.83
C ARG D 102 35.15 -4.90 -40.76
N PRO D 103 35.64 -4.47 -41.93
CA PRO D 103 36.57 -3.36 -42.10
C PRO D 103 36.16 -2.07 -41.38
N VAL D 104 36.88 -1.76 -40.30
CA VAL D 104 36.59 -0.56 -39.54
C VAL D 104 37.57 0.58 -39.76
N PRO D 105 37.22 1.51 -40.65
CA PRO D 105 38.09 2.64 -40.94
C PRO D 105 38.91 3.19 -39.76
N GLY D 106 40.25 3.07 -39.90
CA GLY D 106 41.18 3.59 -38.90
C GLY D 106 41.41 2.82 -37.61
N LEU D 107 40.98 1.55 -37.57
CA LEU D 107 41.15 0.75 -36.35
C LEU D 107 42.56 0.16 -36.32
N GLN D 108 43.15 0.10 -35.13
CA GLN D 108 44.50 -0.47 -35.00
C GLN D 108 44.43 -1.97 -34.76
N GLN D 109 45.43 -2.69 -35.27
CA GLN D 109 45.54 -4.15 -35.14
C GLN D 109 46.50 -4.60 -34.02
N ILE D 110 46.04 -5.55 -33.21
CA ILE D 110 46.85 -6.09 -32.13
C ILE D 110 47.55 -7.34 -32.67
N HIS D 111 46.77 -8.23 -33.31
CA HIS D 111 47.32 -9.46 -33.88
C HIS D 111 48.46 -9.14 -34.86
N ASN D 112 48.89 -7.87 -34.89
CA ASN D 112 49.98 -7.40 -35.75
C ASN D 112 49.86 -7.97 -37.18
N GLY D 113 48.78 -7.56 -37.86
CA GLY D 113 48.50 -7.99 -39.23
C GLY D 113 48.06 -9.46 -39.36
N ASN D 127 53.35 -27.14 -23.86
CA ASN D 127 52.66 -26.42 -24.98
C ASN D 127 52.72 -24.90 -24.80
N HIS D 128 51.55 -24.26 -24.79
CA HIS D 128 51.40 -22.80 -24.63
C HIS D 128 51.90 -21.88 -25.74
N GLY D 129 51.78 -20.58 -25.48
CA GLY D 129 52.16 -19.56 -26.45
C GLY D 129 51.08 -18.48 -26.60
N ARG D 130 50.44 -18.39 -27.77
CA ARG D 130 49.42 -17.34 -27.98
C ARG D 130 47.95 -17.78 -28.18
N ILE D 131 47.05 -16.80 -28.17
CA ILE D 131 45.60 -17.05 -28.30
C ILE D 131 45.06 -17.02 -29.73
N ALA D 132 44.25 -18.03 -30.06
CA ALA D 132 43.64 -18.17 -31.38
C ALA D 132 42.59 -17.09 -31.69
N TYR D 133 42.80 -16.35 -32.79
CA TYR D 133 41.85 -15.35 -33.24
C TYR D 133 41.05 -15.93 -34.43
N ILE D 134 40.00 -15.21 -34.80
CA ILE D 134 39.13 -15.61 -35.91
C ILE D 134 39.30 -14.64 -37.07
N SER D 135 38.82 -15.04 -38.25
CA SER D 135 38.89 -14.17 -39.42
C SER D 135 37.86 -14.67 -40.40
N SER D 136 36.87 -13.82 -40.69
CA SER D 136 35.84 -14.22 -41.63
C SER D 136 36.38 -14.42 -43.05
N LYS D 137 35.84 -15.44 -43.69
CA LYS D 137 36.21 -15.77 -45.05
C LYS D 137 35.43 -14.92 -46.07
N SER D 138 34.29 -14.36 -45.66
CA SER D 138 33.46 -13.54 -46.55
C SER D 138 33.92 -12.10 -46.72
N CYS D 139 34.97 -11.70 -46.02
CA CYS D 139 35.46 -10.33 -46.18
C CYS D 139 36.94 -10.28 -45.85
N SER D 140 37.53 -9.08 -45.99
CA SER D 140 38.95 -8.91 -45.69
C SER D 140 39.23 -7.43 -45.58
N ASN D 141 40.29 -7.09 -44.87
CA ASN D 141 40.65 -5.68 -44.72
C ASN D 141 41.29 -5.12 -45.99
N PRO D 142 40.72 -4.02 -46.51
CA PRO D 142 41.28 -3.41 -47.72
C PRO D 142 42.80 -3.23 -47.61
N ASP D 143 43.25 -2.60 -46.52
CA ASP D 143 44.67 -2.34 -46.33
C ASP D 143 45.15 -2.14 -44.90
N GLU D 144 45.88 -1.04 -44.71
CA GLU D 144 46.43 -0.72 -43.39
C GLU D 144 45.57 0.35 -42.71
N SER D 145 44.81 1.11 -43.49
CA SER D 145 43.95 2.15 -42.92
C SER D 145 42.66 1.55 -42.34
N TYR D 146 42.53 0.22 -42.42
CA TYR D 146 41.38 -0.49 -41.89
C TYR D 146 41.83 -1.45 -40.80
N GLY D 147 40.85 -2.07 -40.15
CA GLY D 147 41.12 -3.03 -39.08
C GLY D 147 39.82 -3.50 -38.45
N CYS D 148 39.59 -4.80 -38.44
CA CYS D 148 38.38 -5.37 -37.84
C CYS D 148 38.54 -5.68 -36.35
N LEU D 149 37.44 -6.02 -35.69
CA LEU D 149 37.49 -6.34 -34.26
C LEU D 149 38.01 -7.75 -34.00
N SER D 150 37.85 -8.64 -34.98
CA SER D 150 38.29 -10.03 -34.86
C SER D 150 39.82 -10.19 -34.68
N SER D 151 40.55 -9.09 -34.87
CA SER D 151 41.99 -9.08 -34.73
C SER D 151 42.44 -8.45 -33.40
N ASN D 152 41.48 -8.09 -32.55
CA ASN D 152 41.78 -7.52 -31.24
C ASN D 152 41.03 -8.23 -30.12
N ILE D 153 40.31 -9.30 -30.46
CA ILE D 153 39.54 -10.09 -29.48
C ILE D 153 39.62 -11.57 -29.82
N PRO D 154 40.21 -12.36 -28.92
CA PRO D 154 40.35 -13.81 -29.12
C PRO D 154 39.06 -14.55 -29.47
N ALA D 155 39.22 -15.60 -30.28
CA ALA D 155 38.11 -16.44 -30.73
C ALA D 155 37.16 -16.84 -29.63
N LEU D 156 37.72 -17.31 -28.54
CA LEU D 156 36.93 -17.75 -27.40
C LEU D 156 35.98 -16.63 -26.97
N GLU D 157 36.51 -15.40 -26.91
CA GLU D 157 35.75 -14.23 -26.49
C GLU D 157 34.66 -13.87 -27.52
N LEU D 158 35.05 -13.74 -28.79
CA LEU D 158 34.06 -13.45 -29.82
C LEU D 158 33.10 -14.63 -29.91
N MET D 159 33.61 -15.84 -29.76
CA MET D 159 32.69 -16.97 -29.81
C MET D 159 31.72 -16.94 -28.64
N ALA D 160 32.10 -16.30 -27.54
CA ALA D 160 31.17 -16.25 -26.42
C ALA D 160 29.98 -15.37 -26.90
N LEU D 161 30.33 -14.18 -27.38
CA LEU D 161 29.39 -13.22 -27.92
C LEU D 161 28.35 -13.87 -28.86
N TYR D 162 28.81 -14.63 -29.83
CA TYR D 162 27.94 -15.30 -30.79
C TYR D 162 27.02 -16.29 -30.12
N VAL D 163 27.52 -16.96 -29.11
CA VAL D 163 26.70 -17.94 -28.43
C VAL D 163 25.61 -17.27 -27.59
N ALA D 164 25.96 -16.14 -26.98
CA ALA D 164 25.07 -15.37 -26.13
C ALA D 164 23.92 -14.81 -26.97
N ALA D 165 24.29 -14.15 -28.07
CA ALA D 165 23.32 -13.59 -28.99
C ALA D 165 22.32 -14.71 -29.30
N ALA D 166 22.87 -15.88 -29.58
CA ALA D 166 22.03 -17.01 -29.90
C ALA D 166 21.16 -17.49 -28.73
N MET D 167 21.40 -16.99 -27.52
CA MET D 167 20.56 -17.45 -26.41
C MET D 167 19.91 -16.37 -25.53
N HIS D 168 20.32 -15.11 -25.73
CA HIS D 168 19.85 -13.97 -24.96
C HIS D 168 18.34 -13.70 -24.75
N ASP D 169 17.47 -14.32 -25.54
CA ASP D 169 16.03 -14.14 -25.29
C ASP D 169 15.32 -15.46 -25.21
N TYR D 170 16.10 -16.52 -24.99
CA TYR D 170 15.59 -17.88 -24.89
C TYR D 170 14.33 -17.93 -24.00
N ASP D 171 13.28 -18.61 -24.48
CA ASP D 171 12.02 -18.74 -23.73
C ASP D 171 11.41 -17.43 -23.18
N HIS D 172 11.51 -16.35 -23.95
CA HIS D 172 10.96 -15.03 -23.57
C HIS D 172 9.42 -15.15 -23.58
N PRO D 173 8.75 -14.67 -22.52
CA PRO D 173 7.29 -14.74 -22.43
C PRO D 173 6.56 -13.59 -23.14
N GLY D 174 7.32 -12.63 -23.66
CA GLY D 174 6.68 -11.54 -24.36
C GLY D 174 6.20 -10.48 -23.40
N ARG D 175 6.79 -10.44 -22.22
CA ARG D 175 6.42 -9.46 -21.22
C ARG D 175 7.67 -8.77 -20.74
N THR D 176 7.51 -7.65 -20.06
CA THR D 176 8.67 -6.91 -19.56
C THR D 176 9.02 -7.35 -18.16
N ASN D 177 10.16 -6.87 -17.66
CA ASN D 177 10.57 -7.20 -16.30
C ASN D 177 9.56 -6.55 -15.39
N ALA D 178 9.32 -5.25 -15.61
CA ALA D 178 8.35 -4.48 -14.82
C ALA D 178 7.03 -5.23 -14.69
N PHE D 179 6.57 -5.79 -15.80
CA PHE D 179 5.33 -6.53 -15.79
C PHE D 179 5.48 -7.71 -14.86
N LEU D 180 6.48 -8.53 -15.12
CA LEU D 180 6.77 -9.74 -14.33
C LEU D 180 6.81 -9.49 -12.82
N VAL D 181 7.44 -8.38 -12.45
CA VAL D 181 7.54 -8.03 -11.06
C VAL D 181 6.16 -7.62 -10.53
N ALA D 182 5.57 -6.63 -11.21
CA ALA D 182 4.28 -6.14 -10.81
C ALA D 182 3.28 -7.26 -10.51
N THR D 183 3.31 -8.33 -11.28
CA THR D 183 2.38 -9.46 -11.10
C THR D 183 2.89 -10.55 -10.16
N ASN D 184 4.00 -10.27 -9.49
CA ASN D 184 4.67 -11.23 -8.61
C ASN D 184 4.82 -12.57 -9.31
N ALA D 185 5.11 -12.54 -10.61
CA ALA D 185 5.29 -13.79 -11.34
C ALA D 185 6.41 -14.55 -10.61
N PRO D 186 6.33 -15.88 -10.58
CA PRO D 186 7.33 -16.75 -9.93
C PRO D 186 8.78 -16.40 -10.27
N GLN D 187 9.05 -16.32 -11.56
CA GLN D 187 10.39 -15.99 -12.01
C GLN D 187 10.87 -14.69 -11.40
N ALA D 188 9.93 -13.82 -11.05
CA ALA D 188 10.32 -12.55 -10.48
C ALA D 188 10.66 -12.73 -9.01
N VAL D 189 9.95 -13.64 -8.35
CA VAL D 189 10.24 -13.92 -6.96
C VAL D 189 11.58 -14.69 -6.96
N LEU D 190 11.63 -15.75 -7.77
CA LEU D 190 12.81 -16.57 -7.89
C LEU D 190 14.08 -15.71 -8.01
N TYR D 191 13.99 -14.61 -8.77
CA TYR D 191 15.13 -13.74 -8.99
C TYR D 191 15.21 -12.44 -8.22
N ASN D 192 14.35 -12.25 -7.22
CA ASN D 192 14.38 -11.02 -6.43
C ASN D 192 14.27 -9.73 -7.28
N ASP D 193 13.45 -9.81 -8.32
CA ASP D 193 13.18 -8.70 -9.25
C ASP D 193 14.39 -8.09 -9.95
N ARG D 194 15.50 -8.81 -9.92
CA ARG D 194 16.71 -8.32 -10.58
C ARG D 194 16.87 -9.02 -11.92
N SER D 195 17.08 -8.23 -12.98
CA SER D 195 17.24 -8.77 -14.34
C SER D 195 16.54 -10.11 -14.50
N VAL D 196 15.27 -10.14 -14.11
CA VAL D 196 14.49 -11.37 -14.15
C VAL D 196 14.59 -12.18 -15.44
N LEU D 197 14.17 -11.57 -16.54
CA LEU D 197 14.17 -12.19 -17.86
C LEU D 197 15.56 -12.67 -18.30
N GLU D 198 16.53 -11.77 -18.22
CA GLU D 198 17.88 -12.06 -18.62
C GLU D 198 18.45 -13.24 -17.82
N ASN D 199 18.36 -13.18 -16.48
CA ASN D 199 18.85 -14.28 -15.64
C ASN D 199 18.24 -15.62 -16.11
N HIS D 200 16.95 -15.57 -16.42
CA HIS D 200 16.21 -16.72 -16.91
C HIS D 200 16.72 -17.20 -18.28
N HIS D 201 16.93 -16.27 -19.19
CA HIS D 201 17.41 -16.62 -20.51
C HIS D 201 18.72 -17.39 -20.37
N ALA D 202 19.72 -16.75 -19.75
CA ALA D 202 21.04 -17.34 -19.53
C ALA D 202 21.04 -18.63 -18.75
N ALA D 203 20.28 -18.66 -17.64
CA ALA D 203 20.24 -19.83 -16.80
C ALA D 203 19.43 -20.96 -17.38
N SER D 204 18.47 -20.63 -18.23
CA SER D 204 17.59 -21.66 -18.81
C SER D 204 18.27 -22.41 -19.97
N ALA D 205 19.08 -21.69 -20.71
CA ALA D 205 19.82 -22.24 -21.84
C ALA D 205 20.96 -23.16 -21.32
N TRP D 206 21.77 -22.65 -20.40
CA TRP D 206 22.85 -23.47 -19.83
C TRP D 206 22.29 -24.72 -19.21
N ASN D 207 21.18 -24.59 -18.51
CA ASN D 207 20.56 -25.74 -17.88
C ASN D 207 20.30 -26.74 -18.98
N LEU D 208 19.80 -26.24 -20.11
CA LEU D 208 19.47 -27.05 -21.27
C LEU D 208 20.75 -27.65 -21.87
N TYR D 209 21.74 -26.79 -22.08
CA TYR D 209 23.02 -27.23 -22.61
C TYR D 209 23.62 -28.32 -21.77
N LEU D 210 23.39 -28.25 -20.46
CA LEU D 210 23.92 -29.21 -19.50
C LEU D 210 22.90 -30.29 -19.17
N SER D 211 21.81 -30.36 -19.91
CA SER D 211 20.82 -31.36 -19.55
C SER D 211 21.07 -32.69 -20.25
N ARG D 212 21.86 -32.65 -21.31
CA ARG D 212 22.14 -33.87 -22.02
C ARG D 212 23.55 -33.90 -22.56
N PRO D 213 24.08 -35.12 -22.75
CA PRO D 213 25.44 -35.28 -23.26
C PRO D 213 25.57 -34.96 -24.74
N GLU D 214 24.55 -35.32 -25.54
CA GLU D 214 24.57 -35.05 -26.98
C GLU D 214 24.51 -33.57 -27.37
N TYR D 215 24.49 -32.69 -26.38
CA TYR D 215 24.44 -31.25 -26.63
C TYR D 215 25.82 -30.65 -26.39
N ASN D 216 26.70 -31.46 -25.80
CA ASN D 216 28.06 -30.99 -25.46
C ASN D 216 29.00 -30.89 -26.66
N PHE D 217 29.17 -29.67 -27.15
CA PHE D 217 30.00 -29.44 -28.31
C PHE D 217 31.16 -28.54 -27.95
N LEU D 218 31.39 -28.41 -26.64
CA LEU D 218 32.49 -27.59 -26.13
C LEU D 218 33.47 -28.45 -25.35
N LEU D 219 33.38 -29.77 -25.56
CA LEU D 219 34.23 -30.74 -24.88
C LEU D 219 35.75 -30.55 -25.03
N HIS D 220 36.22 -30.20 -26.22
CA HIS D 220 37.67 -30.03 -26.42
C HIS D 220 38.17 -28.71 -25.86
N LEU D 221 37.60 -28.33 -24.72
CA LEU D 221 37.99 -27.12 -24.01
C LEU D 221 38.42 -27.50 -22.58
N ASP D 222 39.49 -26.86 -22.09
CA ASP D 222 39.95 -27.13 -20.71
C ASP D 222 39.00 -26.36 -19.79
N HIS D 223 38.78 -26.87 -18.58
CA HIS D 223 37.86 -26.20 -17.67
C HIS D 223 38.12 -24.70 -17.56
N VAL D 224 39.40 -24.30 -17.58
CA VAL D 224 39.73 -22.87 -17.51
C VAL D 224 39.14 -22.11 -18.71
N GLU D 225 39.03 -22.81 -19.82
CA GLU D 225 38.48 -22.22 -21.01
C GLU D 225 36.96 -22.25 -20.91
N PHE D 226 36.41 -23.44 -20.69
CA PHE D 226 34.97 -23.57 -20.59
C PHE D 226 34.35 -22.69 -19.50
N LYS D 227 34.91 -22.77 -18.30
CA LYS D 227 34.41 -21.97 -17.19
C LYS D 227 34.46 -20.49 -17.59
N ARG D 228 35.55 -20.06 -18.20
CA ARG D 228 35.68 -18.67 -18.61
C ARG D 228 34.64 -18.36 -19.72
N PHE D 229 34.25 -19.39 -20.44
CA PHE D 229 33.28 -19.27 -21.51
C PHE D 229 31.87 -19.03 -20.94
N ARG D 230 31.43 -19.97 -20.11
CA ARG D 230 30.13 -19.90 -19.47
C ARG D 230 29.93 -18.58 -18.75
N PHE D 231 31.01 -18.01 -18.26
CA PHE D 231 30.93 -16.73 -17.57
C PHE D 231 30.80 -15.59 -18.59
N LEU D 232 31.58 -15.69 -19.65
CA LEU D 232 31.57 -14.69 -20.69
C LEU D 232 30.20 -14.61 -21.32
N VAL D 233 29.57 -15.78 -21.49
CA VAL D 233 28.25 -15.87 -22.09
C VAL D 233 27.24 -15.19 -21.17
N ILE D 234 27.51 -15.18 -19.87
CA ILE D 234 26.60 -14.59 -18.92
C ILE D 234 26.72 -13.08 -18.89
N GLU D 235 27.94 -12.58 -18.79
CA GLU D 235 28.17 -11.14 -18.78
C GLU D 235 27.62 -10.49 -20.04
N ALA D 236 27.42 -11.29 -21.08
CA ALA D 236 26.89 -10.74 -22.35
C ALA D 236 25.36 -10.64 -22.28
N ILE D 237 24.71 -11.77 -22.01
CA ILE D 237 23.28 -11.89 -21.89
C ILE D 237 22.69 -10.88 -20.89
N LEU D 238 23.19 -10.89 -19.65
CA LEU D 238 22.72 -9.98 -18.63
C LEU D 238 22.96 -8.50 -18.97
N ALA D 239 23.77 -8.25 -19.98
CA ALA D 239 24.04 -6.86 -20.37
C ALA D 239 22.89 -6.30 -21.23
N THR D 240 22.07 -7.19 -21.77
CA THR D 240 20.97 -6.76 -22.62
C THR D 240 19.76 -6.25 -21.83
N ASP D 241 19.90 -6.20 -20.52
CA ASP D 241 18.83 -5.72 -19.65
C ASP D 241 18.94 -4.22 -19.69
N LEU D 242 17.96 -3.58 -20.35
CA LEU D 242 17.98 -2.13 -20.52
C LEU D 242 17.96 -1.35 -19.23
N LYS D 243 17.58 -2.00 -18.13
CA LYS D 243 17.59 -1.32 -16.83
C LYS D 243 19.04 -0.83 -16.51
N LYS D 244 20.03 -1.53 -17.05
CA LYS D 244 21.42 -1.18 -16.82
C LYS D 244 22.02 -0.42 -17.98
N HIS D 245 21.21 -0.21 -19.01
CA HIS D 245 21.65 0.51 -20.20
C HIS D 245 22.49 1.78 -19.94
N PHE D 246 22.03 2.65 -19.05
CA PHE D 246 22.76 3.90 -18.81
C PHE D 246 24.04 3.69 -18.02
N ASP D 247 24.09 2.61 -17.24
CA ASP D 247 25.28 2.33 -16.47
C ASP D 247 26.36 1.89 -17.47
N PHE D 248 26.01 0.94 -18.33
CA PHE D 248 26.96 0.50 -19.31
C PHE D 248 27.53 1.62 -20.19
N LEU D 249 26.64 2.42 -20.76
CA LEU D 249 27.06 3.52 -21.62
C LEU D 249 28.02 4.46 -20.90
N ALA D 250 27.80 4.72 -19.61
CA ALA D 250 28.67 5.63 -18.85
C ALA D 250 30.04 4.97 -18.64
N GLU D 251 30.02 3.65 -18.54
CA GLU D 251 31.22 2.83 -18.38
C GLU D 251 32.00 2.95 -19.66
N PHE D 252 31.50 2.27 -20.69
CA PHE D 252 32.13 2.29 -22.00
C PHE D 252 32.67 3.68 -22.30
N ASN D 253 31.82 4.69 -22.20
CA ASN D 253 32.31 6.03 -22.49
C ASN D 253 33.49 6.44 -21.63
N ALA D 254 33.45 6.14 -20.33
CA ALA D 254 34.57 6.49 -19.47
C ALA D 254 35.89 5.92 -20.08
N LYS D 255 35.89 4.64 -20.44
CA LYS D 255 37.06 4.00 -21.05
C LYS D 255 37.29 4.59 -22.44
N ALA D 256 36.62 3.97 -23.42
CA ALA D 256 36.71 4.35 -24.83
C ALA D 256 37.02 5.81 -25.12
N ASN D 257 36.02 6.68 -24.97
CA ASN D 257 36.25 8.10 -25.25
C ASN D 257 35.52 9.03 -24.30
N ASP D 258 36.22 9.41 -23.23
CA ASP D 258 35.64 10.31 -22.24
C ASP D 258 36.68 11.38 -21.84
N VAL D 259 36.60 11.82 -20.59
CA VAL D 259 37.54 12.80 -20.05
C VAL D 259 38.86 12.02 -19.87
N ASN D 260 39.96 12.55 -20.40
CA ASN D 260 41.23 11.85 -20.28
C ASN D 260 41.17 10.51 -21.05
N SER D 261 39.96 9.99 -21.22
CA SER D 261 39.68 8.72 -21.91
C SER D 261 40.65 7.59 -21.54
N ASN D 262 41.85 7.62 -22.11
CA ASN D 262 42.90 6.60 -21.90
C ASN D 262 42.83 5.62 -23.07
N GLY D 263 41.68 5.63 -23.74
CA GLY D 263 41.46 4.76 -24.88
C GLY D 263 41.12 3.35 -24.43
N ILE D 264 40.63 2.56 -25.36
CA ILE D 264 40.24 1.19 -25.11
C ILE D 264 41.47 0.29 -25.32
N GLU D 265 42.01 -0.23 -24.21
CA GLU D 265 43.20 -1.08 -24.25
C GLU D 265 42.88 -2.56 -24.52
N TRP D 266 42.95 -2.94 -25.80
CA TRP D 266 42.65 -4.29 -26.25
C TRP D 266 43.43 -5.36 -25.53
N SER D 267 44.49 -4.92 -24.85
CA SER D 267 45.33 -5.81 -24.04
C SER D 267 44.58 -6.06 -22.70
N ASN D 268 43.77 -5.10 -22.27
CA ASN D 268 43.01 -5.21 -21.03
C ASN D 268 41.83 -6.14 -21.29
N GLU D 269 41.60 -7.08 -20.38
CA GLU D 269 40.54 -8.07 -20.51
C GLU D 269 39.16 -7.47 -20.24
N ASN D 270 39.09 -6.64 -19.21
CA ASN D 270 37.86 -5.98 -18.85
C ASN D 270 37.49 -5.10 -20.02
N ASP D 271 38.43 -4.25 -20.41
CA ASP D 271 38.22 -3.40 -21.56
C ASP D 271 37.56 -4.23 -22.69
N ARG D 272 37.99 -5.47 -22.86
CA ARG D 272 37.45 -6.35 -23.89
C ARG D 272 36.01 -6.77 -23.64
N LEU D 273 35.68 -7.15 -22.42
CA LEU D 273 34.33 -7.57 -22.10
C LEU D 273 33.32 -6.44 -22.35
N LEU D 274 33.70 -5.22 -21.96
CA LEU D 274 32.88 -4.03 -22.09
C LEU D 274 32.54 -3.73 -23.54
N VAL D 275 33.54 -3.81 -24.39
CA VAL D 275 33.35 -3.55 -25.81
C VAL D 275 32.38 -4.58 -26.36
N CYS D 276 32.45 -5.80 -25.84
CA CYS D 276 31.56 -6.86 -26.30
C CYS D 276 30.15 -6.62 -25.81
N GLN D 277 30.02 -6.17 -24.58
CA GLN D 277 28.71 -5.91 -24.02
C GLN D 277 28.03 -4.82 -24.87
N VAL D 278 28.70 -3.68 -24.99
CA VAL D 278 28.20 -2.58 -25.79
C VAL D 278 27.85 -3.07 -27.19
N CYS D 279 28.67 -3.98 -27.70
CA CYS D 279 28.42 -4.50 -29.04
C CYS D 279 27.10 -5.27 -29.09
N ILE D 280 26.89 -6.17 -28.13
CA ILE D 280 25.65 -6.96 -28.14
C ILE D 280 24.40 -6.13 -27.77
N LYS D 281 24.61 -5.05 -27.04
CA LYS D 281 23.52 -4.18 -26.66
C LYS D 281 23.04 -3.47 -27.91
N LEU D 282 24.00 -3.09 -28.74
CA LEU D 282 23.71 -2.41 -29.97
C LEU D 282 22.96 -3.36 -30.91
N ALA D 283 23.40 -4.60 -30.97
CA ALA D 283 22.79 -5.58 -31.83
C ALA D 283 21.39 -6.01 -31.44
N ASP D 284 21.06 -5.89 -30.16
CA ASP D 284 19.75 -6.28 -29.66
C ASP D 284 18.70 -5.21 -29.98
N ILE D 285 19.17 -4.00 -30.28
CA ILE D 285 18.28 -2.90 -30.64
C ILE D 285 18.67 -2.23 -31.98
N ASN D 286 19.13 -3.03 -32.95
CA ASN D 286 19.57 -2.54 -34.26
C ASN D 286 18.49 -2.02 -35.23
N GLY D 287 17.22 -2.35 -34.98
CA GLY D 287 16.13 -1.90 -35.84
C GLY D 287 16.26 -0.48 -36.41
N PRO D 288 16.20 0.56 -35.57
CA PRO D 288 16.31 1.89 -36.18
C PRO D 288 17.65 2.23 -36.89
N ALA D 289 18.51 1.23 -37.00
CA ALA D 289 19.83 1.40 -37.64
C ALA D 289 19.90 0.65 -38.95
N LYS D 290 18.93 -0.20 -39.21
CA LYS D 290 18.87 -0.93 -40.46
C LYS D 290 18.16 -0.04 -41.50
N VAL D 291 17.88 -0.59 -42.67
CA VAL D 291 17.17 0.16 -43.70
C VAL D 291 15.69 0.31 -43.35
N ARG D 292 15.14 1.47 -43.68
CA ARG D 292 13.73 1.77 -43.42
C ARG D 292 12.84 0.51 -43.41
N ASP D 293 12.89 -0.24 -44.51
CA ASP D 293 12.06 -1.43 -44.66
C ASP D 293 12.28 -2.47 -43.60
N LEU D 294 13.51 -2.57 -43.11
CA LEU D 294 13.79 -3.53 -42.07
C LEU D 294 13.31 -2.93 -40.74
N HIS D 295 13.68 -1.68 -40.51
CA HIS D 295 13.28 -0.98 -39.30
C HIS D 295 11.76 -1.07 -39.06
N LEU D 296 10.96 -0.72 -40.06
CA LEU D 296 9.50 -0.75 -39.93
C LEU D 296 8.98 -2.12 -39.59
N LYS D 297 9.64 -3.14 -40.10
CA LYS D 297 9.21 -4.49 -39.85
C LYS D 297 9.41 -4.81 -38.36
N TRP D 298 10.58 -4.48 -37.84
CA TRP D 298 10.87 -4.74 -36.44
C TRP D 298 10.00 -3.87 -35.53
N THR D 299 9.66 -2.67 -36.01
CA THR D 299 8.82 -1.75 -35.23
C THR D 299 7.45 -2.39 -35.05
N GLU D 300 6.94 -3.00 -36.12
CA GLU D 300 5.65 -3.66 -36.09
C GLU D 300 5.62 -4.79 -35.05
N GLY D 301 6.69 -5.57 -35.02
CA GLY D 301 6.76 -6.69 -34.09
C GLY D 301 6.76 -6.30 -32.63
N ILE D 302 7.53 -5.28 -32.28
CA ILE D 302 7.57 -4.86 -30.90
C ILE D 302 6.22 -4.27 -30.46
N VAL D 303 5.67 -3.38 -31.28
CA VAL D 303 4.41 -2.78 -30.94
C VAL D 303 3.37 -3.87 -30.75
N ASN D 304 3.31 -4.83 -31.66
CA ASN D 304 2.33 -5.89 -31.48
C ASN D 304 2.55 -6.72 -30.21
N GLU D 305 3.81 -6.83 -29.78
CA GLU D 305 4.08 -7.59 -28.58
C GLU D 305 3.60 -6.75 -27.42
N PHE D 306 3.86 -5.46 -27.46
CA PHE D 306 3.42 -4.55 -26.42
C PHE D 306 1.90 -4.56 -26.22
N TYR D 307 1.13 -4.67 -27.31
CA TYR D 307 -0.31 -4.66 -27.18
C TYR D 307 -0.76 -5.94 -26.51
N GLU D 308 -0.05 -7.03 -26.74
CA GLU D 308 -0.44 -8.27 -26.12
C GLU D 308 -0.28 -8.14 -24.61
N GLN D 309 0.76 -7.43 -24.18
CA GLN D 309 0.97 -7.19 -22.73
C GLN D 309 -0.11 -6.26 -22.17
N GLY D 310 -0.44 -5.20 -22.93
CA GLY D 310 -1.47 -4.26 -22.51
C GLY D 310 -2.81 -4.98 -22.36
N ASP D 311 -3.10 -5.91 -23.26
CA ASP D 311 -4.34 -6.67 -23.21
C ASP D 311 -4.41 -7.42 -21.90
N GLU D 312 -3.33 -8.11 -21.56
CA GLU D 312 -3.28 -8.88 -20.34
C GLU D 312 -3.33 -7.96 -19.12
N GLU D 313 -2.55 -6.88 -19.13
CA GLU D 313 -2.56 -5.95 -18.00
C GLU D 313 -4.00 -5.49 -17.70
N ALA D 314 -4.76 -5.28 -18.77
CA ALA D 314 -6.15 -4.86 -18.66
C ALA D 314 -6.97 -6.00 -18.03
N ASN D 315 -6.83 -7.21 -18.58
CA ASN D 315 -7.52 -8.40 -18.10
C ASN D 315 -7.22 -8.67 -16.64
N LEU D 316 -6.19 -8.01 -16.12
CA LEU D 316 -5.80 -8.22 -14.72
C LEU D 316 -6.19 -7.02 -13.85
N GLY D 317 -6.95 -6.11 -14.45
CA GLY D 317 -7.37 -4.93 -13.75
C GLY D 317 -6.24 -3.94 -13.53
N LEU D 318 -5.09 -4.17 -14.16
CA LEU D 318 -3.96 -3.27 -14.01
C LEU D 318 -3.92 -2.14 -15.04
N PRO D 319 -3.37 -1.00 -14.63
CA PRO D 319 -3.27 0.14 -15.54
C PRO D 319 -2.40 -0.24 -16.71
N ILE D 320 -2.91 -0.02 -17.92
CA ILE D 320 -2.15 -0.32 -19.14
C ILE D 320 -0.86 0.51 -19.15
N SER D 321 0.26 -0.13 -19.48
CA SER D 321 1.56 0.56 -19.49
C SER D 321 1.75 1.46 -20.71
N PRO D 322 2.47 2.58 -20.54
CA PRO D 322 2.69 3.47 -21.69
C PRO D 322 3.08 2.71 -22.96
N PHE D 323 2.54 3.18 -24.07
CA PHE D 323 2.73 2.62 -25.40
C PHE D 323 2.14 1.24 -25.57
N MET D 324 1.46 0.74 -24.56
CA MET D 324 0.89 -0.60 -24.70
C MET D 324 -0.63 -0.69 -24.83
N ASP D 325 -1.27 0.45 -25.07
CA ASP D 325 -2.73 0.50 -25.24
C ASP D 325 -3.07 0.56 -26.73
N ARG D 326 -3.64 -0.52 -27.28
CA ARG D 326 -3.98 -0.53 -28.71
C ARG D 326 -5.15 0.43 -29.03
N SER D 327 -5.97 0.71 -28.02
CA SER D 327 -7.08 1.62 -28.22
C SER D 327 -6.60 3.07 -28.10
N SER D 328 -5.36 3.27 -27.70
CA SER D 328 -4.80 4.62 -27.56
C SER D 328 -3.29 4.58 -27.83
N PRO D 329 -2.92 4.21 -29.06
CA PRO D 329 -1.51 4.11 -29.43
C PRO D 329 -0.75 5.43 -29.51
N GLN D 330 0.56 5.31 -29.41
CA GLN D 330 1.47 6.44 -29.50
C GLN D 330 2.74 5.91 -30.15
N LEU D 331 2.57 5.21 -31.27
CA LEU D 331 3.69 4.61 -32.00
C LEU D 331 4.85 5.55 -32.35
N ALA D 332 4.56 6.66 -32.99
CA ALA D 332 5.61 7.58 -33.36
C ALA D 332 6.39 8.06 -32.14
N LYS D 333 5.68 8.38 -31.06
CA LYS D 333 6.32 8.87 -29.84
C LYS D 333 7.24 7.81 -29.22
N LEU D 334 6.85 6.54 -29.32
CA LEU D 334 7.61 5.41 -28.81
C LEU D 334 8.92 5.30 -29.59
N GLN D 335 8.82 5.33 -30.90
CA GLN D 335 9.97 5.24 -31.74
C GLN D 335 10.85 6.48 -31.67
N GLU D 336 10.25 7.67 -31.64
CA GLU D 336 11.05 8.90 -31.58
C GLU D 336 11.83 8.96 -30.29
N SER D 337 11.22 8.45 -29.23
CA SER D 337 11.82 8.46 -27.89
C SER D 337 12.94 7.44 -27.71
N PHE D 338 12.65 6.23 -28.13
CA PHE D 338 13.60 5.17 -28.02
C PHE D 338 14.88 5.51 -28.77
N ILE D 339 14.72 6.18 -29.88
CA ILE D 339 15.87 6.53 -30.68
C ILE D 339 16.62 7.68 -30.06
N THR D 340 15.90 8.63 -29.50
CA THR D 340 16.58 9.77 -28.90
C THR D 340 17.25 9.43 -27.58
N HIS D 341 16.58 8.62 -26.76
CA HIS D 341 17.07 8.28 -25.43
C HIS D 341 17.87 7.01 -25.26
N ILE D 342 17.74 6.07 -26.20
CA ILE D 342 18.51 4.84 -26.08
C ILE D 342 19.37 4.57 -27.31
N VAL D 343 18.78 4.09 -28.40
CA VAL D 343 19.57 3.77 -29.58
C VAL D 343 20.53 4.89 -30.01
N GLY D 344 20.00 6.07 -30.26
CA GLY D 344 20.84 7.16 -30.70
C GLY D 344 22.15 7.33 -29.93
N PRO D 345 22.09 7.63 -28.62
CA PRO D 345 23.31 7.81 -27.83
C PRO D 345 24.25 6.60 -27.78
N LEU D 346 23.69 5.41 -27.84
CA LEU D 346 24.51 4.24 -27.82
C LEU D 346 25.44 4.29 -29.05
N CYS D 347 24.85 4.47 -30.23
CA CYS D 347 25.62 4.52 -31.46
C CYS D 347 26.59 5.66 -31.60
N ASN D 348 26.23 6.82 -31.09
CA ASN D 348 27.15 7.94 -31.21
C ASN D 348 28.36 7.59 -30.39
N SER D 349 28.13 6.90 -29.28
CA SER D 349 29.20 6.50 -28.38
C SER D 349 30.09 5.45 -29.03
N TYR D 350 29.51 4.32 -29.40
CA TYR D 350 30.23 3.23 -30.05
C TYR D 350 30.91 3.70 -31.32
N ASP D 351 30.38 4.74 -31.92
CA ASP D 351 30.97 5.25 -33.16
C ASP D 351 32.13 6.15 -32.81
N ALA D 352 31.88 7.07 -31.88
CA ALA D 352 32.92 8.00 -31.43
C ALA D 352 34.17 7.22 -31.00
N ALA D 353 33.94 6.03 -30.43
CA ALA D 353 35.03 5.20 -29.97
C ALA D 353 35.88 4.79 -31.16
N GLY D 354 35.22 4.65 -32.31
CA GLY D 354 35.93 4.27 -33.53
C GLY D 354 35.78 2.80 -33.87
N LEU D 355 34.83 2.12 -33.25
CA LEU D 355 34.69 0.70 -33.51
C LEU D 355 33.63 0.36 -34.55
N LEU D 356 33.13 1.36 -35.24
CA LEU D 356 32.11 1.10 -36.24
C LEU D 356 32.63 0.77 -37.62
N PRO D 357 32.20 -0.37 -38.17
CA PRO D 357 32.62 -0.83 -39.50
C PRO D 357 32.05 0.01 -40.65
N GLY D 358 32.85 0.20 -41.71
CA GLY D 358 32.40 1.00 -42.85
C GLY D 358 33.43 1.22 -43.95
N GLN D 359 33.59 2.48 -44.38
CA GLN D 359 34.53 2.80 -45.44
C GLN D 359 34.87 4.29 -45.55
N TRP D 360 36.09 4.56 -46.02
CA TRP D 360 36.60 5.93 -46.17
C TRP D 360 36.08 6.56 -47.45
N LEU D 361 36.29 7.87 -47.58
CA LEU D 361 35.87 8.62 -48.76
C LEU D 361 37.03 9.46 -49.31
N GLU D 362 36.72 10.43 -50.18
CA GLU D 362 37.72 11.32 -50.78
C GLU D 362 38.70 11.87 -49.73
N ALA D 363 39.56 12.79 -50.15
CA ALA D 363 40.53 13.42 -49.27
C ALA D 363 41.18 14.64 -49.94
N GLU D 364 41.30 15.73 -49.19
CA GLU D 364 41.88 16.97 -49.71
C GLU D 364 41.90 18.00 -48.57
N ARG D 402 40.17 12.07 -41.33
CA ARG D 402 39.43 12.11 -42.64
C ARG D 402 37.92 11.79 -42.44
N ARG D 403 37.15 11.86 -43.53
CA ARG D 403 35.71 11.58 -43.47
C ARG D 403 35.33 10.19 -43.97
N ILE D 404 34.46 9.52 -43.21
CA ILE D 404 33.99 8.17 -43.52
C ILE D 404 32.47 8.04 -43.65
N PHE D 405 32.04 6.95 -44.26
CA PHE D 405 30.61 6.74 -44.47
C PHE D 405 30.09 5.54 -43.71
N CYS D 406 29.37 5.82 -42.62
CA CYS D 406 28.80 4.75 -41.82
C CYS D 406 27.32 4.54 -42.16
N GLN D 407 27.06 3.42 -42.84
CA GLN D 407 25.72 3.05 -43.27
C GLN D 407 24.66 3.14 -42.16
N LEU D 408 24.76 2.27 -41.16
CA LEU D 408 23.77 2.28 -40.09
C LEU D 408 23.72 3.61 -39.33
N MET D 409 24.79 4.38 -39.38
CA MET D 409 24.78 5.67 -38.70
C MET D 409 23.79 6.56 -39.47
N HIS D 410 23.81 6.44 -40.80
CA HIS D 410 22.94 7.25 -41.63
C HIS D 410 21.49 6.81 -41.50
N HIS D 411 21.26 5.50 -41.53
CA HIS D 411 19.93 4.92 -41.36
C HIS D 411 19.29 5.43 -40.08
N LEU D 412 20.08 5.49 -39.02
CA LEU D 412 19.60 5.94 -37.72
C LEU D 412 19.01 7.34 -37.87
N THR D 413 19.72 8.20 -38.59
CA THR D 413 19.28 9.57 -38.81
C THR D 413 18.03 9.65 -39.68
N GLU D 414 17.99 8.85 -40.72
CA GLU D 414 16.87 8.84 -41.63
C GLU D 414 15.64 8.37 -40.90
N ASN D 415 15.70 7.15 -40.38
CA ASN D 415 14.58 6.57 -39.67
C ASN D 415 14.04 7.45 -38.55
N HIS D 416 14.92 8.25 -37.96
CA HIS D 416 14.50 9.15 -36.92
C HIS D 416 13.53 10.18 -37.52
N LYS D 417 13.85 10.70 -38.70
CA LYS D 417 12.99 11.71 -39.37
C LYS D 417 11.52 11.27 -39.52
N ILE D 418 11.30 9.98 -39.67
CA ILE D 418 9.96 9.43 -39.82
C ILE D 418 9.08 9.80 -38.63
N TRP D 419 9.67 9.79 -37.43
CA TRP D 419 8.89 10.07 -36.22
C TRP D 419 9.10 11.38 -35.48
N LYS D 420 10.05 12.18 -35.90
CA LYS D 420 10.26 13.44 -35.20
C LYS D 420 9.18 14.43 -35.66
#